data_6UK6
#
_entry.id   6UK6
#
_cell.length_a   54.438
_cell.length_b   138.790
_cell.length_c   179.053
_cell.angle_alpha   90.000
_cell.angle_beta   89.987
_cell.angle_gamma   90.000
#
_symmetry.space_group_name_H-M   'P 1 21 1'
#
loop_
_entity.id
_entity.type
_entity.pdbx_description
1 polymer 'Glutaminase kidney isoform, mitochondrial'
2 non-polymer 5-{4-[(5-amino-1,3,4-thiadiazol-2-yl)oxy]piperidin-1-yl}-1,3,4-thiadiazol-2-amine
#
_entity_poly.entity_id   1
_entity_poly.type   'polypeptide(L)'
_entity_poly.pdbx_seq_one_letter_code
;LSSSPSEILQELGKGSTHPQPGVSPPAAPAAPGPKDGPGETDAFGNSEGKELVASGENKIKQGLLPSLEDLLFYTIAEGQ
EKIPVHKFITALKSTGLRTSDPRLKECMDMLRLTLQTTSDGVMLDKDLFKKCVQSNIVLLTQAFRRKFVIPDFMSFTSHI
DELYESAKKQSGGKVADYIPQLAKFSPDLWGVSVCTADGQRHSTGDTKVPFCLQSCVKPLKYAIAVNDLGTEYVHRYVGK
EPSGLRFNKLFLNEDDKPHNPMVNAGAIVVTSLIKQGVNNAEKFDYVMQFLNKMAGNEYVGFSNATFQSERESGDRNFAI
GYYLKEKKCFPEGTDMVGILDFYFQLCSIEVTCESASVMAATLANGGFCPITGERVLSPEAVRNTLSLMHSCGMYDFSGQ
FAFHVGLPAKSGVAGGILLVVPNVMGMMCWSPPLDKMGNSVKGIHFCHDLVSLCNFHNYDNLRHFAKKLDPRREGGDQRH
SFGPLDYESLQQELALKETVWKKVSPESNEDISTTVVYRMESLGEKS
;
_entity_poly.pdbx_strand_id   A,B,C,D
#
loop_
_chem_comp.id
_chem_comp.type
_chem_comp.name
_chem_comp.formula
Q9S non-polymer 5-{4-[(5-amino-1,3,4-thiadiazol-2-yl)oxy]piperidin-1-yl}-1,3,4-thiadiazol-2-amine 'C9 H13 N7 O S2'
#
# COMPACT_ATOMS: atom_id res chain seq x y z
N PRO A 66 43.12 33.14 -50.47
CA PRO A 66 42.48 33.04 -49.16
C PRO A 66 42.92 31.74 -48.49
N SER A 67 43.21 31.77 -47.19
CA SER A 67 43.62 30.54 -46.53
C SER A 67 43.00 30.46 -45.15
N LEU A 68 42.72 29.22 -44.71
CA LEU A 68 41.88 29.08 -43.53
C LEU A 68 42.68 29.32 -42.26
N GLU A 69 44.01 29.10 -42.30
CA GLU A 69 44.94 29.48 -41.23
C GLU A 69 45.27 30.98 -41.26
N ASP A 70 45.20 31.61 -42.44
CA ASP A 70 45.60 33.01 -42.60
C ASP A 70 44.56 34.00 -42.07
N LEU A 71 43.29 33.88 -42.45
CA LEU A 71 42.28 34.78 -41.88
C LEU A 71 42.33 34.75 -40.36
N LEU A 72 42.52 33.55 -39.78
CA LEU A 72 42.66 33.44 -38.34
C LEU A 72 43.94 34.14 -37.87
N PHE A 73 44.95 34.20 -38.73
CA PHE A 73 46.21 34.85 -38.40
C PHE A 73 46.01 36.33 -38.05
N TYR A 74 45.19 37.05 -38.83
CA TYR A 74 44.96 38.47 -38.63
C TYR A 74 43.91 38.80 -37.56
N THR A 75 43.11 37.83 -37.10
CA THR A 75 42.17 38.12 -36.01
C THR A 75 42.90 38.33 -34.68
N ILE A 76 44.01 37.63 -34.46
CA ILE A 76 44.81 37.81 -33.25
C ILE A 76 45.97 38.78 -33.48
N ALA A 77 46.50 38.87 -34.70
CA ALA A 77 47.75 39.59 -34.89
C ALA A 77 47.58 41.09 -34.71
N GLU A 78 46.33 41.59 -34.74
CA GLU A 78 46.04 42.99 -34.42
C GLU A 78 46.73 43.95 -35.39
N GLY A 79 46.85 43.54 -36.65
CA GLY A 79 47.54 44.39 -37.61
C GLY A 79 49.05 44.33 -37.56
N GLN A 80 49.61 44.01 -36.40
CA GLN A 80 51.03 43.79 -36.30
C GLN A 80 51.40 42.64 -37.24
N GLU A 81 52.70 42.48 -37.48
CA GLU A 81 53.17 41.51 -38.45
C GLU A 81 53.69 40.21 -37.83
N LYS A 82 53.88 40.11 -36.49
CA LYS A 82 54.12 38.85 -35.78
C LYS A 82 53.27 38.77 -34.48
N ILE A 83 53.06 37.60 -33.98
CA ILE A 83 52.39 37.35 -32.62
C ILE A 83 53.13 36.79 -31.78
N PRO A 84 53.36 37.31 -30.46
CA PRO A 84 54.04 36.65 -29.37
C PRO A 84 53.35 35.37 -28.97
N VAL A 85 54.13 34.41 -28.46
CA VAL A 85 53.52 33.14 -28.07
C VAL A 85 52.55 33.33 -26.89
N HIS A 86 52.79 34.35 -26.05
CA HIS A 86 52.02 34.46 -24.83
C HIS A 86 50.63 35.05 -24.99
N LYS A 87 50.36 35.83 -26.05
CA LYS A 87 48.99 36.30 -26.22
C LYS A 87 48.19 35.48 -27.25
N PHE A 88 48.82 34.53 -27.96
CA PHE A 88 48.03 33.49 -28.61
C PHE A 88 47.46 32.55 -27.56
N ILE A 89 48.27 32.23 -26.55
CA ILE A 89 47.84 31.26 -25.56
C ILE A 89 46.80 31.86 -24.62
N THR A 90 46.95 33.12 -24.21
CA THR A 90 45.91 33.71 -23.36
C THR A 90 44.62 33.95 -24.14
N ALA A 91 44.71 34.23 -25.44
CA ALA A 91 43.50 34.29 -26.26
C ALA A 91 42.75 32.97 -26.26
N LEU A 92 43.47 31.85 -26.38
CA LEU A 92 42.82 30.54 -26.46
C LEU A 92 42.25 30.08 -25.12
N LYS A 93 42.84 30.53 -24.01
CA LYS A 93 42.31 30.21 -22.69
C LYS A 93 41.02 30.97 -22.41
N SER A 94 40.79 32.01 -23.18
CA SER A 94 39.69 32.92 -22.94
C SER A 94 38.42 32.48 -23.66
N THR A 95 38.57 31.54 -24.59
CA THR A 95 37.52 30.72 -25.18
C THR A 95 36.90 29.69 -24.26
N GLY A 96 37.62 29.25 -23.24
CA GLY A 96 37.13 28.19 -22.38
C GLY A 96 37.90 26.90 -22.48
N LEU A 97 38.58 26.69 -23.61
CA LEU A 97 39.46 25.54 -23.75
C LEU A 97 40.65 25.72 -22.82
N ARG A 98 41.15 24.62 -22.27
CA ARG A 98 42.45 24.68 -21.63
C ARG A 98 43.49 24.14 -22.60
N THR A 99 44.72 24.62 -22.47
CA THR A 99 45.71 24.21 -23.49
C THR A 99 46.08 22.73 -23.38
N SER A 100 45.64 22.06 -22.33
CA SER A 100 45.86 20.63 -22.18
C SER A 100 44.99 19.80 -23.10
N ASP A 101 44.11 20.44 -23.89
CA ASP A 101 43.02 19.72 -24.56
C ASP A 101 43.58 18.60 -25.42
N PRO A 102 43.06 17.38 -25.26
CA PRO A 102 43.58 16.25 -26.05
C PRO A 102 43.62 16.49 -27.55
N ARG A 103 42.62 17.15 -28.12
CA ARG A 103 42.59 17.39 -29.55
C ARG A 103 43.33 18.67 -29.96
N LEU A 104 44.03 19.31 -29.01
CA LEU A 104 44.92 20.42 -29.30
C LEU A 104 46.39 20.12 -29.00
N LYS A 105 46.72 18.89 -28.57
CA LYS A 105 48.09 18.67 -28.12
C LYS A 105 49.06 18.71 -29.29
N GLU A 106 48.69 18.14 -30.43
CA GLU A 106 49.53 18.23 -31.62
C GLU A 106 49.84 19.68 -31.96
N CYS A 107 48.92 20.58 -31.65
CA CYS A 107 49.14 22.01 -31.86
C CYS A 107 50.22 22.54 -30.93
N MET A 108 50.19 22.16 -29.65
CA MET A 108 51.15 22.70 -28.72
C MET A 108 52.44 21.89 -28.73
N ASP A 109 52.42 20.71 -29.36
CA ASP A 109 53.66 20.04 -29.68
C ASP A 109 54.49 20.90 -30.63
N MET A 110 53.86 21.48 -31.63
CA MET A 110 54.59 22.38 -32.52
C MET A 110 54.72 23.79 -32.03
N LEU A 111 54.36 24.12 -30.80
CA LEU A 111 54.78 25.43 -30.33
C LEU A 111 55.77 25.32 -29.20
N ARG A 112 55.80 24.19 -28.51
CA ARG A 112 56.78 24.09 -27.45
C ARG A 112 58.12 23.70 -28.05
N LEU A 113 58.12 23.24 -29.30
CA LEU A 113 59.35 23.03 -30.05
C LEU A 113 59.86 24.30 -30.70
N THR A 114 58.99 25.26 -30.98
CA THR A 114 59.49 26.50 -31.54
C THR A 114 59.95 27.46 -30.48
N LEU A 115 59.59 27.22 -29.21
CA LEU A 115 60.09 28.05 -28.12
C LEU A 115 61.55 27.73 -27.80
N GLN A 116 62.09 26.66 -28.38
CA GLN A 116 63.48 26.29 -28.19
C GLN A 116 64.33 26.31 -29.46
N THR A 117 63.73 26.51 -30.64
CA THR A 117 64.52 26.56 -31.88
C THR A 117 65.32 27.86 -31.97
N THR A 118 64.67 29.00 -31.73
CA THR A 118 65.38 30.24 -31.45
C THR A 118 64.91 30.71 -30.08
N SER A 119 65.80 30.62 -29.10
CA SER A 119 65.51 30.79 -27.67
C SER A 119 64.95 32.15 -27.31
N ASP A 120 64.88 33.10 -28.23
CA ASP A 120 64.31 34.39 -27.87
C ASP A 120 63.81 35.11 -29.12
N GLY A 121 62.73 35.85 -28.92
CA GLY A 121 61.93 36.36 -30.02
C GLY A 121 60.74 35.44 -30.17
N VAL A 122 59.98 35.28 -29.08
CA VAL A 122 58.95 34.25 -28.92
C VAL A 122 57.79 34.42 -29.91
N MET A 123 58.03 35.12 -31.01
CA MET A 123 56.99 35.50 -31.95
C MET A 123 56.93 34.59 -33.17
N LEU A 124 55.72 34.51 -33.75
CA LEU A 124 55.40 33.64 -34.88
C LEU A 124 55.12 34.49 -36.11
N ASP A 125 55.41 33.94 -37.29
CA ASP A 125 55.12 34.59 -38.55
C ASP A 125 53.96 33.87 -39.21
N LYS A 126 53.48 34.41 -40.33
CA LYS A 126 52.25 33.91 -40.91
C LYS A 126 52.40 32.47 -41.40
N ASP A 127 53.59 32.09 -41.88
CA ASP A 127 53.84 30.72 -42.28
C ASP A 127 54.14 29.82 -41.08
N LEU A 128 54.98 30.28 -40.15
CA LEU A 128 55.18 29.58 -38.88
C LEU A 128 53.86 29.33 -38.16
N PHE A 129 53.09 30.40 -37.92
CA PHE A 129 51.76 30.21 -37.36
C PHE A 129 50.99 29.20 -38.19
N LYS A 130 51.02 29.35 -39.52
CA LYS A 130 50.10 28.60 -40.37
C LYS A 130 50.12 27.11 -40.07
N LYS A 131 51.31 26.52 -39.95
CA LYS A 131 51.43 25.09 -39.75
C LYS A 131 51.97 24.78 -38.35
N CYS A 132 51.40 25.46 -37.34
CA CYS A 132 51.29 24.99 -35.97
C CYS A 132 49.85 24.71 -35.65
N VAL A 133 48.94 25.41 -36.34
CA VAL A 133 47.51 25.29 -36.15
C VAL A 133 46.87 24.60 -37.32
N GLN A 134 47.66 24.40 -38.39
CA GLN A 134 47.23 23.60 -39.52
C GLN A 134 46.66 22.28 -39.04
N SER A 135 47.37 21.64 -38.08
CA SER A 135 46.92 20.45 -37.40
C SER A 135 45.44 20.54 -37.00
N ASN A 136 45.07 21.49 -36.13
CA ASN A 136 43.70 21.37 -35.62
C ASN A 136 42.81 22.52 -36.06
N ILE A 137 42.96 23.05 -37.28
CA ILE A 137 42.44 24.39 -37.56
C ILE A 137 40.91 24.48 -37.61
N VAL A 138 40.20 23.36 -37.74
CA VAL A 138 38.75 23.41 -37.74
C VAL A 138 38.22 23.76 -36.36
N LEU A 139 38.83 23.21 -35.30
CA LEU A 139 38.40 23.55 -33.95
C LEU A 139 39.02 24.84 -33.49
N LEU A 140 40.23 25.17 -33.93
CA LEU A 140 40.79 26.44 -33.55
C LEU A 140 39.96 27.60 -34.10
N THR A 141 39.45 27.47 -35.35
CA THR A 141 38.64 28.55 -35.90
C THR A 141 37.33 28.71 -35.13
N GLN A 142 36.61 27.60 -34.88
CA GLN A 142 35.32 27.78 -34.23
C GLN A 142 35.50 28.22 -32.78
N ALA A 143 36.69 27.99 -32.20
CA ALA A 143 37.03 28.57 -30.90
C ALA A 143 37.21 30.09 -30.93
N PHE A 144 37.88 30.62 -31.96
CA PHE A 144 38.21 32.04 -32.01
C PHE A 144 37.11 32.90 -32.62
N ARG A 145 36.24 32.26 -33.45
CA ARG A 145 35.00 32.70 -34.13
C ARG A 145 33.80 32.78 -33.20
N ARG A 146 33.95 32.55 -31.90
CA ARG A 146 32.79 32.51 -30.97
C ARG A 146 31.70 31.60 -31.54
N LYS A 147 32.14 30.42 -31.94
CA LYS A 147 31.17 29.48 -32.45
C LYS A 147 30.96 28.31 -31.52
N PHE A 148 31.31 28.46 -30.26
CA PHE A 148 30.98 27.50 -29.24
C PHE A 148 29.59 27.76 -28.64
N VAL A 149 29.02 26.73 -28.01
CA VAL A 149 27.62 26.83 -27.61
C VAL A 149 27.43 27.79 -26.44
N ILE A 150 28.49 28.11 -25.73
CA ILE A 150 28.52 29.26 -24.84
C ILE A 150 29.59 30.21 -25.34
N PRO A 151 29.24 31.20 -26.11
CA PRO A 151 30.26 32.01 -26.77
C PRO A 151 30.99 32.93 -25.80
N ASP A 152 30.27 33.62 -24.91
CA ASP A 152 30.92 34.46 -23.91
C ASP A 152 31.17 33.60 -22.67
N PHE A 153 32.24 32.82 -22.71
CA PHE A 153 32.45 31.87 -21.65
C PHE A 153 32.89 32.50 -20.35
N MET A 154 33.31 33.76 -20.33
CA MET A 154 33.80 34.25 -19.05
C MET A 154 32.79 35.11 -18.29
N SER A 155 31.72 35.57 -18.95
CA SER A 155 30.51 35.93 -18.24
C SER A 155 29.80 34.72 -17.67
N PHE A 156 29.77 33.63 -18.42
CA PHE A 156 29.09 32.44 -17.94
C PHE A 156 29.76 31.91 -16.67
N THR A 157 31.09 31.83 -16.66
CA THR A 157 31.76 31.30 -15.47
C THR A 157 31.62 32.22 -14.28
N SER A 158 31.63 33.53 -14.48
CA SER A 158 31.51 34.44 -13.34
C SER A 158 30.09 34.36 -12.77
N HIS A 159 29.13 33.83 -13.56
CA HIS A 159 27.82 33.49 -13.00
C HIS A 159 27.87 32.13 -12.29
N ILE A 160 28.62 31.17 -12.83
CA ILE A 160 28.80 29.91 -12.11
C ILE A 160 29.49 30.16 -10.77
N ASP A 161 30.46 31.08 -10.76
CA ASP A 161 31.14 31.44 -9.51
C ASP A 161 30.18 32.09 -8.53
N GLU A 162 29.25 32.91 -9.02
CA GLU A 162 28.25 33.50 -8.13
C GLU A 162 27.32 32.43 -7.59
N LEU A 163 27.00 31.43 -8.42
CA LEU A 163 26.17 30.32 -7.94
C LEU A 163 26.92 29.45 -6.95
N TYR A 164 28.18 29.15 -7.26
CA TYR A 164 29.01 28.41 -6.30
C TYR A 164 29.05 29.16 -4.97
N GLU A 165 29.35 30.45 -5.00
CA GLU A 165 29.47 31.20 -3.76
C GLU A 165 28.12 31.37 -3.10
N SER A 166 27.04 31.29 -3.89
CA SER A 166 25.71 31.39 -3.31
C SER A 166 25.38 30.15 -2.47
N ALA A 167 25.76 28.97 -2.98
CA ALA A 167 25.47 27.77 -2.23
C ALA A 167 26.40 27.57 -1.06
N LYS A 168 27.58 28.22 -1.08
CA LYS A 168 28.56 27.87 -0.07
C LYS A 168 28.23 28.33 1.35
N LYS A 169 27.36 29.32 1.58
CA LYS A 169 27.14 29.71 2.97
C LYS A 169 25.84 29.12 3.52
N GLN A 170 25.46 27.94 3.07
CA GLN A 170 24.28 27.27 3.58
C GLN A 170 24.77 26.17 4.51
N SER A 171 24.72 26.46 5.82
CA SER A 171 25.14 25.53 6.85
C SER A 171 24.55 24.12 6.72
N GLY A 172 23.31 23.98 6.25
CA GLY A 172 22.56 22.75 6.51
C GLY A 172 23.25 21.46 6.07
N GLY A 173 22.72 20.38 6.62
CA GLY A 173 23.10 19.03 6.25
C GLY A 173 23.98 18.38 7.29
N LYS A 174 24.07 17.05 7.21
CA LYS A 174 25.04 16.26 7.92
C LYS A 174 25.62 15.25 6.94
N VAL A 175 26.92 15.01 7.09
CA VAL A 175 27.63 14.12 6.19
C VAL A 175 27.24 12.68 6.52
N ALA A 176 27.39 11.81 5.53
CA ALA A 176 27.21 10.38 5.77
C ALA A 176 28.42 9.85 6.52
N ASP A 177 28.59 10.23 7.80
CA ASP A 177 29.70 9.66 8.59
C ASP A 177 29.21 8.35 9.23
N TYR A 178 28.68 7.52 8.33
CA TYR A 178 28.74 6.07 8.42
C TYR A 178 29.99 5.53 7.73
N ILE A 179 30.59 6.32 6.84
CA ILE A 179 31.83 5.99 6.13
C ILE A 179 32.76 7.20 6.08
N PRO A 180 33.20 7.75 7.25
CA PRO A 180 34.07 8.93 7.20
C PRO A 180 35.55 8.60 7.00
N SER A 186 38.16 19.22 8.77
CA SER A 186 37.93 20.55 9.33
C SER A 186 37.18 21.49 8.36
N PRO A 187 37.79 21.86 7.20
CA PRO A 187 37.33 23.06 6.50
C PRO A 187 36.39 22.81 5.32
N ASP A 188 35.13 22.51 5.62
CA ASP A 188 34.04 22.24 4.67
C ASP A 188 34.42 21.96 3.22
N LEU A 189 34.07 20.80 2.69
CA LEU A 189 34.44 20.51 1.32
C LEU A 189 33.27 20.89 0.40
N TRP A 190 33.61 21.34 -0.81
CA TRP A 190 32.66 21.89 -1.76
C TRP A 190 33.36 22.20 -3.09
N GLY A 191 32.83 21.67 -4.19
CA GLY A 191 33.44 21.87 -5.49
C GLY A 191 32.43 21.70 -6.59
N VAL A 192 32.66 22.41 -7.68
CA VAL A 192 31.80 22.27 -8.85
C VAL A 192 32.63 22.49 -10.10
N SER A 193 32.48 21.60 -11.08
CA SER A 193 33.21 21.67 -12.33
C SER A 193 32.25 21.51 -13.50
N VAL A 194 32.57 22.19 -14.62
CA VAL A 194 31.71 22.23 -15.81
C VAL A 194 32.54 21.89 -17.04
N CYS A 195 31.94 21.15 -17.96
CA CYS A 195 32.54 20.91 -19.26
C CYS A 195 31.44 20.96 -20.30
N THR A 196 31.55 21.90 -21.26
CA THR A 196 30.47 22.11 -22.20
C THR A 196 30.57 21.08 -23.32
N ALA A 197 29.51 20.99 -24.15
CA ALA A 197 29.54 20.04 -25.26
C ALA A 197 30.64 20.34 -26.27
N ASP A 198 31.34 21.46 -26.09
CA ASP A 198 32.41 21.86 -26.98
C ASP A 198 33.76 21.81 -26.31
N GLY A 199 33.83 21.39 -25.05
CA GLY A 199 35.10 21.26 -24.37
C GLY A 199 35.50 22.45 -23.52
N GLN A 200 34.66 23.49 -23.44
CA GLN A 200 34.98 24.64 -22.62
C GLN A 200 34.96 24.24 -21.15
N ARG A 201 35.96 24.72 -20.41
CA ARG A 201 36.13 24.06 -19.14
C ARG A 201 36.19 25.07 -18.01
N HIS A 202 35.65 24.68 -16.84
CA HIS A 202 35.70 25.57 -15.68
C HIS A 202 35.44 24.80 -14.39
N SER A 203 36.23 25.13 -13.37
CA SER A 203 36.10 24.56 -12.03
C SER A 203 36.28 25.68 -11.02
N THR A 204 35.69 25.51 -9.84
CA THR A 204 36.04 26.36 -8.70
C THR A 204 35.84 25.59 -7.41
N GLY A 205 36.71 25.87 -6.44
CA GLY A 205 36.69 25.15 -5.18
C GLY A 205 37.40 23.81 -5.25
N ASP A 206 36.88 22.84 -4.50
CA ASP A 206 37.58 21.57 -4.26
C ASP A 206 37.21 20.55 -5.35
N THR A 207 37.67 20.87 -6.56
CA THR A 207 37.34 20.11 -7.76
C THR A 207 38.32 18.99 -8.09
N LYS A 208 39.57 19.02 -7.59
CA LYS A 208 40.53 17.96 -7.88
C LYS A 208 40.74 17.00 -6.70
N VAL A 209 39.76 16.85 -5.83
CA VAL A 209 39.83 15.92 -4.71
C VAL A 209 39.03 14.66 -5.08
N PRO A 210 39.63 13.47 -5.00
CA PRO A 210 38.87 12.28 -5.35
C PRO A 210 37.85 11.95 -4.28
N PHE A 211 36.72 11.43 -4.75
CA PHE A 211 35.60 10.97 -3.95
C PHE A 211 34.89 9.92 -4.78
N CYS A 212 34.07 9.10 -4.14
CA CYS A 212 33.56 8.00 -4.92
C CYS A 212 32.25 8.42 -5.61
N LEU A 213 31.91 7.69 -6.66
CA LEU A 213 30.68 8.00 -7.38
C LEU A 213 29.52 7.62 -6.51
N GLN A 214 29.71 6.52 -5.79
CA GLN A 214 28.66 5.85 -5.07
C GLN A 214 27.56 5.70 -6.06
N SER A 215 26.52 6.47 -5.82
CA SER A 215 25.27 6.16 -6.43
C SER A 215 25.12 6.91 -7.74
N CYS A 216 25.93 7.96 -7.95
CA CYS A 216 26.27 8.52 -9.26
C CYS A 216 26.64 7.50 -10.32
N VAL A 217 27.14 6.32 -9.96
CA VAL A 217 27.55 5.43 -11.04
C VAL A 217 26.37 4.65 -11.64
N LYS A 218 25.21 4.65 -10.97
CA LYS A 218 24.10 3.84 -11.47
C LYS A 218 23.67 4.25 -12.88
N PRO A 219 23.70 5.53 -13.27
CA PRO A 219 23.40 5.85 -14.69
C PRO A 219 24.50 5.44 -15.64
N LEU A 220 25.76 5.66 -15.28
CA LEU A 220 26.86 5.32 -16.19
C LEU A 220 26.85 3.83 -16.52
N LYS A 221 26.71 2.96 -15.50
CA LYS A 221 26.69 1.53 -15.81
C LYS A 221 25.40 1.14 -16.48
N TYR A 222 24.31 1.88 -16.22
CA TYR A 222 23.09 1.69 -17.00
C TYR A 222 23.34 1.99 -18.46
N ALA A 223 23.99 3.13 -18.75
CA ALA A 223 24.33 3.45 -20.14
C ALA A 223 25.17 2.35 -20.77
N ILE A 224 26.20 1.89 -20.06
CA ILE A 224 27.02 0.80 -20.59
C ILE A 224 26.14 -0.39 -20.95
N ALA A 225 25.22 -0.76 -20.06
CA ALA A 225 24.38 -1.95 -20.29
C ALA A 225 23.60 -1.83 -21.60
N VAL A 226 22.84 -0.75 -21.77
CA VAL A 226 22.09 -0.67 -23.00
C VAL A 226 22.99 -0.36 -24.19
N ASN A 227 24.15 0.27 -23.98
CA ASN A 227 25.08 0.47 -25.09
C ASN A 227 25.58 -0.87 -25.64
N ASP A 228 25.87 -1.82 -24.76
CA ASP A 228 26.36 -3.13 -25.19
C ASP A 228 25.23 -4.11 -25.53
N LEU A 229 24.02 -3.86 -25.03
CA LEU A 229 22.95 -4.85 -25.13
C LEU A 229 21.68 -4.40 -25.82
N GLY A 230 21.46 -3.10 -25.97
CA GLY A 230 20.22 -2.66 -26.60
C GLY A 230 19.12 -2.46 -25.58
N THR A 231 18.22 -1.53 -25.87
CA THR A 231 17.27 -1.09 -24.87
C THR A 231 16.36 -2.23 -24.41
N GLU A 232 15.91 -3.05 -25.35
CA GLU A 232 14.80 -3.91 -24.97
C GLU A 232 15.30 -5.06 -24.11
N TYR A 233 16.54 -5.54 -24.34
CA TYR A 233 17.14 -6.56 -23.47
C TYR A 233 17.34 -6.03 -22.06
N VAL A 234 17.86 -4.80 -21.93
CA VAL A 234 18.15 -4.30 -20.58
C VAL A 234 16.87 -4.12 -19.80
N HIS A 235 15.77 -3.82 -20.50
CA HIS A 235 14.47 -3.59 -19.86
C HIS A 235 13.61 -4.83 -19.90
N ARG A 236 14.17 -5.93 -20.38
CA ARG A 236 13.72 -7.27 -20.05
C ARG A 236 13.91 -7.57 -18.57
N TYR A 237 14.85 -6.90 -17.88
CA TYR A 237 15.18 -7.21 -16.50
C TYR A 237 14.92 -6.09 -15.50
N VAL A 238 14.71 -4.86 -15.96
CA VAL A 238 14.50 -3.74 -15.06
C VAL A 238 13.49 -2.80 -15.71
N GLY A 239 12.65 -2.18 -14.88
CA GLY A 239 11.61 -1.31 -15.37
C GLY A 239 12.14 0.04 -15.79
N LYS A 240 11.20 0.93 -16.15
CA LYS A 240 11.58 2.21 -16.72
C LYS A 240 10.77 3.37 -16.16
N GLU A 241 10.27 3.25 -14.92
CA GLU A 241 9.50 4.36 -14.35
C GLU A 241 9.90 4.56 -12.90
N PRO A 242 9.54 5.67 -12.28
CA PRO A 242 9.77 5.79 -10.84
C PRO A 242 8.76 5.03 -10.00
N SER A 243 9.23 4.77 -8.78
CA SER A 243 8.50 4.05 -7.74
C SER A 243 7.16 4.71 -7.42
N GLY A 244 7.23 5.93 -6.91
CA GLY A 244 6.11 6.55 -6.28
C GLY A 244 6.45 6.59 -4.80
N LEU A 245 6.14 7.67 -4.09
CA LEU A 245 6.73 7.76 -2.76
C LEU A 245 5.95 6.97 -1.71
N ARG A 246 4.95 6.23 -2.14
CA ARG A 246 4.13 5.39 -1.26
C ARG A 246 4.62 3.96 -1.36
N PHE A 247 5.02 3.56 -2.55
CA PHE A 247 5.53 2.23 -2.86
C PHE A 247 7.02 2.27 -3.17
N ASN A 248 7.74 3.08 -2.40
CA ASN A 248 9.18 3.22 -2.49
C ASN A 248 9.98 2.30 -1.57
N LYS A 249 9.35 1.51 -0.70
CA LYS A 249 10.11 0.62 0.16
C LYS A 249 9.99 -0.80 -0.30
N LEU A 250 9.51 -0.98 -1.53
CA LEU A 250 9.44 -2.23 -2.25
C LEU A 250 10.66 -2.40 -3.16
N PHE A 251 10.94 -3.65 -3.50
CA PHE A 251 12.05 -3.95 -4.40
C PHE A 251 11.60 -4.20 -5.83
N LEU A 252 10.37 -4.65 -6.00
CA LEU A 252 9.86 -5.05 -7.29
C LEU A 252 8.59 -4.29 -7.62
N ASN A 253 8.35 -4.19 -8.90
CA ASN A 253 7.07 -3.76 -9.39
C ASN A 253 6.20 -4.96 -9.71
N GLU A 254 5.19 -4.67 -10.52
CA GLU A 254 4.05 -5.47 -10.89
C GLU A 254 4.29 -6.41 -12.06
N ASP A 255 5.41 -6.24 -12.75
CA ASP A 255 5.96 -7.23 -13.68
C ASP A 255 7.24 -7.84 -13.09
N ASP A 256 7.41 -7.68 -11.77
CA ASP A 256 8.46 -8.35 -10.98
C ASP A 256 9.87 -7.95 -11.43
N LYS A 257 10.02 -6.75 -11.92
CA LYS A 257 11.31 -6.15 -12.19
C LYS A 257 11.55 -5.02 -11.20
N PRO A 258 12.80 -4.77 -10.79
CA PRO A 258 13.03 -3.58 -9.97
C PRO A 258 12.57 -2.36 -10.73
N HIS A 259 12.21 -1.32 -9.98
CA HIS A 259 11.45 -0.23 -10.59
C HIS A 259 12.22 0.42 -11.74
N ASN A 260 13.50 0.69 -11.56
CA ASN A 260 14.27 1.40 -12.58
C ASN A 260 15.77 1.37 -12.27
N PRO A 261 16.60 1.72 -13.24
CA PRO A 261 18.06 1.60 -13.06
C PRO A 261 18.68 2.48 -11.96
N MET A 262 17.96 3.38 -11.32
CA MET A 262 18.62 4.33 -10.41
C MET A 262 18.29 4.07 -8.95
N VAL A 263 17.83 2.88 -8.62
CA VAL A 263 17.67 2.43 -7.24
C VAL A 263 18.48 1.16 -7.03
N ASN A 264 18.98 0.97 -5.80
CA ASN A 264 19.93 -0.11 -5.53
C ASN A 264 19.41 -1.43 -6.10
N ALA A 265 18.13 -1.73 -5.88
CA ALA A 265 17.54 -2.94 -6.44
C ALA A 265 17.70 -2.97 -7.96
N GLY A 266 17.47 -1.84 -8.63
CA GLY A 266 17.62 -1.81 -10.08
C GLY A 266 19.08 -1.86 -10.51
N ALA A 267 19.95 -1.12 -9.81
CA ALA A 267 21.36 -1.07 -10.19
C ALA A 267 22.03 -2.42 -10.04
N ILE A 268 21.67 -3.17 -8.99
CA ILE A 268 22.19 -4.53 -8.81
C ILE A 268 21.86 -5.38 -10.04
N VAL A 269 20.63 -5.29 -10.54
CA VAL A 269 20.24 -6.12 -11.69
C VAL A 269 21.00 -5.68 -12.94
N VAL A 270 21.16 -4.37 -13.16
CA VAL A 270 21.88 -3.98 -14.37
C VAL A 270 23.36 -4.33 -14.23
N THR A 271 23.89 -4.29 -13.01
CA THR A 271 25.23 -4.80 -12.76
C THR A 271 25.36 -6.24 -13.23
N SER A 272 24.29 -7.03 -13.05
CA SER A 272 24.28 -8.45 -13.41
C SER A 272 24.34 -8.69 -14.91
N LEU A 273 24.10 -7.68 -15.75
CA LEU A 273 24.02 -7.87 -17.19
C LEU A 273 25.25 -7.45 -17.97
N ILE A 274 26.16 -6.69 -17.34
CA ILE A 274 27.34 -6.19 -18.04
C ILE A 274 28.30 -7.34 -18.33
N LYS A 275 28.49 -7.64 -19.63
CA LYS A 275 29.59 -8.47 -20.13
C LYS A 275 29.62 -9.86 -19.47
N GLN A 276 28.48 -10.52 -19.42
CA GLN A 276 28.35 -11.77 -18.69
C GLN A 276 29.27 -12.88 -19.27
N GLY A 277 29.48 -13.91 -18.44
CA GLY A 277 30.33 -15.03 -18.78
C GLY A 277 31.79 -14.88 -18.42
N VAL A 278 32.24 -13.66 -18.11
CA VAL A 278 33.60 -13.37 -17.72
C VAL A 278 33.62 -13.20 -16.20
N ASN A 279 34.81 -13.28 -15.61
CA ASN A 279 34.91 -13.15 -14.17
C ASN A 279 34.75 -11.69 -13.77
N ASN A 280 34.52 -11.47 -12.46
CA ASN A 280 34.12 -10.13 -11.99
C ASN A 280 35.29 -9.14 -12.03
N ALA A 281 36.52 -9.64 -11.92
CA ALA A 281 37.66 -8.74 -12.05
C ALA A 281 37.76 -8.17 -13.46
N GLU A 282 37.46 -8.97 -14.47
CA GLU A 282 37.64 -8.51 -15.84
C GLU A 282 36.52 -7.61 -16.29
N LYS A 283 35.32 -7.77 -15.72
CA LYS A 283 34.27 -6.82 -16.04
C LYS A 283 34.45 -5.52 -15.29
N PHE A 284 34.99 -5.57 -14.07
CA PHE A 284 35.42 -4.35 -13.39
C PHE A 284 36.47 -3.61 -14.20
N ASP A 285 37.39 -4.33 -14.84
CA ASP A 285 38.36 -3.65 -15.68
C ASP A 285 37.66 -3.06 -16.90
N TYR A 286 36.65 -3.76 -17.41
CA TYR A 286 35.88 -3.27 -18.54
C TYR A 286 35.13 -1.98 -18.21
N VAL A 287 34.40 -1.96 -17.09
CA VAL A 287 33.70 -0.73 -16.70
C VAL A 287 34.68 0.42 -16.58
N MET A 288 35.89 0.16 -16.03
CA MET A 288 36.81 1.28 -15.84
C MET A 288 37.45 1.71 -17.15
N GLN A 289 37.71 0.78 -18.06
CA GLN A 289 38.06 1.15 -19.44
C GLN A 289 36.98 2.08 -20.00
N PHE A 290 35.72 1.74 -19.74
CA PHE A 290 34.60 2.52 -20.25
C PHE A 290 34.55 3.91 -19.61
N LEU A 291 34.72 3.96 -18.28
CA LEU A 291 34.65 5.25 -17.60
C LEU A 291 35.78 6.17 -18.03
N ASN A 292 36.93 5.60 -18.37
CA ASN A 292 38.01 6.48 -18.82
C ASN A 292 37.69 7.13 -20.16
N LYS A 293 36.94 6.45 -21.04
CA LYS A 293 36.57 7.10 -22.30
C LYS A 293 35.39 8.05 -22.12
N MET A 294 34.57 7.86 -21.09
CA MET A 294 33.56 8.86 -20.82
C MET A 294 34.20 10.11 -20.22
N ALA A 295 35.32 9.95 -19.50
CA ALA A 295 35.97 11.09 -18.87
C ALA A 295 37.12 11.64 -19.70
N GLY A 296 37.23 11.25 -20.96
CA GLY A 296 38.33 11.74 -21.77
C GLY A 296 39.69 11.41 -21.21
N ASN A 297 39.79 10.31 -20.45
CA ASN A 297 41.02 9.82 -19.82
C ASN A 297 41.56 10.78 -18.77
N GLU A 298 40.66 11.51 -18.08
CA GLU A 298 40.98 12.16 -16.82
C GLU A 298 40.74 11.15 -15.70
N TYR A 299 40.81 11.60 -14.45
CA TYR A 299 40.96 10.67 -13.33
C TYR A 299 39.74 9.78 -13.16
N VAL A 300 39.94 8.48 -13.30
CA VAL A 300 38.98 7.48 -12.86
C VAL A 300 39.77 6.52 -11.98
N GLY A 301 39.54 6.57 -10.68
CA GLY A 301 40.26 5.75 -9.72
C GLY A 301 39.40 4.75 -8.96
N PHE A 302 39.85 4.35 -7.77
CA PHE A 302 39.16 3.38 -6.92
C PHE A 302 39.64 3.56 -5.49
N SER A 303 38.70 3.52 -4.53
CA SER A 303 39.01 3.69 -3.11
C SER A 303 38.59 2.39 -2.43
N ASN A 304 39.60 1.61 -2.04
CA ASN A 304 39.36 0.31 -1.45
C ASN A 304 38.84 0.45 -0.02
N ALA A 305 39.11 1.59 0.61
CA ALA A 305 38.64 1.83 1.98
C ALA A 305 37.12 1.80 2.07
N THR A 306 36.43 2.50 1.16
CA THR A 306 34.97 2.48 1.22
C THR A 306 34.40 1.22 0.56
N PHE A 307 35.18 0.52 -0.27
CA PHE A 307 34.78 -0.81 -0.71
C PHE A 307 34.63 -1.77 0.46
N GLN A 308 35.47 -1.63 1.45
CA GLN A 308 35.35 -2.50 2.61
C GLN A 308 34.20 -2.03 3.50
N SER A 309 33.96 -0.71 3.50
CA SER A 309 32.88 -0.14 4.28
C SER A 309 31.53 -0.50 3.67
N GLU A 310 31.52 -0.86 2.38
CA GLU A 310 30.29 -1.30 1.71
C GLU A 310 30.11 -2.81 1.73
N ARG A 311 31.17 -3.59 2.03
CA ARG A 311 31.03 -5.02 2.27
C ARG A 311 30.33 -5.31 3.61
N GLU A 312 30.76 -4.56 4.64
CA GLU A 312 30.24 -4.52 6.02
C GLU A 312 28.83 -3.92 6.18
N SER A 313 28.42 -2.95 5.36
CA SER A 313 27.10 -2.33 5.55
C SER A 313 26.19 -2.68 4.36
N GLY A 314 26.27 -3.92 3.89
CA GLY A 314 25.41 -4.32 2.80
C GLY A 314 24.41 -5.41 3.11
N ASP A 315 23.96 -5.50 4.38
CA ASP A 315 22.91 -6.49 4.68
C ASP A 315 21.64 -6.19 3.89
N ARG A 316 21.27 -4.91 3.75
CA ARG A 316 20.12 -4.55 2.93
C ARG A 316 20.32 -5.03 1.50
N ASN A 317 21.52 -4.80 0.92
CA ASN A 317 21.74 -5.15 -0.48
C ASN A 317 21.71 -6.66 -0.69
N PHE A 318 22.23 -7.44 0.30
CA PHE A 318 22.08 -8.90 0.25
C PHE A 318 20.62 -9.29 0.33
N ALA A 319 19.86 -8.64 1.22
CA ALA A 319 18.42 -8.84 1.28
C ALA A 319 17.81 -8.59 -0.08
N ILE A 320 18.18 -7.46 -0.70
CA ILE A 320 17.76 -7.20 -2.07
C ILE A 320 18.22 -8.34 -2.97
N GLY A 321 19.47 -8.77 -2.80
CA GLY A 321 20.00 -9.82 -3.66
C GLY A 321 19.22 -11.12 -3.57
N TYR A 322 18.94 -11.58 -2.34
CA TYR A 322 18.24 -12.85 -2.18
C TYR A 322 16.81 -12.76 -2.68
N TYR A 323 16.14 -11.63 -2.41
CA TYR A 323 14.77 -11.45 -2.92
C TYR A 323 14.75 -11.55 -4.44
N LEU A 324 15.73 -10.95 -5.12
CA LEU A 324 15.68 -10.95 -6.58
C LEU A 324 16.05 -12.31 -7.15
N LYS A 325 16.96 -13.02 -6.48
CA LYS A 325 17.33 -14.37 -6.88
C LYS A 325 16.10 -15.28 -6.77
N GLU A 326 15.24 -15.06 -5.74
CA GLU A 326 14.11 -15.98 -5.59
C GLU A 326 13.04 -15.73 -6.65
N LYS A 327 12.88 -14.48 -7.11
CA LYS A 327 11.92 -14.22 -8.16
C LYS A 327 12.56 -14.17 -9.53
N LYS A 328 13.62 -14.94 -9.75
CA LYS A 328 14.14 -15.25 -11.08
C LYS A 328 14.55 -13.98 -11.86
N CYS A 329 15.13 -13.01 -11.14
CA CYS A 329 15.26 -11.66 -11.66
C CYS A 329 16.62 -11.35 -12.27
N PHE A 330 17.49 -12.33 -12.37
CA PHE A 330 18.79 -12.22 -13.00
C PHE A 330 18.81 -13.06 -14.27
N PRO A 331 19.75 -12.81 -15.18
CA PRO A 331 19.91 -13.70 -16.34
C PRO A 331 20.35 -15.08 -15.89
N GLU A 332 20.17 -16.08 -16.76
CA GLU A 332 20.40 -17.43 -16.27
C GLU A 332 21.90 -17.66 -16.13
N GLY A 333 22.28 -18.41 -15.10
CA GLY A 333 23.67 -18.56 -14.75
C GLY A 333 24.32 -17.36 -14.07
N THR A 334 23.55 -16.54 -13.35
CA THR A 334 24.12 -15.44 -12.58
C THR A 334 24.45 -15.94 -11.18
N ASP A 335 25.63 -15.57 -10.69
CA ASP A 335 25.99 -15.88 -9.31
C ASP A 335 25.70 -14.63 -8.49
N MET A 336 24.52 -14.63 -7.85
CA MET A 336 24.01 -13.45 -7.17
C MET A 336 25.00 -12.89 -6.15
N VAL A 337 25.60 -13.77 -5.35
CA VAL A 337 26.48 -13.29 -4.29
C VAL A 337 27.75 -12.65 -4.85
N GLY A 338 28.15 -13.06 -6.06
CA GLY A 338 29.29 -12.40 -6.70
C GLY A 338 28.90 -11.06 -7.28
N ILE A 339 27.68 -10.98 -7.83
CA ILE A 339 27.17 -9.74 -8.39
C ILE A 339 27.07 -8.68 -7.32
N LEU A 340 26.78 -9.09 -6.08
CA LEU A 340 26.68 -8.07 -5.04
C LEU A 340 28.04 -7.48 -4.74
N ASP A 341 29.09 -8.31 -4.75
CA ASP A 341 30.44 -7.84 -4.54
C ASP A 341 30.90 -6.93 -5.68
N PHE A 342 30.68 -7.35 -6.93
CA PHE A 342 30.92 -6.46 -8.06
C PHE A 342 30.16 -5.14 -7.88
N TYR A 343 28.92 -5.22 -7.38
CA TYR A 343 28.13 -4.01 -7.16
C TYR A 343 28.82 -3.08 -6.17
N PHE A 344 29.32 -3.62 -5.05
CA PHE A 344 29.98 -2.73 -4.08
C PHE A 344 31.26 -2.15 -4.67
N GLN A 345 31.93 -2.90 -5.54
CA GLN A 345 33.15 -2.36 -6.17
C GLN A 345 32.80 -1.14 -7.00
N LEU A 346 31.77 -1.28 -7.83
CA LEU A 346 31.37 -0.20 -8.71
C LEU A 346 31.02 1.05 -7.92
N CYS A 347 30.45 0.87 -6.73
CA CYS A 347 30.02 1.97 -5.87
C CYS A 347 31.18 2.74 -5.25
N SER A 348 32.41 2.28 -5.38
CA SER A 348 33.49 3.09 -4.85
C SER A 348 34.58 3.22 -5.88
N ILE A 349 34.17 3.46 -7.13
CA ILE A 349 35.08 4.04 -8.11
C ILE A 349 35.25 5.53 -7.78
N GLU A 350 36.49 6.00 -7.76
CA GLU A 350 36.74 7.39 -7.42
C GLU A 350 36.80 8.26 -8.67
N VAL A 351 36.37 9.52 -8.52
CA VAL A 351 36.49 10.57 -9.52
C VAL A 351 36.78 11.88 -8.79
N THR A 352 36.93 12.96 -9.55
CA THR A 352 36.95 14.31 -9.01
C THR A 352 35.89 15.14 -9.74
N CYS A 353 35.74 16.41 -9.37
CA CYS A 353 34.67 17.14 -10.04
C CYS A 353 35.04 17.45 -11.48
N GLU A 354 36.34 17.65 -11.74
CA GLU A 354 36.81 17.86 -13.10
C GLU A 354 36.61 16.62 -13.95
N SER A 355 37.21 15.49 -13.56
CA SER A 355 36.94 14.22 -14.23
C SER A 355 35.46 14.03 -14.52
N ALA A 356 34.63 13.98 -13.46
CA ALA A 356 33.23 13.59 -13.66
C ALA A 356 32.50 14.57 -14.55
N SER A 357 32.86 15.85 -14.47
CA SER A 357 32.39 16.90 -15.35
C SER A 357 32.39 16.41 -16.80
N VAL A 358 33.48 15.75 -17.23
CA VAL A 358 33.58 15.32 -18.63
C VAL A 358 32.60 14.20 -18.92
N MET A 359 32.45 13.25 -18.00
CA MET A 359 31.51 12.15 -18.22
C MET A 359 30.09 12.67 -18.35
N ALA A 360 29.70 13.61 -17.49
CA ALA A 360 28.40 14.25 -17.69
C ALA A 360 28.30 14.87 -19.06
N ALA A 361 29.36 15.56 -19.48
CA ALA A 361 29.33 16.24 -20.78
C ALA A 361 29.23 15.26 -21.94
N THR A 362 29.77 14.05 -21.80
CA THR A 362 29.51 13.03 -22.81
C THR A 362 28.00 12.73 -22.90
N LEU A 363 27.33 12.70 -21.74
CA LEU A 363 25.90 12.46 -21.74
C LEU A 363 25.16 13.64 -22.37
N ALA A 364 25.69 14.84 -22.17
CA ALA A 364 25.16 16.04 -22.78
C ALA A 364 25.37 16.08 -24.30
N ASN A 365 26.17 15.19 -24.87
CA ASN A 365 26.62 15.34 -26.25
C ASN A 365 26.36 14.08 -27.06
N GLY A 366 25.20 13.46 -26.90
CA GLY A 366 24.90 12.30 -27.73
C GLY A 366 25.88 11.14 -27.59
N GLY A 367 26.65 11.09 -26.52
CA GLY A 367 27.60 10.01 -26.34
C GLY A 367 28.98 10.24 -26.91
N PHE A 368 29.29 11.46 -27.33
CA PHE A 368 30.62 11.80 -27.82
C PHE A 368 31.39 12.55 -26.74
N CYS A 369 32.59 12.07 -26.41
CA CYS A 369 33.35 12.73 -25.37
C CYS A 369 33.81 14.10 -25.87
N PRO A 370 33.45 15.19 -25.20
CA PRO A 370 33.69 16.53 -25.77
C PRO A 370 35.15 16.93 -25.86
N ILE A 371 36.05 16.36 -25.07
CA ILE A 371 37.45 16.73 -25.16
C ILE A 371 38.27 15.73 -25.94
N THR A 372 37.66 14.70 -26.51
CA THR A 372 38.45 13.76 -27.31
C THR A 372 37.88 13.56 -28.71
N GLY A 373 36.58 13.79 -28.85
CA GLY A 373 35.90 13.55 -30.10
C GLY A 373 35.55 12.11 -30.42
N GLU A 374 35.83 11.16 -29.50
CA GLU A 374 35.52 9.73 -29.68
C GLU A 374 34.06 9.44 -29.34
N ARG A 375 33.47 8.50 -30.07
CA ARG A 375 32.11 8.06 -29.79
C ARG A 375 32.18 6.99 -28.70
N VAL A 376 31.49 7.23 -27.58
CA VAL A 376 31.60 6.40 -26.38
C VAL A 376 30.35 5.56 -26.19
N LEU A 377 29.17 6.17 -26.28
CA LEU A 377 27.90 5.51 -26.02
C LEU A 377 26.93 5.73 -27.17
N SER A 378 26.12 4.70 -27.47
CA SER A 378 25.11 4.82 -28.51
C SER A 378 24.12 5.92 -28.13
N PRO A 379 23.57 6.63 -29.12
CA PRO A 379 22.55 7.63 -28.79
C PRO A 379 21.36 6.99 -28.08
N GLU A 380 21.03 5.77 -28.48
CA GLU A 380 19.99 5.03 -27.78
C GLU A 380 20.29 4.95 -26.29
N ALA A 381 21.56 4.67 -25.94
CA ALA A 381 21.91 4.51 -24.53
C ALA A 381 21.85 5.82 -23.75
N VAL A 382 22.27 6.94 -24.36
CA VAL A 382 22.34 8.17 -23.59
C VAL A 382 21.00 8.90 -23.58
N ARG A 383 20.09 8.54 -24.49
CA ARG A 383 18.72 9.00 -24.35
C ARG A 383 18.06 8.31 -23.17
N ASN A 384 18.12 6.99 -23.15
CA ASN A 384 17.54 6.23 -22.04
C ASN A 384 18.10 6.70 -20.72
N THR A 385 19.43 6.84 -20.63
CA THR A 385 20.05 7.27 -19.39
C THR A 385 19.56 8.65 -18.99
N LEU A 386 19.63 9.60 -19.93
CA LEU A 386 19.26 10.97 -19.60
C LEU A 386 17.81 11.05 -19.19
N SER A 387 17.00 10.16 -19.75
CA SER A 387 15.57 10.18 -19.49
C SER A 387 15.27 9.64 -18.08
N LEU A 388 16.01 8.64 -17.61
CA LEU A 388 15.69 8.16 -16.27
C LEU A 388 16.44 8.91 -15.17
N MET A 389 17.50 9.67 -15.50
CA MET A 389 18.06 10.55 -14.49
C MET A 389 17.13 11.72 -14.18
N HIS A 390 16.33 12.11 -15.17
CA HIS A 390 15.25 13.06 -14.93
C HIS A 390 14.22 12.48 -13.97
N SER A 391 13.68 11.29 -14.33
CA SER A 391 12.57 10.69 -13.59
C SER A 391 12.98 10.31 -12.18
N CYS A 392 14.16 9.68 -12.04
CA CYS A 392 14.43 8.89 -10.86
C CYS A 392 15.73 9.25 -10.15
N GLY A 393 16.41 10.31 -10.56
CA GLY A 393 17.81 10.43 -10.19
C GLY A 393 18.09 11.03 -8.82
N MET A 394 17.08 11.54 -8.11
CA MET A 394 17.36 12.24 -6.86
C MET A 394 16.71 11.56 -5.67
N TYR A 395 16.58 10.24 -5.72
CA TYR A 395 16.02 9.44 -4.63
C TYR A 395 14.58 9.89 -4.41
N ASP A 396 14.17 10.26 -3.19
CA ASP A 396 12.77 10.62 -2.99
C ASP A 396 12.43 12.03 -3.51
N PHE A 397 13.43 12.86 -3.73
CA PHE A 397 13.27 14.24 -4.19
C PHE A 397 13.19 14.38 -5.72
N SER A 398 13.09 13.29 -6.48
CA SER A 398 13.23 13.43 -7.94
C SER A 398 11.99 14.00 -8.62
N GLY A 399 10.80 13.73 -8.09
CA GLY A 399 9.62 14.41 -8.63
C GLY A 399 9.67 15.90 -8.39
N GLN A 400 10.09 16.30 -7.19
CA GLN A 400 10.24 17.72 -6.89
C GLN A 400 11.38 18.31 -7.72
N PHE A 401 12.45 17.54 -7.92
CA PHE A 401 13.57 17.99 -8.74
C PHE A 401 13.15 18.18 -10.19
N ALA A 402 12.54 17.12 -10.78
CA ALA A 402 12.14 17.15 -12.19
C ALA A 402 11.25 18.34 -12.50
N PHE A 403 10.46 18.77 -11.51
CA PHE A 403 9.55 19.90 -11.70
C PHE A 403 10.30 21.22 -11.59
N HIS A 404 11.07 21.42 -10.53
CA HIS A 404 11.66 22.73 -10.27
C HIS A 404 12.99 23.00 -10.97
N VAL A 405 13.70 21.96 -11.44
CA VAL A 405 14.90 22.14 -12.26
C VAL A 405 14.87 21.31 -13.54
N GLY A 406 14.14 20.20 -13.57
CA GLY A 406 13.95 19.51 -14.83
C GLY A 406 15.20 19.14 -15.57
N LEU A 407 16.33 18.91 -14.88
CA LEU A 407 17.52 18.50 -15.58
C LEU A 407 17.86 17.07 -15.20
N PRO A 408 18.27 16.25 -16.15
CA PRO A 408 18.74 14.90 -15.78
C PRO A 408 19.89 15.04 -14.80
N ALA A 409 19.77 14.32 -13.68
CA ALA A 409 20.81 14.36 -12.66
C ALA A 409 20.81 13.05 -11.88
N LYS A 410 21.93 12.82 -11.19
CA LYS A 410 22.10 11.68 -10.29
C LYS A 410 22.96 12.16 -9.14
N SER A 411 22.49 11.97 -7.91
CA SER A 411 23.33 12.21 -6.75
C SER A 411 23.70 10.86 -6.16
N GLY A 412 24.71 10.90 -5.30
CA GLY A 412 25.13 9.73 -4.55
C GLY A 412 25.58 10.14 -3.15
N VAL A 413 25.69 9.15 -2.27
CA VAL A 413 25.87 9.45 -0.85
C VAL A 413 27.26 10.04 -0.53
N ALA A 414 28.20 9.97 -1.47
CA ALA A 414 29.51 10.59 -1.25
C ALA A 414 29.47 12.11 -1.27
N GLY A 415 28.37 12.69 -1.77
CA GLY A 415 28.24 14.13 -1.88
C GLY A 415 28.25 14.66 -3.29
N GLY A 416 28.17 13.80 -4.30
CA GLY A 416 28.24 14.23 -5.68
C GLY A 416 26.87 14.32 -6.29
N ILE A 417 26.73 15.25 -7.24
CA ILE A 417 25.56 15.33 -8.11
C ILE A 417 26.06 15.46 -9.53
N LEU A 418 25.73 14.48 -10.36
CA LEU A 418 26.12 14.48 -11.75
C LEU A 418 25.02 15.15 -12.56
N LEU A 419 25.35 16.30 -13.17
CA LEU A 419 24.36 17.17 -13.80
C LEU A 419 24.57 17.22 -15.31
N VAL A 420 23.48 17.10 -16.05
CA VAL A 420 23.50 17.17 -17.51
C VAL A 420 22.51 18.23 -17.96
N VAL A 421 23.00 19.29 -18.59
CA VAL A 421 22.17 20.16 -19.42
C VAL A 421 22.32 19.67 -20.84
N PRO A 422 21.33 18.97 -21.39
CA PRO A 422 21.47 18.41 -22.74
C PRO A 422 21.81 19.50 -23.74
N ASN A 423 22.71 19.16 -24.67
CA ASN A 423 23.17 19.99 -25.78
C ASN A 423 23.98 21.21 -25.34
N VAL A 424 24.35 21.30 -24.07
CA VAL A 424 25.11 22.43 -23.57
C VAL A 424 26.37 21.94 -22.85
N MET A 425 26.20 21.23 -21.74
CA MET A 425 27.30 21.02 -20.82
C MET A 425 26.98 19.87 -19.89
N GLY A 426 28.02 19.36 -19.24
CA GLY A 426 27.88 18.50 -18.09
C GLY A 426 28.52 19.17 -16.88
N MET A 427 28.17 18.71 -15.68
CA MET A 427 28.74 19.24 -14.45
C MET A 427 28.84 18.15 -13.40
N MET A 428 29.68 18.41 -12.40
CA MET A 428 29.72 17.61 -11.17
C MET A 428 29.91 18.57 -10.01
N CYS A 429 28.97 18.59 -9.09
CA CYS A 429 29.08 19.37 -7.88
C CYS A 429 29.27 18.40 -6.74
N TRP A 430 30.14 18.75 -5.80
CA TRP A 430 30.50 17.81 -4.75
C TRP A 430 30.58 18.54 -3.41
N SER A 431 29.69 18.18 -2.48
CA SER A 431 29.85 18.56 -1.08
C SER A 431 29.29 17.44 -0.23
N PRO A 432 30.10 16.83 0.62
CA PRO A 432 29.71 15.56 1.27
C PRO A 432 28.51 15.68 2.22
N PRO A 433 28.26 16.84 2.86
CA PRO A 433 27.06 16.93 3.72
C PRO A 433 25.75 16.71 2.96
N LEU A 434 25.00 15.70 3.38
CA LEU A 434 23.73 15.38 2.74
C LEU A 434 22.56 15.95 3.53
N ASP A 435 21.43 16.11 2.83
CA ASP A 435 20.18 16.47 3.50
C ASP A 435 19.57 15.19 4.04
N LYS A 436 18.26 15.21 4.31
CA LYS A 436 17.62 14.04 4.88
C LYS A 436 16.89 13.20 3.84
N MET A 437 17.24 13.37 2.57
CA MET A 437 16.90 12.42 1.54
C MET A 437 18.11 11.80 0.86
N GLY A 438 19.32 12.29 1.16
CA GLY A 438 20.56 11.76 0.62
C GLY A 438 21.31 12.60 -0.38
N ASN A 439 20.86 13.82 -0.68
CA ASN A 439 21.45 14.70 -1.70
C ASN A 439 22.29 15.83 -1.09
N SER A 440 23.46 16.14 -1.69
CA SER A 440 24.19 17.34 -1.25
C SER A 440 23.29 18.53 -0.99
N VAL A 441 23.42 19.05 0.22
CA VAL A 441 22.73 20.28 0.55
C VAL A 441 23.21 21.40 -0.37
N LYS A 442 24.52 21.62 -0.42
CA LYS A 442 25.04 22.67 -1.27
C LYS A 442 24.94 22.31 -2.74
N GLY A 443 24.87 21.02 -3.06
CA GLY A 443 24.63 20.62 -4.43
C GLY A 443 23.25 21.02 -4.91
N ILE A 444 22.21 20.70 -4.11
CA ILE A 444 20.82 20.99 -4.47
C ILE A 444 20.60 22.48 -4.57
N HIS A 445 21.10 23.23 -3.58
CA HIS A 445 21.01 24.68 -3.63
C HIS A 445 21.58 25.19 -4.95
N PHE A 446 22.68 24.60 -5.40
CA PHE A 446 23.32 25.04 -6.63
C PHE A 446 22.45 24.76 -7.85
N CYS A 447 21.80 23.60 -7.91
CA CYS A 447 21.06 23.28 -9.12
C CYS A 447 19.72 23.98 -9.22
N HIS A 448 19.14 24.43 -8.09
CA HIS A 448 17.98 25.31 -8.17
C HIS A 448 18.39 26.68 -8.73
N ASP A 449 19.40 27.32 -8.12
CA ASP A 449 19.87 28.61 -8.59
C ASP A 449 20.31 28.56 -10.05
N LEU A 450 20.75 27.40 -10.54
CA LEU A 450 21.24 27.32 -11.92
C LEU A 450 20.13 27.60 -12.92
N VAL A 451 18.98 26.93 -12.76
CA VAL A 451 17.90 27.14 -13.72
C VAL A 451 16.97 28.28 -13.29
N SER A 452 17.07 28.74 -12.03
CA SER A 452 16.57 30.04 -11.60
C SER A 452 17.15 31.20 -12.39
N LEU A 453 18.37 31.04 -12.92
CA LEU A 453 19.11 32.14 -13.52
C LEU A 453 19.29 31.94 -15.01
N CYS A 454 19.48 30.71 -15.45
CA CYS A 454 19.59 30.41 -16.87
C CYS A 454 18.42 29.55 -17.32
N ASN A 455 18.04 29.73 -18.59
CA ASN A 455 16.93 29.00 -19.19
C ASN A 455 17.38 27.59 -19.59
N PHE A 456 17.89 26.87 -18.60
CA PHE A 456 18.33 25.50 -18.81
C PHE A 456 17.27 24.47 -18.41
N HIS A 457 16.18 24.89 -17.75
CA HIS A 457 15.11 23.94 -17.50
C HIS A 457 14.63 23.33 -18.80
N ASN A 458 14.15 22.11 -18.68
CA ASN A 458 13.83 21.27 -19.83
C ASN A 458 12.47 21.53 -20.42
N TYR A 459 11.77 22.54 -19.93
CA TYR A 459 10.55 22.99 -20.56
C TYR A 459 10.48 24.51 -20.49
N ASP A 460 11.64 25.17 -20.57
CA ASP A 460 11.69 26.56 -21.01
C ASP A 460 11.60 26.62 -22.53
N ASN A 461 11.42 27.83 -23.04
CA ASN A 461 11.46 28.08 -24.47
C ASN A 461 12.71 28.92 -24.73
N LEU A 462 13.31 28.72 -25.92
CA LEU A 462 14.49 29.46 -26.33
C LEU A 462 14.15 30.83 -26.94
N ARG A 463 12.86 31.20 -27.02
CA ARG A 463 12.38 32.46 -27.59
C ARG A 463 11.89 33.46 -26.55
N HIS A 464 10.92 33.07 -25.72
CA HIS A 464 10.38 33.92 -24.67
C HIS A 464 10.51 33.18 -23.35
N PHE A 465 11.34 33.70 -22.45
CA PHE A 465 11.64 33.02 -21.19
C PHE A 465 11.75 34.03 -20.04
N ALA A 466 11.02 35.14 -20.15
CA ALA A 466 10.81 36.09 -19.05
C ALA A 466 12.15 36.69 -18.62
N LYS A 467 12.53 36.63 -17.34
CA LYS A 467 13.65 37.36 -16.79
C LYS A 467 14.87 36.47 -16.54
N LYS A 468 15.02 35.39 -17.31
CA LYS A 468 16.17 34.50 -17.20
C LYS A 468 17.21 34.80 -18.28
N LEU A 469 18.45 34.41 -18.01
CA LEU A 469 19.58 34.60 -18.91
C LEU A 469 19.71 33.39 -19.84
N ASP A 470 20.32 33.61 -21.01
CA ASP A 470 20.64 32.53 -21.96
C ASP A 470 22.11 32.67 -22.31
N PRO A 471 23.01 31.93 -21.63
CA PRO A 471 24.43 32.04 -21.96
C PRO A 471 24.76 31.41 -23.28
N ARG A 472 23.77 30.79 -23.92
CA ARG A 472 24.00 30.29 -25.26
C ARG A 472 23.94 31.38 -26.30
N ARG A 473 23.55 32.63 -25.97
CA ARG A 473 23.51 33.49 -27.15
C ARG A 473 24.20 34.83 -26.81
N GLU A 474 24.21 35.76 -27.77
CA GLU A 474 25.05 36.94 -27.74
C GLU A 474 24.41 38.16 -27.09
N PRO B 66 -18.00 -48.46 52.98
CA PRO B 66 -17.80 -47.97 51.60
C PRO B 66 -16.37 -47.60 51.23
N SER B 67 -16.02 -47.69 49.94
CA SER B 67 -15.43 -46.60 49.14
C SER B 67 -15.06 -47.15 47.79
N LEU B 68 -14.32 -46.35 47.03
CA LEU B 68 -14.54 -46.30 45.60
C LEU B 68 -13.94 -47.47 44.81
N GLU B 69 -12.93 -48.22 45.29
CA GLU B 69 -12.47 -49.38 44.49
C GLU B 69 -13.49 -50.51 44.52
N ASP B 70 -14.21 -50.62 45.61
CA ASP B 70 -15.29 -51.57 45.81
C ASP B 70 -16.55 -51.16 45.08
N LEU B 71 -17.03 -49.93 45.29
CA LEU B 71 -18.26 -49.42 44.66
C LEU B 71 -18.23 -49.61 43.15
N LEU B 72 -17.08 -49.32 42.52
CA LEU B 72 -16.90 -49.50 41.09
C LEU B 72 -16.88 -50.98 40.67
N PHE B 73 -16.54 -51.92 41.56
CA PHE B 73 -16.40 -53.32 41.14
C PHE B 73 -17.71 -53.90 40.59
N TYR B 74 -18.84 -53.78 41.32
CA TYR B 74 -20.08 -54.28 40.69
C TYR B 74 -20.78 -53.34 39.71
N THR B 75 -20.31 -52.11 39.46
CA THR B 75 -20.83 -51.42 38.26
C THR B 75 -20.24 -52.01 36.97
N ILE B 76 -19.06 -52.63 37.04
CA ILE B 76 -18.54 -53.35 35.88
C ILE B 76 -19.01 -54.80 35.94
N ALA B 77 -19.19 -55.31 37.15
CA ALA B 77 -19.35 -56.74 37.32
C ALA B 77 -20.72 -57.27 36.90
N GLU B 78 -21.73 -56.43 36.80
CA GLU B 78 -23.08 -56.84 36.38
C GLU B 78 -23.71 -57.85 37.36
N GLY B 79 -23.44 -57.65 38.67
CA GLY B 79 -24.04 -58.50 39.69
C GLY B 79 -23.40 -59.83 39.96
N GLN B 80 -22.66 -60.39 39.00
CA GLN B 80 -21.91 -61.63 39.21
C GLN B 80 -20.86 -61.48 40.32
N GLU B 81 -20.23 -62.57 40.76
CA GLU B 81 -19.21 -62.49 41.79
C GLU B 81 -17.80 -62.51 41.23
N LYS B 82 -17.66 -62.76 39.93
CA LYS B 82 -16.41 -62.74 39.22
C LYS B 82 -16.62 -61.93 37.94
N ILE B 83 -15.57 -61.26 37.46
CA ILE B 83 -15.64 -60.70 36.10
C ILE B 83 -14.43 -61.08 35.26
N PRO B 84 -14.65 -61.57 34.04
CA PRO B 84 -13.52 -61.81 33.15
C PRO B 84 -12.82 -60.50 32.91
N VAL B 85 -11.48 -60.54 32.81
CA VAL B 85 -10.75 -59.33 32.48
C VAL B 85 -11.09 -58.88 31.06
N HIS B 86 -11.66 -59.78 30.26
CA HIS B 86 -11.99 -59.49 28.87
C HIS B 86 -13.13 -58.49 28.77
N LYS B 87 -13.97 -58.41 29.80
CA LYS B 87 -15.05 -57.44 29.87
C LYS B 87 -14.68 -56.19 30.66
N PHE B 88 -13.57 -56.23 31.40
CA PHE B 88 -13.02 -55.00 31.95
C PHE B 88 -12.35 -54.16 30.88
N ILE B 89 -11.59 -54.80 29.99
CA ILE B 89 -10.92 -53.99 28.99
C ILE B 89 -11.90 -53.54 27.90
N THR B 90 -12.88 -54.37 27.55
CA THR B 90 -13.85 -53.94 26.55
C THR B 90 -14.72 -52.82 27.07
N ALA B 91 -15.04 -52.87 28.37
CA ALA B 91 -15.71 -51.74 28.99
C ALA B 91 -14.85 -50.48 28.97
N LEU B 92 -13.56 -50.62 29.28
CA LEU B 92 -12.70 -49.44 29.39
C LEU B 92 -12.31 -48.86 28.04
N LYS B 93 -12.16 -49.69 27.00
CA LYS B 93 -11.77 -49.16 25.69
C LYS B 93 -12.93 -48.47 24.99
N SER B 94 -14.16 -48.73 25.42
CA SER B 94 -15.32 -48.07 24.84
C SER B 94 -15.67 -46.75 25.53
N THR B 95 -15.03 -46.45 26.67
CA THR B 95 -15.10 -45.10 27.21
C THR B 95 -14.30 -44.12 26.36
N GLY B 96 -13.40 -44.63 25.52
CA GLY B 96 -12.53 -43.82 24.69
C GLY B 96 -11.05 -43.98 25.00
N LEU B 97 -10.72 -44.37 26.22
CA LEU B 97 -9.33 -44.59 26.59
C LEU B 97 -8.77 -45.78 25.83
N ARG B 98 -7.49 -45.70 25.49
CA ARG B 98 -6.82 -46.87 24.97
C ARG B 98 -6.02 -47.53 26.09
N THR B 99 -5.82 -48.84 25.97
CA THR B 99 -5.13 -49.52 27.06
C THR B 99 -3.68 -49.07 27.19
N SER B 100 -3.18 -48.31 26.22
CA SER B 100 -1.84 -47.77 26.24
C SER B 100 -1.70 -46.64 27.25
N ASP B 101 -2.80 -46.14 27.79
CA ASP B 101 -2.78 -44.85 28.45
C ASP B 101 -1.68 -44.80 29.51
N PRO B 102 -0.80 -43.81 29.45
CA PRO B 102 0.27 -43.69 30.44
C PRO B 102 -0.20 -43.71 31.88
N ARG B 103 -1.36 -43.11 32.18
CA ARG B 103 -1.89 -43.06 33.53
C ARG B 103 -2.63 -44.32 33.93
N LEU B 104 -2.59 -45.31 33.07
CA LEU B 104 -3.16 -46.62 33.36
C LEU B 104 -2.11 -47.67 33.56
N LYS B 105 -0.84 -47.26 33.66
CA LYS B 105 0.21 -48.26 33.59
C LYS B 105 0.21 -49.20 34.79
N GLU B 106 0.38 -48.66 35.99
CA GLU B 106 0.42 -49.51 37.18
C GLU B 106 -0.82 -50.38 37.28
N CYS B 107 -1.96 -49.93 36.73
CA CYS B 107 -3.17 -50.74 36.74
C CYS B 107 -3.01 -52.03 35.92
N MET B 108 -2.51 -51.93 34.69
CA MET B 108 -2.33 -53.15 33.88
C MET B 108 -0.91 -53.72 33.97
N ASP B 109 0.01 -53.00 34.60
CA ASP B 109 1.19 -53.67 35.09
C ASP B 109 0.78 -54.75 36.08
N MET B 110 -0.19 -54.44 36.93
CA MET B 110 -0.68 -55.38 37.93
C MET B 110 -1.70 -56.35 37.34
N LEU B 111 -1.78 -56.44 36.02
CA LEU B 111 -2.65 -57.42 35.42
C LEU B 111 -2.02 -58.32 34.35
N ARG B 112 -0.83 -58.03 33.78
CA ARG B 112 -0.42 -59.06 32.83
C ARG B 112 0.41 -60.11 33.56
N LEU B 113 0.92 -59.72 34.74
CA LEU B 113 1.59 -60.59 35.70
C LEU B 113 0.59 -61.43 36.44
N THR B 114 -0.68 -61.06 36.33
CA THR B 114 -1.78 -61.86 36.86
C THR B 114 -2.10 -63.03 35.92
N LEU B 115 -1.78 -62.89 34.64
CA LEU B 115 -2.01 -63.94 33.64
C LEU B 115 -0.73 -64.37 32.93
N VAL B 122 -10.13 -66.87 33.44
CA VAL B 122 -9.48 -65.65 33.89
C VAL B 122 -10.31 -64.52 34.50
N MET B 123 -11.19 -64.87 35.44
CA MET B 123 -12.06 -63.89 36.06
C MET B 123 -11.38 -63.34 37.31
N LEU B 124 -11.75 -62.11 37.68
CA LEU B 124 -11.22 -61.46 38.87
C LEU B 124 -12.38 -61.26 39.84
N ASP B 125 -12.07 -61.33 41.13
CA ASP B 125 -13.03 -61.08 42.22
C ASP B 125 -12.64 -59.77 42.93
N LYS B 126 -13.44 -59.35 43.92
CA LYS B 126 -13.31 -58.02 44.52
C LYS B 126 -12.00 -57.81 45.31
N ASP B 127 -11.37 -58.88 45.88
CA ASP B 127 -10.00 -58.80 46.42
C ASP B 127 -8.98 -58.70 45.29
N LEU B 128 -9.16 -59.52 44.25
CA LEU B 128 -8.24 -59.55 43.12
C LEU B 128 -8.21 -58.21 42.40
N PHE B 129 -9.38 -57.75 42.00
CA PHE B 129 -9.54 -56.45 41.34
C PHE B 129 -8.96 -55.28 42.12
N LYS B 130 -9.37 -55.12 43.37
CA LYS B 130 -9.15 -53.85 44.06
C LYS B 130 -7.69 -53.44 44.19
N LYS B 131 -6.77 -54.37 44.29
CA LYS B 131 -5.37 -53.97 44.30
C LYS B 131 -4.78 -54.28 42.93
N CYS B 132 -5.57 -54.02 41.88
CA CYS B 132 -5.09 -53.74 40.52
C CYS B 132 -5.41 -52.32 40.07
N VAL B 133 -6.49 -51.75 40.59
CA VAL B 133 -6.98 -50.45 40.15
C VAL B 133 -6.83 -49.37 41.22
N GLN B 134 -6.46 -49.74 42.45
CA GLN B 134 -6.43 -48.79 43.56
C GLN B 134 -5.59 -47.54 43.28
N SER B 135 -4.41 -47.69 42.64
CA SER B 135 -3.62 -46.49 42.36
C SER B 135 -4.17 -45.74 41.15
N ASN B 136 -4.93 -46.42 40.31
CA ASN B 136 -5.35 -45.79 39.05
C ASN B 136 -6.84 -45.54 39.05
N ILE B 137 -7.54 -45.81 40.17
CA ILE B 137 -8.99 -45.85 40.12
C ILE B 137 -9.61 -44.47 40.17
N VAL B 138 -8.84 -43.43 40.51
CA VAL B 138 -9.47 -42.12 40.54
C VAL B 138 -9.92 -41.73 39.14
N LEU B 139 -9.09 -42.01 38.11
CA LEU B 139 -9.49 -41.74 36.73
C LEU B 139 -10.24 -42.90 36.09
N LEU B 140 -10.04 -44.14 36.55
CA LEU B 140 -10.87 -45.22 36.03
C LEU B 140 -12.36 -44.99 36.31
N THR B 141 -12.68 -44.41 37.47
CA THR B 141 -14.06 -44.08 37.76
C THR B 141 -14.65 -43.09 36.75
N GLN B 142 -13.89 -42.10 36.28
CA GLN B 142 -14.56 -41.11 35.42
C GLN B 142 -14.98 -41.74 34.11
N ALA B 143 -14.17 -42.68 33.60
CA ALA B 143 -14.50 -43.33 32.35
C ALA B 143 -15.78 -44.14 32.47
N PHE B 144 -15.96 -44.82 33.60
CA PHE B 144 -17.08 -45.71 33.81
C PHE B 144 -18.32 -45.02 34.34
N ARG B 145 -18.17 -43.89 35.03
CA ARG B 145 -19.27 -42.98 35.36
C ARG B 145 -19.61 -42.02 34.22
N ARG B 146 -18.99 -42.17 33.05
CA ARG B 146 -19.10 -41.23 31.91
C ARG B 146 -19.14 -39.79 32.38
N LYS B 147 -18.14 -39.41 33.16
CA LYS B 147 -17.97 -38.02 33.55
C LYS B 147 -16.79 -37.41 32.81
N PHE B 148 -16.53 -37.86 31.58
CA PHE B 148 -15.59 -37.27 30.62
C PHE B 148 -16.24 -36.15 29.81
N VAL B 149 -15.41 -35.35 29.15
CA VAL B 149 -15.98 -34.17 28.49
C VAL B 149 -16.80 -34.54 27.26
N ILE B 150 -16.59 -35.73 26.69
CA ILE B 150 -17.47 -36.33 25.71
C ILE B 150 -17.91 -37.70 26.24
N PRO B 151 -19.09 -37.79 26.88
CA PRO B 151 -19.46 -39.05 27.56
C PRO B 151 -19.84 -40.19 26.62
N ASP B 152 -20.65 -39.92 25.60
CA ASP B 152 -20.96 -40.93 24.59
C ASP B 152 -19.92 -40.80 23.47
N PHE B 153 -18.72 -41.32 23.72
CA PHE B 153 -17.63 -41.13 22.78
C PHE B 153 -17.77 -42.01 21.53
N MET B 154 -18.60 -43.11 21.59
CA MET B 154 -19.10 -43.97 20.48
C MET B 154 -19.89 -43.22 19.44
N SER B 155 -20.85 -42.43 19.91
CA SER B 155 -21.61 -41.59 19.03
C SER B 155 -20.74 -40.54 18.39
N PHE B 156 -19.83 -39.99 19.18
CA PHE B 156 -18.97 -38.91 18.69
C PHE B 156 -18.05 -39.37 17.58
N THR B 157 -17.43 -40.55 17.74
CA THR B 157 -16.50 -40.99 16.70
C THR B 157 -17.21 -41.37 15.42
N SER B 158 -18.41 -41.95 15.51
CA SER B 158 -19.04 -42.38 14.27
C SER B 158 -19.49 -41.17 13.42
N HIS B 159 -19.65 -40.00 14.02
CA HIS B 159 -19.81 -38.76 13.26
C HIS B 159 -18.47 -38.23 12.79
N ILE B 160 -17.41 -38.40 13.58
CA ILE B 160 -16.08 -38.07 13.10
C ILE B 160 -15.72 -38.94 11.90
N ASP B 161 -16.08 -40.23 11.95
CA ASP B 161 -15.87 -41.09 10.79
C ASP B 161 -16.73 -40.62 9.63
N GLU B 162 -17.94 -40.18 9.93
CA GLU B 162 -18.87 -39.69 8.91
C GLU B 162 -18.36 -38.37 8.32
N LEU B 163 -17.72 -37.53 9.13
CA LEU B 163 -17.10 -36.31 8.59
C LEU B 163 -15.88 -36.65 7.74
N TYR B 164 -15.06 -37.59 8.21
CA TYR B 164 -13.90 -38.07 7.46
C TYR B 164 -14.30 -38.56 6.07
N GLU B 165 -15.35 -39.37 5.98
CA GLU B 165 -15.71 -40.00 4.71
C GLU B 165 -16.33 -39.03 3.71
N SER B 166 -17.02 -37.97 4.15
CA SER B 166 -17.53 -36.98 3.18
C SER B 166 -16.38 -36.12 2.63
N ALA B 167 -15.31 -35.93 3.42
CA ALA B 167 -14.15 -35.19 2.91
C ALA B 167 -13.31 -36.04 1.96
N LYS B 168 -13.45 -37.36 2.00
CA LYS B 168 -12.63 -38.26 1.19
C LYS B 168 -12.87 -38.12 -0.30
N LYS B 169 -13.99 -37.54 -0.75
CA LYS B 169 -14.35 -37.60 -2.16
C LYS B 169 -14.16 -36.29 -2.95
N GLN B 170 -13.42 -35.31 -2.45
CA GLN B 170 -13.21 -34.09 -3.24
C GLN B 170 -11.72 -33.94 -3.53
N SER B 171 -11.41 -34.45 -4.72
CA SER B 171 -10.08 -34.74 -5.24
C SER B 171 -9.17 -33.53 -5.35
N GLY B 172 -9.74 -32.32 -5.50
CA GLY B 172 -8.97 -31.18 -6.00
C GLY B 172 -7.68 -30.93 -5.23
N GLY B 173 -6.83 -30.13 -5.84
CA GLY B 173 -5.58 -29.75 -5.22
C GLY B 173 -4.37 -30.38 -5.89
N LYS B 174 -3.22 -29.78 -5.57
CA LYS B 174 -1.88 -30.26 -5.86
C LYS B 174 -0.97 -30.23 -4.64
N VAL B 175 -0.09 -31.22 -4.61
CA VAL B 175 0.80 -31.47 -3.49
C VAL B 175 1.96 -30.47 -3.55
N ALA B 176 2.58 -30.22 -2.39
CA ALA B 176 3.74 -29.33 -2.35
C ALA B 176 4.80 -30.01 -3.19
N ASP B 177 5.04 -29.52 -4.41
CA ASP B 177 5.71 -30.32 -5.43
C ASP B 177 7.18 -30.58 -5.12
N TYR B 178 7.75 -30.01 -4.06
CA TYR B 178 9.13 -30.31 -3.70
C TYR B 178 9.24 -31.24 -2.49
N ILE B 179 8.30 -32.17 -2.32
CA ILE B 179 8.41 -33.26 -1.34
C ILE B 179 7.90 -34.61 -1.91
N PRO B 180 7.18 -34.67 -3.07
CA PRO B 180 6.85 -36.04 -3.54
C PRO B 180 8.06 -36.96 -3.77
N PRO B 187 -1.98 -43.44 -4.70
CA PRO B 187 -2.89 -44.03 -3.72
C PRO B 187 -3.45 -42.96 -2.71
N ASP B 188 -3.78 -41.67 -3.06
CA ASP B 188 -3.10 -40.70 -2.18
C ASP B 188 -3.93 -40.68 -0.94
N LEU B 189 -3.29 -40.13 0.08
CA LEU B 189 -3.53 -40.38 1.49
C LEU B 189 -4.31 -39.29 2.21
N TRP B 190 -4.90 -39.66 3.36
CA TRP B 190 -5.82 -38.83 4.12
C TRP B 190 -6.07 -39.47 5.48
N GLY B 191 -5.87 -38.71 6.56
CA GLY B 191 -6.03 -39.22 7.90
C GLY B 191 -6.34 -38.10 8.86
N VAL B 192 -7.14 -38.41 9.88
CA VAL B 192 -7.57 -37.45 10.91
C VAL B 192 -7.62 -38.16 12.25
N SER B 193 -7.07 -37.52 13.28
CA SER B 193 -7.03 -38.13 14.61
C SER B 193 -7.49 -37.14 15.67
N VAL B 194 -8.08 -37.69 16.74
CA VAL B 194 -8.72 -36.94 17.81
C VAL B 194 -8.17 -37.42 19.15
N CYS B 195 -7.96 -36.48 20.07
CA CYS B 195 -7.64 -36.86 21.45
C CYS B 195 -8.21 -35.80 22.38
N THR B 196 -9.13 -36.21 23.27
CA THR B 196 -9.89 -35.21 24.01
C THR B 196 -9.09 -34.66 25.17
N ALA B 197 -9.60 -33.57 25.76
CA ALA B 197 -8.92 -33.02 26.93
C ALA B 197 -8.93 -34.00 28.10
N ASP B 198 -9.59 -35.15 27.97
CA ASP B 198 -9.62 -36.15 29.02
C ASP B 198 -8.88 -37.42 28.63
N GLY B 199 -8.29 -37.43 27.44
CA GLY B 199 -7.53 -38.57 26.99
C GLY B 199 -8.27 -39.51 26.09
N GLN B 200 -9.56 -39.28 25.83
CA GLN B 200 -10.26 -40.17 24.93
C GLN B 200 -9.67 -40.04 23.53
N ARG B 201 -9.47 -41.19 22.88
CA ARG B 201 -8.71 -41.26 21.63
C ARG B 201 -9.51 -41.89 20.51
N HIS B 202 -9.27 -41.39 19.29
CA HIS B 202 -9.92 -41.94 18.11
C HIS B 202 -9.18 -41.48 16.86
N SER B 203 -8.98 -42.42 15.93
CA SER B 203 -8.34 -42.14 14.66
C SER B 203 -9.13 -42.81 13.54
N THR B 204 -9.06 -42.22 12.35
CA THR B 204 -9.52 -42.94 11.16
C THR B 204 -8.66 -42.54 9.97
N GLY B 205 -8.40 -43.51 9.10
CA GLY B 205 -7.52 -43.31 7.95
C GLY B 205 -6.04 -43.46 8.30
N ASP B 206 -5.23 -42.67 7.58
CA ASP B 206 -3.78 -42.80 7.57
C ASP B 206 -3.15 -41.91 8.65
N THR B 207 -3.40 -42.34 9.89
CA THR B 207 -3.06 -41.64 11.13
C THR B 207 -1.67 -41.90 11.70
N LYS B 208 -1.04 -43.04 11.47
CA LYS B 208 0.35 -43.11 11.96
C LYS B 208 1.38 -43.20 10.87
N VAL B 209 1.16 -42.50 9.77
CA VAL B 209 2.19 -42.36 8.74
C VAL B 209 2.89 -41.05 9.00
N PRO B 210 4.20 -41.01 9.22
CA PRO B 210 4.84 -39.75 9.57
C PRO B 210 4.91 -38.78 8.41
N PHE B 211 4.82 -37.50 8.75
CA PHE B 211 4.94 -36.39 7.83
C PHE B 211 5.45 -35.20 8.65
N CYS B 212 6.01 -34.21 7.96
CA CYS B 212 6.64 -33.17 8.77
C CYS B 212 5.61 -32.11 9.12
N LEU B 213 5.91 -31.34 10.17
CA LEU B 213 4.95 -30.34 10.63
C LEU B 213 4.88 -29.18 9.66
N GLN B 214 6.02 -28.83 9.08
CA GLN B 214 6.20 -27.61 8.31
C GLN B 214 5.75 -26.46 9.20
N SER B 215 4.79 -25.63 8.79
CA SER B 215 4.57 -24.47 9.64
C SER B 215 3.51 -24.74 10.70
N CYS B 216 3.00 -25.99 10.77
CA CYS B 216 2.34 -26.50 11.96
C CYS B 216 3.18 -26.29 13.21
N VAL B 217 4.51 -26.25 13.06
CA VAL B 217 5.37 -26.16 14.25
C VAL B 217 5.48 -24.72 14.75
N LYS B 218 5.05 -23.74 13.93
CA LYS B 218 5.21 -22.35 14.33
C LYS B 218 4.48 -22.01 15.63
N PRO B 219 3.28 -22.55 15.93
CA PRO B 219 2.70 -22.26 17.26
C PRO B 219 3.43 -22.98 18.39
N LEU B 220 3.85 -24.23 18.17
CA LEU B 220 4.58 -24.96 19.19
C LEU B 220 5.88 -24.24 19.56
N LYS B 221 6.66 -23.79 18.57
CA LYS B 221 7.89 -23.12 18.98
C LYS B 221 7.59 -21.75 19.57
N TYR B 222 6.49 -21.13 19.15
CA TYR B 222 5.99 -19.92 19.81
C TYR B 222 5.61 -20.20 21.26
N ALA B 223 4.81 -21.27 21.49
CA ALA B 223 4.40 -21.63 22.84
C ALA B 223 5.61 -21.84 23.75
N ILE B 224 6.59 -22.59 23.26
CA ILE B 224 7.83 -22.81 24.02
C ILE B 224 8.45 -21.47 24.38
N ALA B 225 8.53 -20.57 23.40
CA ALA B 225 9.18 -19.27 23.59
C ALA B 225 8.54 -18.49 24.73
N VAL B 226 7.22 -18.29 24.65
CA VAL B 226 6.57 -17.49 25.68
C VAL B 226 6.47 -18.27 26.98
N ASN B 227 6.52 -19.61 26.93
CA ASN B 227 6.56 -20.38 28.17
C ASN B 227 7.84 -20.08 28.95
N ASP B 228 8.97 -20.01 28.26
CA ASP B 228 10.26 -19.81 28.89
C ASP B 228 10.60 -18.35 29.11
N LEU B 229 9.98 -17.45 28.35
CA LEU B 229 10.37 -16.05 28.37
C LEU B 229 9.26 -15.09 28.77
N GLY B 230 8.00 -15.48 28.68
CA GLY B 230 6.98 -14.53 29.06
C GLY B 230 6.47 -13.70 27.90
N THR B 231 5.23 -13.25 28.02
CA THR B 231 4.55 -12.58 26.91
C THR B 231 5.29 -11.34 26.46
N GLU B 232 5.81 -10.56 27.41
CA GLU B 232 6.27 -9.23 27.05
C GLU B 232 7.62 -9.27 26.35
N TYR B 233 8.51 -10.21 26.75
CA TYR B 233 9.77 -10.40 26.05
C TYR B 233 9.54 -10.88 24.62
N VAL B 234 8.65 -11.85 24.44
CA VAL B 234 8.48 -12.42 23.12
C VAL B 234 7.89 -11.40 22.15
N HIS B 235 7.14 -10.43 22.64
CA HIS B 235 6.56 -9.44 21.74
C HIS B 235 7.30 -8.12 21.75
N ARG B 236 8.46 -8.07 22.40
CA ARG B 236 9.47 -7.08 22.05
C ARG B 236 10.02 -7.34 20.65
N TYR B 237 9.86 -8.57 20.14
CA TYR B 237 10.47 -8.98 18.89
C TYR B 237 9.48 -9.35 17.78
N VAL B 238 8.20 -9.60 18.09
CA VAL B 238 7.21 -9.97 17.07
C VAL B 238 5.85 -9.38 17.48
N GLY B 239 5.07 -8.97 16.47
CA GLY B 239 3.75 -8.42 16.70
C GLY B 239 2.72 -9.49 16.99
N LYS B 240 1.45 -9.04 17.14
CA LYS B 240 0.40 -9.92 17.61
C LYS B 240 -0.90 -9.81 16.81
N GLU B 241 -0.85 -9.41 15.53
CA GLU B 241 -2.05 -9.29 14.70
C GLU B 241 -1.80 -9.87 13.30
N PRO B 242 -2.83 -10.12 12.51
CA PRO B 242 -2.63 -10.46 11.09
C PRO B 242 -2.40 -9.23 10.21
N SER B 243 -1.80 -9.50 9.05
CA SER B 243 -1.41 -8.49 8.05
C SER B 243 -2.60 -7.81 7.36
N GLY B 244 -3.41 -8.59 6.64
CA GLY B 244 -4.36 -8.07 5.66
C GLY B 244 -4.02 -8.64 4.29
N LEU B 245 -4.98 -8.92 3.39
CA LEU B 245 -4.61 -9.67 2.19
C LEU B 245 -3.79 -8.80 1.22
N ARG B 246 -3.38 -7.65 1.73
CA ARG B 246 -2.57 -6.65 1.06
C ARG B 246 -1.11 -6.96 1.32
N PHE B 247 -0.83 -7.50 2.50
CA PHE B 247 0.49 -7.63 3.08
C PHE B 247 1.01 -9.05 3.09
N ASN B 248 0.74 -9.82 2.04
CA ASN B 248 1.35 -11.13 2.01
C ASN B 248 2.76 -11.02 1.48
N LYS B 249 3.15 -9.82 1.08
CA LYS B 249 4.51 -9.60 0.63
C LYS B 249 5.20 -8.46 1.36
N LEU B 250 4.73 -8.09 2.56
CA LEU B 250 5.53 -7.31 3.49
C LEU B 250 6.12 -8.24 4.56
N PHE B 251 7.23 -7.81 5.16
CA PHE B 251 7.89 -8.57 6.22
C PHE B 251 7.63 -8.01 7.61
N LEU B 252 7.55 -6.69 7.72
CA LEU B 252 7.47 -6.01 9.00
C LEU B 252 6.19 -5.21 9.08
N ASN B 253 5.77 -4.97 10.31
CA ASN B 253 4.63 -4.09 10.58
C ASN B 253 5.17 -2.68 10.78
N GLU B 254 4.37 -1.78 11.36
CA GLU B 254 4.82 -0.40 11.49
C GLU B 254 5.72 -0.17 12.68
N ASP B 255 5.93 -1.17 13.54
CA ASP B 255 6.92 -1.10 14.60
C ASP B 255 8.13 -1.98 14.32
N ASP B 256 8.33 -2.34 13.06
CA ASP B 256 9.54 -3.02 12.61
C ASP B 256 9.72 -4.38 13.28
N LYS B 257 8.61 -5.07 13.60
CA LYS B 257 8.52 -6.47 14.00
C LYS B 257 7.74 -7.24 12.95
N PRO B 258 8.08 -8.50 12.68
CA PRO B 258 7.22 -9.30 11.79
C PRO B 258 5.83 -9.36 12.39
N HIS B 259 4.84 -9.52 11.52
CA HIS B 259 3.44 -9.25 11.89
C HIS B 259 3.00 -10.09 13.07
N ASN B 260 3.36 -11.36 13.08
CA ASN B 260 2.86 -12.29 14.09
C ASN B 260 3.65 -13.60 13.98
N PRO B 261 3.56 -14.45 15.01
CA PRO B 261 4.36 -15.66 15.03
C PRO B 261 3.98 -16.75 14.02
N MET B 262 2.86 -16.68 13.30
CA MET B 262 2.50 -17.79 12.42
C MET B 262 2.67 -17.45 10.95
N VAL B 263 3.52 -16.47 10.63
CA VAL B 263 3.98 -16.21 9.27
C VAL B 263 5.52 -16.29 9.29
N ASN B 264 6.11 -16.73 8.18
CA ASN B 264 7.52 -17.10 8.18
C ASN B 264 8.43 -16.04 8.81
N ALA B 265 8.25 -14.76 8.48
CA ALA B 265 9.09 -13.73 9.09
C ALA B 265 8.99 -13.79 10.61
N GLY B 266 7.78 -14.00 11.15
CA GLY B 266 7.64 -14.12 12.59
C GLY B 266 8.23 -15.40 13.15
N ALA B 267 8.07 -16.51 12.43
CA ALA B 267 8.56 -17.79 12.95
C ALA B 267 10.08 -17.80 13.08
N ILE B 268 10.77 -17.21 12.11
CA ILE B 268 12.23 -17.08 12.15
C ILE B 268 12.65 -16.33 13.41
N VAL B 269 11.98 -15.22 13.73
CA VAL B 269 12.39 -14.44 14.89
C VAL B 269 12.13 -15.22 16.19
N VAL B 270 10.99 -15.92 16.32
CA VAL B 270 10.79 -16.64 17.59
C VAL B 270 11.71 -17.84 17.65
N THR B 271 12.09 -18.41 16.49
CA THR B 271 13.15 -19.42 16.49
C THR B 271 14.43 -18.87 17.12
N SER B 272 14.72 -17.58 16.90
CA SER B 272 15.94 -16.96 17.42
C SER B 272 15.94 -16.82 18.94
N LEU B 273 14.79 -16.91 19.61
CA LEU B 273 14.71 -16.57 21.01
C LEU B 273 14.76 -17.78 21.92
N ILE B 274 14.53 -18.97 21.37
CA ILE B 274 14.58 -20.21 22.12
C ILE B 274 16.00 -20.46 22.61
N LYS B 275 16.18 -20.49 23.93
CA LYS B 275 17.40 -21.03 24.57
C LYS B 275 18.67 -20.31 24.12
N GLN B 276 18.61 -18.99 24.05
CA GLN B 276 19.74 -18.25 23.50
C GLN B 276 21.01 -18.45 24.32
N GLY B 277 22.15 -18.24 23.66
CA GLY B 277 23.44 -18.43 24.29
C GLY B 277 23.98 -19.84 24.22
N VAL B 278 23.14 -20.81 23.88
CA VAL B 278 23.51 -22.21 23.75
C VAL B 278 23.65 -22.53 22.26
N ASN B 279 24.33 -23.62 21.94
CA ASN B 279 24.52 -23.90 20.52
C ASN B 279 23.27 -24.55 19.90
N ASN B 280 23.25 -24.55 18.55
CA ASN B 280 22.08 -24.96 17.77
C ASN B 280 21.87 -26.47 17.80
N ALA B 281 22.90 -27.25 18.10
CA ALA B 281 22.69 -28.68 18.25
C ALA B 281 21.82 -29.00 19.46
N GLU B 282 22.09 -28.34 20.61
CA GLU B 282 21.31 -28.66 21.79
C GLU B 282 20.07 -27.81 21.92
N LYS B 283 20.00 -26.61 21.34
CA LYS B 283 18.73 -25.91 21.47
C LYS B 283 17.68 -26.56 20.57
N PHE B 284 18.11 -27.20 19.46
CA PHE B 284 17.21 -28.08 18.73
C PHE B 284 16.71 -29.25 19.60
N ASP B 285 17.60 -29.83 20.42
CA ASP B 285 17.19 -30.94 21.27
C ASP B 285 16.22 -30.48 22.35
N TYR B 286 16.36 -29.24 22.84
CA TYR B 286 15.45 -28.73 23.84
C TYR B 286 14.03 -28.72 23.30
N VAL B 287 13.86 -28.20 22.07
CA VAL B 287 12.54 -28.25 21.43
C VAL B 287 12.08 -29.70 21.33
N MET B 288 12.97 -30.61 20.95
CA MET B 288 12.49 -31.97 20.73
C MET B 288 12.13 -32.65 22.04
N GLN B 289 12.84 -32.34 23.13
CA GLN B 289 12.38 -32.68 24.48
C GLN B 289 10.97 -32.12 24.72
N PHE B 290 10.77 -30.87 24.31
CA PHE B 290 9.49 -30.22 24.55
C PHE B 290 8.37 -30.87 23.75
N LEU B 291 8.62 -31.14 22.46
CA LEU B 291 7.59 -31.80 21.66
C LEU B 291 7.32 -33.20 22.19
N ASN B 292 8.32 -33.84 22.78
CA ASN B 292 8.03 -35.14 23.39
C ASN B 292 7.08 -35.01 24.57
N LYS B 293 7.14 -33.90 25.32
CA LYS B 293 6.23 -33.72 26.42
C LYS B 293 4.84 -33.28 25.94
N MET B 294 4.74 -32.66 24.76
CA MET B 294 3.44 -32.27 24.24
C MET B 294 2.65 -33.45 23.70
N ALA B 295 3.34 -34.46 23.19
CA ALA B 295 2.65 -35.61 22.63
C ALA B 295 2.56 -36.77 23.62
N GLY B 296 2.78 -36.50 24.91
CA GLY B 296 2.75 -37.58 25.88
C GLY B 296 3.73 -38.67 25.56
N ASN B 297 4.82 -38.30 24.89
CA ASN B 297 5.89 -39.19 24.43
C ASN B 297 5.42 -40.16 23.35
N GLU B 298 4.45 -39.74 22.53
CA GLU B 298 4.15 -40.45 21.29
C GLU B 298 5.08 -39.95 20.18
N TYR B 299 4.85 -40.37 18.94
CA TYR B 299 5.90 -40.27 17.93
C TYR B 299 6.19 -38.82 17.55
N VAL B 300 7.42 -38.40 17.79
CA VAL B 300 7.93 -37.19 17.17
C VAL B 300 9.30 -37.50 16.61
N GLY B 301 9.41 -37.55 15.28
CA GLY B 301 10.68 -37.86 14.64
C GLY B 301 11.25 -36.75 13.79
N PHE B 302 12.10 -37.09 12.82
CA PHE B 302 12.77 -36.08 12.02
C PHE B 302 13.12 -36.67 10.66
N SER B 303 12.93 -35.85 9.64
CA SER B 303 13.19 -36.24 8.26
C SER B 303 14.31 -35.37 7.73
N ASN B 304 15.49 -35.98 7.54
CA ASN B 304 16.61 -35.22 7.04
C ASN B 304 16.42 -34.89 5.56
N ALA B 305 15.52 -35.61 4.88
CA ALA B 305 15.26 -35.36 3.46
C ALA B 305 14.77 -33.95 3.22
N THR B 306 13.77 -33.52 3.98
CA THR B 306 13.25 -32.18 3.82
C THR B 306 14.09 -31.13 4.54
N PHE B 307 14.90 -31.51 5.56
CA PHE B 307 15.81 -30.52 6.15
C PHE B 307 16.79 -29.97 5.13
N GLN B 308 17.44 -30.85 4.39
CA GLN B 308 18.35 -30.35 3.36
C GLN B 308 17.58 -29.76 2.20
N SER B 309 16.39 -30.30 1.93
CA SER B 309 15.58 -29.85 0.81
C SER B 309 14.96 -28.47 1.04
N GLU B 310 14.89 -28.02 2.28
CA GLU B 310 14.42 -26.68 2.53
C GLU B 310 15.56 -25.68 2.60
N ARG B 311 16.78 -26.15 2.84
CA ARG B 311 17.95 -25.32 2.65
C ARG B 311 18.17 -25.03 1.18
N GLU B 312 17.83 -26.00 0.31
CA GLU B 312 18.02 -25.85 -1.12
C GLU B 312 17.28 -24.65 -1.62
N SER B 313 16.01 -24.56 -1.23
CA SER B 313 14.99 -23.71 -1.81
C SER B 313 14.47 -22.72 -0.77
N GLY B 314 15.39 -22.19 0.03
CA GLY B 314 15.03 -21.17 0.98
C GLY B 314 15.65 -19.84 0.63
N ASP B 315 15.78 -19.52 -0.67
CA ASP B 315 16.32 -18.21 -1.02
C ASP B 315 15.44 -17.10 -0.45
N ARG B 316 14.11 -17.26 -0.51
CA ARG B 316 13.23 -16.31 0.18
C ARG B 316 13.45 -16.23 1.69
N ASN B 317 13.68 -17.36 2.36
CA ASN B 317 13.83 -17.25 3.81
C ASN B 317 15.10 -16.48 4.16
N PHE B 318 16.15 -16.62 3.34
CA PHE B 318 17.37 -15.85 3.53
C PHE B 318 17.12 -14.35 3.35
N ALA B 319 16.35 -13.98 2.33
CA ALA B 319 16.01 -12.58 2.17
C ALA B 319 15.37 -12.03 3.44
N ILE B 320 14.42 -12.77 4.01
CA ILE B 320 13.80 -12.34 5.26
C ILE B 320 14.86 -12.19 6.35
N GLY B 321 15.78 -13.14 6.44
CA GLY B 321 16.81 -13.05 7.46
C GLY B 321 17.70 -11.84 7.29
N TYR B 322 18.19 -11.64 6.05
CA TYR B 322 19.00 -10.46 5.80
C TYR B 322 18.17 -9.20 6.03
N TYR B 323 16.90 -9.20 5.61
CA TYR B 323 16.06 -8.03 5.92
C TYR B 323 15.94 -7.82 7.42
N LEU B 324 15.67 -8.87 8.19
CA LEU B 324 15.44 -8.63 9.61
C LEU B 324 16.75 -8.33 10.32
N LYS B 325 17.88 -8.91 9.84
CA LYS B 325 19.17 -8.56 10.42
C LYS B 325 19.46 -7.09 10.19
N GLU B 326 19.13 -6.60 9.00
CA GLU B 326 19.47 -5.22 8.66
C GLU B 326 18.59 -4.25 9.38
N LYS B 327 17.38 -4.68 9.70
CA LYS B 327 16.40 -3.83 10.34
C LYS B 327 16.35 -4.08 11.85
N LYS B 328 17.39 -4.73 12.41
CA LYS B 328 17.73 -4.80 13.84
C LYS B 328 16.69 -5.50 14.73
N CYS B 329 16.15 -6.60 14.20
CA CYS B 329 14.99 -7.31 14.73
C CYS B 329 15.34 -8.57 15.47
N PHE B 330 16.62 -8.84 15.72
CA PHE B 330 16.98 -10.05 16.45
C PHE B 330 17.53 -9.70 17.83
N PRO B 331 17.49 -10.63 18.79
CA PRO B 331 18.07 -10.37 20.11
C PRO B 331 19.58 -10.24 19.97
N GLU B 332 20.20 -9.55 20.94
CA GLU B 332 21.52 -9.06 20.61
C GLU B 332 22.48 -10.24 20.60
N GLY B 333 23.41 -10.23 19.65
CA GLY B 333 24.34 -11.33 19.50
C GLY B 333 23.78 -12.61 18.91
N THR B 334 22.76 -12.54 18.07
CA THR B 334 22.25 -13.72 17.38
C THR B 334 22.93 -13.88 16.03
N ASP B 335 23.26 -15.13 15.69
CA ASP B 335 23.90 -15.48 14.42
C ASP B 335 22.79 -15.74 13.41
N MET B 336 22.56 -14.76 12.54
CA MET B 336 21.40 -14.78 11.65
C MET B 336 21.35 -16.04 10.77
N VAL B 337 22.39 -16.29 9.98
CA VAL B 337 22.36 -17.43 9.05
C VAL B 337 22.41 -18.75 9.82
N GLY B 338 22.83 -18.70 11.08
CA GLY B 338 22.76 -19.85 11.93
C GLY B 338 21.35 -20.15 12.40
N ILE B 339 20.60 -19.10 12.75
CA ILE B 339 19.21 -19.26 13.20
C ILE B 339 18.34 -19.79 12.06
N LEU B 340 18.61 -19.39 10.82
CA LEU B 340 17.76 -19.84 9.73
C LEU B 340 17.93 -21.32 9.47
N ASP B 341 19.13 -21.84 9.72
CA ASP B 341 19.35 -23.27 9.64
C ASP B 341 18.50 -23.98 10.69
N PHE B 342 18.58 -23.51 11.94
CA PHE B 342 17.73 -24.03 13.00
C PHE B 342 16.26 -23.97 12.60
N TYR B 343 15.86 -22.90 11.91
CA TYR B 343 14.48 -22.80 11.44
C TYR B 343 14.15 -23.95 10.49
N PHE B 344 15.05 -24.27 9.55
CA PHE B 344 14.74 -25.32 8.59
C PHE B 344 14.62 -26.69 9.25
N GLN B 345 15.42 -26.97 10.31
CA GLN B 345 15.26 -28.26 10.96
C GLN B 345 13.91 -28.32 11.67
N LEU B 346 13.51 -27.24 12.36
CA LEU B 346 12.22 -27.25 13.06
C LEU B 346 11.08 -27.53 12.09
N CYS B 347 11.14 -26.97 10.88
CA CYS B 347 10.07 -27.22 9.92
C CYS B 347 10.04 -28.65 9.40
N SER B 348 11.02 -29.49 9.68
CA SER B 348 10.91 -30.85 9.22
C SER B 348 11.13 -31.82 10.37
N ILE B 349 10.57 -31.47 11.53
CA ILE B 349 10.30 -32.43 12.58
C ILE B 349 9.08 -33.26 12.17
N GLU B 350 9.18 -34.57 12.30
CA GLU B 350 8.07 -35.42 11.88
C GLU B 350 7.10 -35.68 13.04
N VAL B 351 5.84 -35.91 12.66
CA VAL B 351 4.79 -36.35 13.57
C VAL B 351 3.91 -37.31 12.79
N THR B 352 2.88 -37.80 13.45
CA THR B 352 1.76 -38.48 12.82
C THR B 352 0.51 -37.76 13.33
N CYS B 353 -0.67 -38.19 12.89
CA CYS B 353 -1.84 -37.46 13.34
C CYS B 353 -2.16 -37.84 14.78
N GLU B 354 -1.88 -39.10 15.15
CA GLU B 354 -2.10 -39.53 16.52
C GLU B 354 -1.20 -38.74 17.46
N SER B 355 0.13 -38.82 17.26
CA SER B 355 1.05 -37.95 17.99
C SER B 355 0.52 -36.52 18.03
N ALA B 356 0.28 -35.92 16.87
CA ALA B 356 -0.02 -34.49 16.86
C ALA B 356 -1.36 -34.17 17.52
N SER B 357 -2.36 -35.05 17.38
CA SER B 357 -3.61 -34.87 18.11
C SER B 357 -3.34 -34.59 19.59
N VAL B 358 -2.37 -35.30 20.18
CA VAL B 358 -2.14 -35.14 21.61
C VAL B 358 -1.55 -33.76 21.90
N MET B 359 -0.58 -33.32 21.10
CA MET B 359 -0.05 -31.97 21.29
C MET B 359 -1.13 -30.89 21.10
N ALA B 360 -2.01 -31.10 20.13
CA ALA B 360 -3.19 -30.24 20.01
C ALA B 360 -4.01 -30.27 21.30
N ALA B 361 -4.21 -31.47 21.86
CA ALA B 361 -4.99 -31.62 23.09
C ALA B 361 -4.28 -30.99 24.29
N THR B 362 -2.94 -30.96 24.29
CA THR B 362 -2.24 -30.23 25.34
C THR B 362 -2.59 -28.74 25.28
N LEU B 363 -2.69 -28.19 24.07
CA LEU B 363 -3.11 -26.80 23.91
C LEU B 363 -4.59 -26.64 24.27
N ALA B 364 -5.41 -27.65 23.97
CA ALA B 364 -6.80 -27.62 24.33
C ALA B 364 -7.04 -27.63 25.84
N ASN B 365 -6.03 -27.97 26.65
CA ASN B 365 -6.23 -28.25 28.06
C ASN B 365 -5.27 -27.44 28.93
N GLY B 366 -5.16 -26.14 28.67
CA GLY B 366 -4.40 -25.27 29.57
C GLY B 366 -2.92 -25.62 29.76
N GLY B 367 -2.33 -26.35 28.83
CA GLY B 367 -0.93 -26.67 28.93
C GLY B 367 -0.60 -27.91 29.70
N PHE B 368 -1.61 -28.69 30.10
CA PHE B 368 -1.41 -30.00 30.73
C PHE B 368 -1.69 -31.08 29.69
N CYS B 369 -0.75 -32.00 29.52
CA CYS B 369 -0.92 -33.07 28.54
C CYS B 369 -2.02 -34.02 29.00
N PRO B 370 -3.06 -34.25 28.20
CA PRO B 370 -4.23 -35.01 28.70
C PRO B 370 -3.97 -36.49 28.96
N ILE B 371 -2.95 -37.12 28.36
CA ILE B 371 -2.72 -38.54 28.59
C ILE B 371 -1.57 -38.81 29.55
N THR B 372 -0.98 -37.79 30.17
CA THR B 372 0.05 -38.03 31.17
C THR B 372 -0.18 -37.28 32.47
N GLY B 373 -0.91 -36.16 32.41
CA GLY B 373 -1.16 -35.29 33.54
C GLY B 373 -0.05 -34.32 33.90
N GLU B 374 1.08 -34.33 33.17
CA GLU B 374 2.14 -33.34 33.35
C GLU B 374 1.82 -32.00 32.67
N ARG B 375 2.19 -30.92 33.37
CA ARG B 375 1.99 -29.57 32.86
C ARG B 375 3.22 -29.17 32.04
N VAL B 376 2.95 -28.83 30.80
CA VAL B 376 3.96 -28.65 29.77
C VAL B 376 4.14 -27.18 29.45
N LEU B 377 3.04 -26.46 29.29
CA LEU B 377 3.08 -25.06 28.89
C LEU B 377 2.32 -24.22 29.89
N SER B 378 2.85 -23.03 30.16
CA SER B 378 2.20 -22.09 31.06
C SER B 378 0.83 -21.72 30.49
N PRO B 379 -0.16 -21.47 31.35
CA PRO B 379 -1.45 -21.06 30.82
C PRO B 379 -1.32 -19.82 29.96
N GLU B 380 -0.44 -18.89 30.35
CA GLU B 380 -0.17 -17.70 29.54
C GLU B 380 0.25 -18.08 28.13
N ALA B 381 1.15 -19.07 28.01
CA ALA B 381 1.64 -19.46 26.69
C ALA B 381 0.54 -20.12 25.86
N VAL B 382 -0.37 -20.88 26.49
CA VAL B 382 -1.33 -21.62 25.70
C VAL B 382 -2.48 -20.68 25.32
N ARG B 383 -2.66 -19.59 26.09
CA ARG B 383 -3.62 -18.59 25.68
C ARG B 383 -3.07 -17.79 24.52
N ASN B 384 -1.85 -17.27 24.68
CA ASN B 384 -1.25 -16.46 23.63
C ASN B 384 -1.24 -17.23 22.32
N THR B 385 -0.82 -18.50 22.37
CA THR B 385 -0.78 -19.33 21.16
C THR B 385 -2.16 -19.54 20.58
N LEU B 386 -3.13 -19.93 21.42
CA LEU B 386 -4.47 -20.17 20.92
C LEU B 386 -5.06 -18.89 20.36
N SER B 387 -4.61 -17.74 20.87
CA SER B 387 -5.15 -16.48 20.40
C SER B 387 -4.68 -16.16 19.00
N LEU B 388 -3.44 -16.50 18.66
CA LEU B 388 -2.92 -16.17 17.35
C LEU B 388 -3.10 -17.27 16.30
N MET B 389 -3.34 -18.52 16.72
CA MET B 389 -3.71 -19.52 15.72
C MET B 389 -5.08 -19.22 15.14
N HIS B 390 -5.92 -18.54 15.91
CA HIS B 390 -7.23 -18.09 15.44
C HIS B 390 -7.10 -17.07 14.31
N SER B 391 -6.46 -15.93 14.61
CA SER B 391 -6.34 -14.84 13.65
C SER B 391 -5.44 -15.18 12.47
N CYS B 392 -4.36 -15.95 12.68
CA CYS B 392 -3.30 -16.00 11.67
C CYS B 392 -2.98 -17.41 11.19
N GLY B 393 -3.77 -18.40 11.57
CA GLY B 393 -3.29 -19.76 11.45
C GLY B 393 -3.44 -20.43 10.10
N MET B 394 -4.20 -19.84 9.18
CA MET B 394 -4.40 -20.49 7.88
C MET B 394 -3.91 -19.60 6.76
N TYR B 395 -2.87 -18.82 7.04
CA TYR B 395 -2.24 -17.94 6.04
C TYR B 395 -3.32 -16.95 5.59
N ASP B 396 -3.59 -16.80 4.30
CA ASP B 396 -4.53 -15.75 3.89
C ASP B 396 -5.98 -16.13 4.13
N PHE B 397 -6.27 -17.41 4.34
CA PHE B 397 -7.63 -17.86 4.59
C PHE B 397 -7.99 -17.77 6.07
N SER B 398 -7.15 -17.12 6.90
CA SER B 398 -7.39 -17.15 8.35
C SER B 398 -8.53 -16.22 8.78
N GLY B 399 -8.76 -15.11 8.06
CA GLY B 399 -9.93 -14.31 8.33
C GLY B 399 -11.23 -15.03 8.01
N GLN B 400 -11.29 -15.70 6.85
CA GLN B 400 -12.48 -16.47 6.53
C GLN B 400 -12.62 -17.64 7.47
N PHE B 401 -11.49 -18.22 7.88
CA PHE B 401 -11.51 -19.30 8.86
C PHE B 401 -12.07 -18.80 10.18
N ALA B 402 -11.49 -17.71 10.71
CA ALA B 402 -11.92 -17.21 12.02
C ALA B 402 -13.42 -16.95 12.04
N PHE B 403 -14.00 -16.63 10.89
CA PHE B 403 -15.42 -16.33 10.83
C PHE B 403 -16.27 -17.60 10.80
N HIS B 404 -15.97 -18.53 9.88
CA HIS B 404 -16.84 -19.67 9.59
C HIS B 404 -16.58 -20.92 10.43
N VAL B 405 -15.44 -21.03 11.13
CA VAL B 405 -15.18 -22.21 11.97
C VAL B 405 -14.80 -21.82 13.40
N GLY B 406 -14.18 -20.65 13.56
CA GLY B 406 -13.91 -20.11 14.89
C GLY B 406 -13.07 -20.97 15.81
N LEU B 407 -12.22 -21.83 15.27
CA LEU B 407 -11.37 -22.66 16.10
C LEU B 407 -9.91 -22.30 15.89
N PRO B 408 -9.10 -22.27 16.95
CA PRO B 408 -7.65 -22.15 16.74
C PRO B 408 -7.18 -23.32 15.89
N ALA B 409 -6.47 -23.00 14.82
CA ALA B 409 -5.98 -24.02 13.93
C ALA B 409 -4.67 -23.53 13.33
N LYS B 410 -3.89 -24.46 12.77
CA LYS B 410 -2.64 -24.11 12.12
C LYS B 410 -2.40 -25.11 11.00
N SER B 411 -2.17 -24.62 9.79
CA SER B 411 -1.81 -25.51 8.71
C SER B 411 -0.34 -25.34 8.35
N GLY B 412 0.17 -26.37 7.67
CA GLY B 412 1.52 -26.36 7.13
C GLY B 412 1.52 -27.04 5.78
N VAL B 413 2.61 -26.85 5.05
CA VAL B 413 2.62 -27.26 3.64
C VAL B 413 2.66 -28.77 3.44
N ALA B 414 2.91 -29.56 4.49
CA ALA B 414 2.92 -31.01 4.35
C ALA B 414 1.54 -31.62 4.14
N GLY B 415 0.48 -30.87 4.44
CA GLY B 415 -0.87 -31.36 4.35
C GLY B 415 -1.60 -31.49 5.68
N GLY B 416 -1.03 -30.95 6.75
CA GLY B 416 -1.61 -31.07 8.07
C GLY B 416 -2.35 -29.83 8.49
N ILE B 417 -3.35 -30.02 9.34
CA ILE B 417 -3.96 -28.93 10.09
C ILE B 417 -4.07 -29.37 11.55
N LEU B 418 -3.42 -28.63 12.43
CA LEU B 418 -3.45 -28.88 13.87
C LEU B 418 -4.61 -28.08 14.46
N LEU B 419 -5.62 -28.77 14.96
CA LEU B 419 -6.88 -28.16 15.37
C LEU B 419 -7.07 -28.26 16.88
N VAL B 420 -7.49 -27.17 17.50
CA VAL B 420 -7.75 -27.11 18.94
C VAL B 420 -9.19 -26.67 19.17
N VAL B 421 -10.02 -27.53 19.76
CA VAL B 421 -11.28 -27.08 20.33
C VAL B 421 -11.10 -26.89 21.83
N PRO B 422 -10.98 -25.67 22.32
CA PRO B 422 -10.65 -25.46 23.74
C PRO B 422 -11.60 -26.18 24.69
N ASN B 423 -11.03 -26.76 25.74
CA ASN B 423 -11.75 -27.48 26.80
C ASN B 423 -12.42 -28.75 26.31
N VAL B 424 -12.15 -29.19 25.08
CA VAL B 424 -12.81 -30.36 24.53
C VAL B 424 -11.81 -31.37 24.00
N MET B 425 -11.02 -30.94 23.02
CA MET B 425 -10.41 -31.89 22.10
C MET B 425 -9.19 -31.26 21.43
N GLY B 426 -8.26 -32.11 21.03
CA GLY B 426 -7.22 -31.71 20.11
C GLY B 426 -7.35 -32.57 18.87
N MET B 427 -6.84 -32.12 17.73
CA MET B 427 -6.97 -32.90 16.52
C MET B 427 -5.79 -32.64 15.61
N MET B 428 -5.55 -33.58 14.70
CA MET B 428 -4.64 -33.37 13.58
C MET B 428 -5.25 -34.05 12.37
N CYS B 429 -5.48 -33.27 11.30
CA CYS B 429 -5.94 -33.80 10.02
C CYS B 429 -4.80 -33.68 9.02
N TRP B 430 -4.64 -34.70 8.18
CA TRP B 430 -3.53 -34.74 7.22
C TRP B 430 -4.05 -35.29 5.90
N SER B 431 -3.99 -34.47 4.85
CA SER B 431 -4.11 -34.94 3.47
C SER B 431 -3.24 -34.03 2.61
N PRO B 432 -2.26 -34.58 1.90
CA PRO B 432 -1.18 -33.76 1.32
C PRO B 432 -1.64 -32.80 0.22
N PRO B 433 -2.68 -33.12 -0.57
CA PRO B 433 -3.13 -32.15 -1.59
C PRO B 433 -3.57 -30.82 -0.98
N LEU B 434 -2.91 -29.74 -1.39
CA LEU B 434 -3.24 -28.40 -0.94
C LEU B 434 -4.11 -27.68 -1.97
N ASP B 435 -4.77 -26.62 -1.50
CA ASP B 435 -5.52 -25.72 -2.36
C ASP B 435 -4.59 -24.64 -2.93
N LYS B 436 -5.16 -23.55 -3.43
CA LYS B 436 -4.34 -22.50 -4.00
C LYS B 436 -4.03 -21.42 -2.97
N MET B 437 -4.20 -21.72 -1.69
CA MET B 437 -3.68 -20.89 -0.61
C MET B 437 -2.73 -21.60 0.35
N GLY B 438 -2.58 -22.91 0.25
CA GLY B 438 -1.65 -23.64 1.11
C GLY B 438 -2.24 -24.52 2.20
N ASN B 439 -3.56 -24.66 2.29
CA ASN B 439 -4.23 -25.47 3.30
C ASN B 439 -4.66 -26.81 2.72
N SER B 440 -4.40 -27.89 3.47
CA SER B 440 -4.97 -29.18 3.09
C SER B 440 -6.42 -28.99 2.65
N VAL B 441 -6.72 -29.41 1.42
CA VAL B 441 -8.05 -29.18 0.86
C VAL B 441 -9.07 -29.95 1.68
N LYS B 442 -8.79 -31.24 1.91
CA LYS B 442 -9.70 -32.09 2.67
C LYS B 442 -9.71 -31.70 4.13
N GLY B 443 -8.61 -31.10 4.59
CA GLY B 443 -8.58 -30.63 5.97
C GLY B 443 -9.56 -29.51 6.20
N ILE B 444 -9.57 -28.53 5.29
CA ILE B 444 -10.46 -27.40 5.43
C ILE B 444 -11.91 -27.83 5.32
N HIS B 445 -12.23 -28.69 4.35
CA HIS B 445 -13.57 -29.22 4.24
C HIS B 445 -14.00 -29.87 5.56
N PHE B 446 -13.08 -30.59 6.21
CA PHE B 446 -13.42 -31.26 7.45
C PHE B 446 -13.76 -30.28 8.56
N CYS B 447 -12.98 -29.21 8.69
CA CYS B 447 -13.24 -28.31 9.80
C CYS B 447 -14.45 -27.44 9.56
N HIS B 448 -14.86 -27.26 8.31
CA HIS B 448 -16.17 -26.68 8.06
C HIS B 448 -17.26 -27.64 8.52
N ASP B 449 -17.19 -28.89 8.06
CA ASP B 449 -18.16 -29.88 8.49
C ASP B 449 -18.13 -30.12 9.99
N LEU B 450 -16.97 -29.94 10.65
CA LEU B 450 -16.91 -30.17 12.10
C LEU B 450 -17.80 -29.20 12.84
N VAL B 451 -17.69 -27.92 12.49
CA VAL B 451 -18.49 -26.89 13.13
C VAL B 451 -19.83 -26.67 12.44
N SER B 452 -20.03 -27.14 11.20
CA SER B 452 -21.39 -27.20 10.68
C SER B 452 -22.32 -28.04 11.57
N LEU B 453 -21.78 -29.02 12.30
CA LEU B 453 -22.60 -30.06 12.90
C LEU B 453 -22.55 -30.06 14.40
N CYS B 454 -21.43 -29.69 15.00
CA CYS B 454 -21.32 -29.54 16.45
C CYS B 454 -21.08 -28.08 16.81
N ASN B 455 -21.58 -27.67 17.96
CA ASN B 455 -21.50 -26.28 18.39
C ASN B 455 -20.11 -25.96 18.96
N PHE B 456 -19.06 -26.23 18.18
CA PHE B 456 -17.69 -26.03 18.66
C PHE B 456 -17.11 -24.66 18.30
N HIS B 457 -17.75 -23.91 17.39
CA HIS B 457 -17.30 -22.55 17.10
C HIS B 457 -17.24 -21.74 18.39
N ASN B 458 -16.31 -20.79 18.39
CA ASN B 458 -15.98 -20.06 19.59
C ASN B 458 -16.88 -18.89 19.88
N TYR B 459 -17.95 -18.72 19.10
CA TYR B 459 -18.96 -17.75 19.45
C TYR B 459 -20.33 -18.37 19.19
N ASP B 460 -20.39 -19.71 19.32
CA ASP B 460 -21.66 -20.34 19.64
C ASP B 460 -21.91 -20.14 21.12
N ASN B 461 -23.14 -20.41 21.53
CA ASN B 461 -23.52 -20.38 22.92
C ASN B 461 -23.85 -21.82 23.29
N LEU B 462 -23.50 -22.24 24.52
CA LEU B 462 -23.70 -23.63 24.92
C LEU B 462 -25.13 -23.90 25.38
N ARG B 463 -25.97 -22.86 25.42
CA ARG B 463 -27.38 -22.89 25.78
C ARG B 463 -28.29 -22.89 24.55
N HIS B 464 -28.19 -21.92 23.62
CA HIS B 464 -28.99 -22.03 22.40
C HIS B 464 -28.12 -22.00 21.17
N PHE B 465 -28.22 -23.09 20.40
CA PHE B 465 -27.36 -23.34 19.26
C PHE B 465 -28.11 -23.98 18.10
N ALA B 466 -29.42 -23.69 17.95
CA ALA B 466 -30.17 -23.97 16.72
C ALA B 466 -30.19 -25.46 16.41
N LYS B 467 -29.75 -25.90 15.22
CA LYS B 467 -29.93 -27.26 14.73
C LYS B 467 -28.66 -28.11 14.78
N LYS B 468 -27.62 -27.70 15.52
CA LYS B 468 -26.43 -28.54 15.62
C LYS B 468 -26.42 -29.29 16.96
N LEU B 469 -25.64 -30.37 17.02
CA LEU B 469 -25.51 -31.24 18.19
C LEU B 469 -24.41 -30.77 19.14
N ASP B 470 -24.50 -31.23 20.40
CA ASP B 470 -23.49 -30.98 21.44
C ASP B 470 -23.00 -32.28 22.06
N PRO B 471 -21.83 -32.78 21.67
CA PRO B 471 -21.31 -34.01 22.27
C PRO B 471 -20.85 -33.88 23.72
N ARG B 472 -20.91 -32.70 24.35
CA ARG B 472 -20.56 -32.54 25.76
C ARG B 472 -21.67 -32.95 26.74
N ARG B 473 -22.84 -33.39 26.26
CA ARG B 473 -23.96 -33.73 27.14
C ARG B 473 -24.45 -35.15 26.83
N GLU B 474 -25.61 -35.53 27.40
CA GLU B 474 -26.10 -36.90 27.40
C GLU B 474 -26.68 -37.22 26.02
N GLY B 475 -27.98 -37.53 25.92
CA GLY B 475 -28.56 -37.89 24.65
C GLY B 475 -29.74 -37.07 24.18
N PRO C 66 -43.53 -34.80 48.13
CA PRO C 66 -42.60 -33.76 47.68
C PRO C 66 -43.31 -32.70 46.84
N SER C 67 -42.63 -31.58 46.50
CA SER C 67 -43.00 -30.55 45.52
C SER C 67 -42.11 -29.32 45.76
N LEU C 68 -41.89 -28.49 44.72
CA LEU C 68 -40.75 -27.56 44.72
C LEU C 68 -41.07 -26.29 45.51
N GLU C 69 -42.37 -25.92 45.63
CA GLU C 69 -42.72 -24.72 46.39
C GLU C 69 -42.53 -24.88 47.89
N ASP C 70 -42.74 -26.09 48.42
CA ASP C 70 -42.60 -26.30 49.84
C ASP C 70 -41.14 -26.36 50.24
N LEU C 71 -40.36 -27.21 49.57
CA LEU C 71 -38.94 -27.27 49.93
C LEU C 71 -38.30 -25.90 49.87
N LEU C 72 -38.67 -25.07 48.88
CA LEU C 72 -38.11 -23.72 48.84
C LEU C 72 -38.49 -22.96 50.10
N PHE C 73 -39.63 -23.28 50.71
CA PHE C 73 -40.03 -22.64 51.95
C PHE C 73 -38.99 -22.92 53.03
N TYR C 74 -38.58 -24.18 53.16
CA TYR C 74 -37.63 -24.68 54.14
C TYR C 74 -36.19 -24.33 53.82
N THR C 75 -35.88 -23.95 52.58
CA THR C 75 -34.57 -23.40 52.27
C THR C 75 -34.42 -22.00 52.85
N ILE C 76 -35.51 -21.23 52.82
CA ILE C 76 -35.53 -19.87 53.36
C ILE C 76 -36.17 -19.79 54.75
N ALA C 77 -37.14 -20.67 55.07
CA ALA C 77 -37.99 -20.49 56.25
C ALA C 77 -37.26 -20.68 57.55
N GLU C 78 -36.08 -21.28 57.53
CA GLU C 78 -35.28 -21.42 58.73
C GLU C 78 -35.98 -22.32 59.75
N GLY C 79 -36.79 -23.27 59.28
CA GLY C 79 -37.51 -24.13 60.18
C GLY C 79 -38.74 -23.51 60.85
N GLN C 80 -38.77 -22.19 61.02
CA GLN C 80 -39.90 -21.47 61.58
C GLN C 80 -41.14 -21.70 60.73
N GLU C 81 -42.34 -21.31 61.17
CA GLU C 81 -43.48 -21.70 60.35
C GLU C 81 -44.07 -20.55 59.52
N LYS C 82 -43.58 -19.30 59.66
CA LYS C 82 -43.92 -18.17 58.78
C LYS C 82 -42.64 -17.46 58.33
N ILE C 83 -42.69 -16.75 57.19
CA ILE C 83 -41.57 -15.96 56.70
C ILE C 83 -42.08 -14.53 56.58
N PRO C 84 -41.38 -13.51 57.12
CA PRO C 84 -41.78 -12.13 56.82
C PRO C 84 -41.60 -11.87 55.33
N VAL C 85 -42.50 -11.07 54.76
CA VAL C 85 -42.41 -10.80 53.34
C VAL C 85 -41.17 -9.99 53.03
N HIS C 86 -40.64 -9.22 53.97
CA HIS C 86 -39.54 -8.33 53.64
C HIS C 86 -38.20 -9.04 53.51
N LYS C 87 -38.04 -10.18 54.18
CA LYS C 87 -36.79 -10.92 54.10
C LYS C 87 -36.81 -12.09 53.12
N PHE C 88 -37.97 -12.38 52.49
CA PHE C 88 -37.94 -13.24 51.31
C PHE C 88 -37.31 -12.52 50.12
N ILE C 89 -37.67 -11.25 49.92
CA ILE C 89 -37.14 -10.51 48.79
C ILE C 89 -35.70 -10.06 49.09
N THR C 90 -35.36 -9.80 50.38
CA THR C 90 -33.98 -9.46 50.70
C THR C 90 -33.05 -10.63 50.41
N ALA C 91 -33.52 -11.88 50.59
CA ALA C 91 -32.79 -13.05 50.13
C ALA C 91 -32.67 -13.07 48.61
N LEU C 92 -33.76 -12.80 47.92
CA LEU C 92 -33.73 -12.89 46.46
C LEU C 92 -32.93 -11.77 45.82
N LYS C 93 -32.87 -10.61 46.48
CA LYS C 93 -32.13 -9.47 45.98
C LYS C 93 -30.62 -9.65 46.11
N SER C 94 -30.17 -10.51 47.01
CA SER C 94 -28.76 -10.84 47.16
C SER C 94 -28.34 -11.97 46.25
N THR C 95 -29.30 -12.58 45.54
CA THR C 95 -29.01 -13.47 44.42
C THR C 95 -28.47 -12.73 43.21
N GLY C 96 -28.79 -11.45 43.07
CA GLY C 96 -28.42 -10.65 41.91
C GLY C 96 -29.60 -10.15 41.10
N LEU C 97 -30.73 -10.87 41.12
CA LEU C 97 -31.95 -10.37 40.49
C LEU C 97 -32.52 -9.22 41.28
N ARG C 98 -33.12 -8.26 40.60
CA ARG C 98 -33.91 -7.24 41.28
C ARG C 98 -35.40 -7.56 41.18
N THR C 99 -36.18 -7.02 42.12
CA THR C 99 -37.60 -7.36 42.17
C THR C 99 -38.36 -6.89 40.93
N SER C 100 -37.74 -6.08 40.09
CA SER C 100 -38.31 -5.60 38.85
C SER C 100 -38.36 -6.65 37.74
N ASP C 101 -37.77 -7.84 37.94
CA ASP C 101 -37.52 -8.75 36.83
C ASP C 101 -38.83 -9.05 36.10
N PRO C 102 -38.89 -8.84 34.79
CA PRO C 102 -40.11 -9.13 34.03
C PRO C 102 -40.63 -10.53 34.27
N ARG C 103 -39.72 -11.49 34.39
CA ARG C 103 -40.16 -12.84 34.66
C ARG C 103 -40.48 -13.03 36.13
N LEU C 104 -40.50 -11.98 36.94
CA LEU C 104 -40.95 -12.15 38.31
C LEU C 104 -42.21 -11.36 38.60
N LYS C 105 -42.84 -10.76 37.57
CA LYS C 105 -43.88 -9.79 37.85
C LYS C 105 -45.10 -10.47 38.48
N GLU C 106 -45.54 -11.59 37.90
CA GLU C 106 -46.66 -12.33 38.48
C GLU C 106 -46.37 -12.74 39.93
N CYS C 107 -45.11 -13.01 40.26
CA CYS C 107 -44.77 -13.36 41.63
C CYS C 107 -44.97 -12.19 42.59
N MET C 108 -44.55 -11.00 42.20
CA MET C 108 -44.67 -9.88 43.11
C MET C 108 -46.01 -9.18 42.99
N ASP C 109 -46.76 -9.43 41.90
CA ASP C 109 -48.17 -9.07 41.87
C ASP C 109 -48.94 -9.86 42.91
N MET C 110 -48.70 -11.17 42.97
CA MET C 110 -49.40 -12.03 43.91
C MET C 110 -48.77 -11.95 45.28
N LEU C 111 -47.93 -10.95 45.54
CA LEU C 111 -47.29 -10.76 46.83
C LEU C 111 -47.52 -9.41 47.47
N ARG C 112 -47.60 -8.31 46.73
CA ARG C 112 -47.93 -7.10 47.46
C ARG C 112 -49.41 -6.76 47.46
N LEU C 113 -50.23 -7.33 46.57
CA LEU C 113 -51.66 -7.22 46.82
C LEU C 113 -52.11 -8.30 47.79
N THR C 114 -51.24 -9.29 48.04
CA THR C 114 -51.40 -10.18 49.19
C THR C 114 -50.84 -9.52 50.45
N LEU C 115 -49.90 -8.59 50.26
CA LEU C 115 -49.42 -7.71 51.33
C LEU C 115 -50.54 -6.88 51.92
N GLN C 116 -51.51 -6.44 51.12
CA GLN C 116 -52.62 -5.65 51.66
C GLN C 116 -53.95 -6.40 51.69
N THR C 117 -53.95 -7.72 51.45
CA THR C 117 -55.13 -8.55 51.66
C THR C 117 -55.50 -8.57 53.13
N THR C 118 -54.54 -8.95 53.96
CA THR C 118 -54.64 -8.88 55.40
C THR C 118 -53.46 -7.99 55.78
N SER C 119 -53.71 -6.68 55.79
CA SER C 119 -52.64 -5.71 55.89
C SER C 119 -51.90 -5.73 57.19
N ASP C 120 -52.03 -6.66 58.14
CA ASP C 120 -50.89 -7.00 58.98
C ASP C 120 -51.11 -8.33 59.69
N GLY C 121 -49.98 -8.91 60.11
CA GLY C 121 -49.72 -10.33 60.03
C GLY C 121 -48.96 -10.57 58.74
N VAL C 122 -48.08 -9.64 58.34
CA VAL C 122 -47.51 -9.59 56.98
C VAL C 122 -46.45 -10.67 56.73
N MET C 123 -46.73 -11.87 57.23
CA MET C 123 -45.84 -13.01 57.05
C MET C 123 -46.60 -14.08 56.28
N LEU C 124 -45.86 -14.93 55.58
CA LEU C 124 -46.45 -15.95 54.73
C LEU C 124 -46.29 -17.31 55.38
N ASP C 125 -47.27 -18.18 55.14
CA ASP C 125 -47.15 -19.59 55.53
C ASP C 125 -46.94 -20.34 54.22
N LYS C 126 -46.68 -21.64 54.33
CA LYS C 126 -46.24 -22.35 53.13
C LYS C 126 -47.32 -22.45 52.04
N ASP C 127 -48.60 -22.43 52.43
CA ASP C 127 -49.70 -22.32 51.49
C ASP C 127 -49.67 -21.06 50.65
N LEU C 128 -49.77 -19.93 51.34
CA LEU C 128 -49.69 -18.60 50.74
C LEU C 128 -48.43 -18.46 49.90
N PHE C 129 -47.29 -18.83 50.47
CA PHE C 129 -46.05 -18.93 49.72
C PHE C 129 -46.26 -19.77 48.47
N LYS C 130 -46.94 -20.93 48.63
CA LYS C 130 -47.04 -21.89 47.55
C LYS C 130 -47.58 -21.25 46.28
N LYS C 131 -48.61 -20.43 46.39
CA LYS C 131 -49.19 -19.79 45.22
C LYS C 131 -48.92 -18.29 45.17
N CYS C 132 -47.72 -17.88 45.57
CA CYS C 132 -47.10 -16.63 45.15
C CYS C 132 -45.88 -16.88 44.27
N VAL C 133 -45.28 -18.05 44.44
CA VAL C 133 -44.10 -18.45 43.68
C VAL C 133 -44.40 -19.59 42.73
N GLN C 134 -45.58 -20.19 42.82
CA GLN C 134 -46.00 -21.18 41.84
C GLN C 134 -45.85 -20.62 40.42
N SER C 135 -46.08 -19.32 40.20
CA SER C 135 -45.88 -18.79 38.85
C SER C 135 -44.47 -19.09 38.34
N ASN C 136 -43.44 -18.57 39.00
CA ASN C 136 -42.13 -18.74 38.37
C ASN C 136 -41.18 -19.67 39.10
N ILE C 137 -41.69 -20.78 39.62
CA ILE C 137 -40.92 -21.53 40.61
C ILE C 137 -39.74 -22.23 39.97
N VAL C 138 -39.68 -22.30 38.63
CA VAL C 138 -38.48 -22.84 37.98
C VAL C 138 -37.29 -21.91 38.17
N LEU C 139 -37.52 -20.62 38.00
CA LEU C 139 -36.46 -19.62 38.16
C LEU C 139 -36.27 -19.25 39.62
N LEU C 140 -37.34 -19.28 40.41
CA LEU C 140 -37.17 -18.98 41.82
C LEU C 140 -36.28 -20.01 42.51
N THR C 141 -36.42 -21.30 42.19
CA THR C 141 -35.57 -22.29 42.82
C THR C 141 -34.12 -22.09 42.38
N GLN C 142 -33.88 -21.85 41.10
CA GLN C 142 -32.50 -21.82 40.68
C GLN C 142 -31.77 -20.58 41.18
N ALA C 143 -32.51 -19.50 41.50
CA ALA C 143 -31.90 -18.37 42.19
C ALA C 143 -31.49 -18.71 43.62
N PHE C 144 -32.32 -19.44 44.36
CA PHE C 144 -32.03 -19.69 45.77
C PHE C 144 -31.09 -20.87 45.97
N ARG C 145 -31.09 -21.78 45.02
CA ARG C 145 -30.19 -22.92 45.06
C ARG C 145 -28.80 -22.65 44.47
N ARG C 146 -28.46 -21.40 44.23
CA ARG C 146 -27.22 -20.99 43.58
C ARG C 146 -26.90 -21.82 42.32
N LYS C 147 -27.86 -21.90 41.40
CA LYS C 147 -27.57 -22.55 40.13
C LYS C 147 -27.53 -21.55 38.98
N PHE C 148 -27.21 -20.32 39.31
CA PHE C 148 -26.94 -19.34 38.28
C PHE C 148 -25.46 -19.41 37.86
N VAL C 149 -25.17 -18.84 36.68
CA VAL C 149 -23.85 -19.05 36.12
C VAL C 149 -22.77 -18.30 36.89
N ILE C 150 -23.13 -17.30 37.68
CA ILE C 150 -22.27 -16.76 38.72
C ILE C 150 -22.98 -16.96 40.04
N PRO C 151 -22.69 -18.03 40.76
CA PRO C 151 -23.49 -18.36 41.94
C PRO C 151 -23.31 -17.40 43.11
N ASP C 152 -22.07 -17.05 43.44
CA ASP C 152 -21.82 -16.05 44.48
C ASP C 152 -21.75 -14.70 43.79
N PHE C 153 -22.92 -14.15 43.48
CA PHE C 153 -22.91 -12.95 42.68
C PHE C 153 -22.45 -11.74 43.48
N MET C 154 -22.42 -11.81 44.79
CA MET C 154 -22.10 -10.59 45.53
C MET C 154 -20.65 -10.55 46.00
N SER C 155 -19.91 -11.66 45.94
CA SER C 155 -18.45 -11.59 45.86
C SER C 155 -18.00 -11.04 44.51
N PHE C 156 -18.68 -11.43 43.42
CA PHE C 156 -18.30 -10.98 42.09
C PHE C 156 -18.42 -9.46 41.96
N THR C 157 -19.51 -8.88 42.48
CA THR C 157 -19.69 -7.43 42.36
C THR C 157 -18.61 -6.68 43.13
N SER C 158 -18.14 -7.24 44.25
CA SER C 158 -17.12 -6.53 45.01
C SER C 158 -15.81 -6.47 44.23
N HIS C 159 -15.62 -7.38 43.27
CA HIS C 159 -14.50 -7.26 42.34
C HIS C 159 -14.82 -6.31 41.19
N ILE C 160 -16.07 -6.30 40.70
CA ILE C 160 -16.45 -5.31 39.69
C ILE C 160 -16.30 -3.89 40.26
N ASP C 161 -16.67 -3.71 41.54
CA ASP C 161 -16.50 -2.42 42.19
C ASP C 161 -15.04 -2.02 42.29
N GLU C 162 -14.15 -2.99 42.52
CA GLU C 162 -12.71 -2.71 42.57
C GLU C 162 -12.20 -2.30 41.20
N LEU C 163 -12.71 -2.94 40.15
CA LEU C 163 -12.32 -2.59 38.80
C LEU C 163 -12.89 -1.23 38.40
N TYR C 164 -14.12 -0.92 38.82
CA TYR C 164 -14.62 0.43 38.58
C TYR C 164 -13.69 1.45 39.21
N GLU C 165 -13.37 1.27 40.49
CA GLU C 165 -12.51 2.25 41.16
C GLU C 165 -11.10 2.16 40.64
N SER C 166 -10.72 1.01 40.06
CA SER C 166 -9.41 0.89 39.44
C SER C 166 -9.25 1.95 38.35
N ALA C 167 -10.13 1.94 37.36
CA ALA C 167 -10.08 2.87 36.23
C ALA C 167 -10.49 4.28 36.60
N LYS C 168 -11.11 4.50 37.76
CA LYS C 168 -11.63 5.83 38.07
C LYS C 168 -10.53 6.88 38.21
N LYS C 169 -9.29 6.44 38.44
CA LYS C 169 -8.19 7.38 38.63
C LYS C 169 -7.22 7.44 37.46
N GLN C 170 -7.74 7.40 36.22
CA GLN C 170 -6.95 7.62 34.98
C GLN C 170 -7.48 8.90 34.32
N SER C 171 -6.80 10.02 34.63
CA SER C 171 -7.14 11.34 34.11
C SER C 171 -7.24 11.40 32.60
N GLY C 172 -6.44 10.59 31.90
CA GLY C 172 -6.21 10.79 30.48
C GLY C 172 -7.48 10.79 29.63
N GLY C 173 -7.28 11.23 28.39
CA GLY C 173 -8.28 11.27 27.34
C GLY C 173 -8.73 12.69 27.00
N LYS C 174 -9.36 12.80 25.84
CA LYS C 174 -10.05 14.02 25.41
C LYS C 174 -11.41 13.63 24.84
N VAL C 175 -12.45 14.43 25.20
CA VAL C 175 -13.81 14.10 24.77
C VAL C 175 -14.02 14.61 23.35
N ALA C 176 -14.87 13.92 22.61
CA ALA C 176 -15.23 14.32 21.24
C ALA C 176 -16.18 15.52 21.23
N ASP C 177 -15.70 16.70 20.85
CA ASP C 177 -16.59 17.85 20.74
C ASP C 177 -17.64 17.58 19.65
N SER C 186 -19.06 20.59 36.92
CA SER C 186 -18.77 19.72 35.78
C SER C 186 -17.79 18.60 36.14
N PRO C 187 -18.32 17.41 36.52
CA PRO C 187 -17.41 16.34 36.94
C PRO C 187 -17.14 15.30 35.86
N ASP C 188 -16.54 14.20 36.30
CA ASP C 188 -16.10 13.11 35.43
C ASP C 188 -17.20 12.07 35.31
N LEU C 189 -17.61 11.76 34.09
CA LEU C 189 -18.65 10.76 33.96
C LEU C 189 -17.97 9.42 33.73
N TRP C 190 -18.59 8.38 34.28
CA TRP C 190 -18.01 7.05 34.31
C TRP C 190 -19.01 6.05 34.90
N GLY C 191 -19.32 4.98 34.17
CA GLY C 191 -20.29 4.01 34.63
C GLY C 191 -20.10 2.68 33.95
N VAL C 192 -20.42 1.62 34.68
CA VAL C 192 -20.36 0.26 34.16
C VAL C 192 -21.48 -0.56 34.79
N SER C 193 -22.20 -1.30 33.96
CA SER C 193 -23.32 -2.13 34.39
C SER C 193 -23.17 -3.52 33.80
N VAL C 194 -23.70 -4.50 34.54
CA VAL C 194 -23.58 -5.91 34.18
C VAL C 194 -24.96 -6.54 34.24
N CYS C 195 -25.19 -7.46 33.31
CA CYS C 195 -26.39 -8.30 33.34
C CYS C 195 -25.95 -9.68 32.87
N THR C 196 -26.14 -10.67 33.73
CA THR C 196 -25.58 -11.98 33.44
C THR C 196 -26.50 -12.75 32.52
N ALA C 197 -26.01 -13.87 32.01
CA ALA C 197 -26.81 -14.70 31.12
C ALA C 197 -28.07 -15.23 31.79
N ASP C 198 -28.22 -15.03 33.11
CA ASP C 198 -29.37 -15.47 33.86
C ASP C 198 -30.22 -14.33 34.41
N GLY C 199 -29.84 -13.08 34.12
CA GLY C 199 -30.59 -11.92 34.57
C GLY C 199 -30.04 -11.23 35.80
N GLN C 200 -28.95 -11.71 36.37
CA GLN C 200 -28.37 -11.04 37.54
C GLN C 200 -27.77 -9.69 37.15
N ARG C 201 -28.03 -8.67 37.95
CA ARG C 201 -27.66 -7.32 37.57
C ARG C 201 -26.87 -6.64 38.67
N HIS C 202 -26.00 -5.72 38.23
CA HIS C 202 -25.17 -4.88 39.08
C HIS C 202 -24.73 -3.69 38.26
N SER C 203 -24.79 -2.51 38.88
CA SER C 203 -24.36 -1.26 38.28
C SER C 203 -23.52 -0.49 39.28
N THR C 204 -22.61 0.32 38.75
CA THR C 204 -21.84 1.27 39.51
C THR C 204 -21.48 2.52 38.75
N GLY C 205 -21.50 3.64 39.47
CA GLY C 205 -21.27 4.93 38.89
C GLY C 205 -22.51 5.44 38.13
N ASP C 206 -22.23 6.18 37.06
CA ASP C 206 -23.27 6.91 36.33
C ASP C 206 -23.82 6.00 35.23
N THR C 207 -24.59 5.02 35.69
CA THR C 207 -25.09 3.96 34.84
C THR C 207 -26.45 4.26 34.16
N LYS C 208 -27.30 5.13 34.72
CA LYS C 208 -28.58 5.42 34.10
C LYS C 208 -28.64 6.82 33.49
N VAL C 209 -27.52 7.32 33.00
CA VAL C 209 -27.47 8.58 32.25
C VAL C 209 -27.47 8.23 30.77
N PRO C 210 -28.40 8.76 29.98
CA PRO C 210 -28.44 8.40 28.56
C PRO C 210 -27.31 9.02 27.77
N PHE C 211 -26.85 8.24 26.78
CA PHE C 211 -25.78 8.62 25.87
C PHE C 211 -25.99 7.83 24.58
N CYS C 212 -25.37 8.28 23.50
CA CYS C 212 -25.71 7.60 22.26
C CYS C 212 -24.79 6.41 22.06
N LEU C 213 -25.22 5.49 21.20
CA LEU C 213 -24.41 4.30 20.98
C LEU C 213 -23.23 4.65 20.09
N GLN C 214 -23.48 5.54 19.12
CA GLN C 214 -22.59 5.83 18.01
C GLN C 214 -22.23 4.49 17.35
N SER C 215 -20.95 4.13 17.23
CA SER C 215 -20.74 2.93 16.43
C SER C 215 -20.91 1.67 17.26
N CYS C 216 -21.25 1.81 18.56
CA CYS C 216 -21.78 0.70 19.34
C CYS C 216 -22.95 0.02 18.64
N VAL C 217 -23.70 0.75 17.83
CA VAL C 217 -24.89 0.12 17.25
C VAL C 217 -24.55 -0.69 16.02
N LYS C 218 -23.33 -0.56 15.47
CA LYS C 218 -23.00 -1.31 14.27
C LYS C 218 -23.12 -2.81 14.48
N PRO C 219 -22.77 -3.38 15.64
CA PRO C 219 -23.04 -4.81 15.83
C PRO C 219 -24.52 -5.11 15.94
N LEU C 220 -25.26 -4.30 16.70
CA LEU C 220 -26.69 -4.58 16.86
C LEU C 220 -27.39 -4.56 15.51
N LYS C 221 -27.13 -3.54 14.68
CA LYS C 221 -27.81 -3.54 13.40
C LYS C 221 -27.25 -4.62 12.48
N TYR C 222 -25.98 -4.99 12.67
CA TYR C 222 -25.44 -6.14 11.93
C TYR C 222 -26.21 -7.41 12.28
N ALA C 223 -26.44 -7.65 13.57
CA ALA C 223 -27.23 -8.82 13.96
C ALA C 223 -28.62 -8.78 13.33
N ILE C 224 -29.29 -7.64 13.41
CA ILE C 224 -30.61 -7.52 12.82
C ILE C 224 -30.59 -7.91 11.35
N ALA C 225 -29.59 -7.41 10.61
CA ALA C 225 -29.44 -7.71 9.19
C ALA C 225 -29.35 -9.22 8.95
N VAL C 226 -28.44 -9.87 9.68
CA VAL C 226 -28.31 -11.31 9.49
C VAL C 226 -29.50 -12.05 10.06
N ASN C 227 -30.19 -11.49 11.07
CA ASN C 227 -31.40 -12.12 11.60
C ASN C 227 -32.51 -12.16 10.56
N ASP C 228 -32.69 -11.07 9.81
CA ASP C 228 -33.76 -11.02 8.83
C ASP C 228 -33.36 -11.59 7.48
N LEU C 229 -32.05 -11.68 7.20
CA LEU C 229 -31.58 -12.01 5.87
C LEU C 229 -30.68 -13.24 5.79
N GLY C 230 -30.11 -13.70 6.90
CA GLY C 230 -29.24 -14.85 6.79
C GLY C 230 -27.83 -14.43 6.50
N THR C 231 -26.86 -15.25 6.92
CA THR C 231 -25.47 -14.83 6.80
C THR C 231 -25.06 -14.61 5.36
N GLU C 232 -25.52 -15.49 4.46
CA GLU C 232 -24.90 -15.50 3.16
C GLU C 232 -25.31 -14.28 2.34
N TYR C 233 -26.56 -13.82 2.51
CA TYR C 233 -27.02 -12.58 1.86
C TYR C 233 -26.28 -11.35 2.36
N VAL C 234 -26.16 -11.19 3.68
CA VAL C 234 -25.57 -9.99 4.23
C VAL C 234 -24.13 -9.85 3.81
N HIS C 235 -23.45 -10.97 3.53
CA HIS C 235 -22.03 -10.90 3.19
C HIS C 235 -21.79 -10.98 1.69
N ARG C 236 -22.85 -10.94 0.86
CA ARG C 236 -22.65 -10.56 -0.53
C ARG C 236 -22.35 -9.06 -0.62
N TYR C 237 -22.64 -8.31 0.46
CA TYR C 237 -22.49 -6.86 0.44
C TYR C 237 -21.40 -6.35 1.40
N VAL C 238 -20.93 -7.13 2.35
CA VAL C 238 -19.93 -6.67 3.29
C VAL C 238 -19.01 -7.86 3.59
N GLY C 239 -17.72 -7.56 3.79
CA GLY C 239 -16.75 -8.58 4.04
C GLY C 239 -16.81 -9.05 5.48
N LYS C 240 -15.87 -9.96 5.83
CA LYS C 240 -15.91 -10.60 7.15
C LYS C 240 -14.55 -10.67 7.81
N GLU C 241 -13.64 -9.75 7.51
CA GLU C 241 -12.31 -9.73 8.09
C GLU C 241 -11.96 -8.23 8.43
N PRO C 242 -10.94 -8.08 9.23
CA PRO C 242 -10.42 -6.68 9.34
C PRO C 242 -9.51 -6.33 8.17
N SER C 243 -9.39 -5.02 7.94
CA SER C 243 -8.55 -4.47 6.88
C SER C 243 -7.07 -4.81 7.08
N GLY C 244 -6.54 -4.47 8.25
CA GLY C 244 -5.12 -4.39 8.49
C GLY C 244 -4.78 -3.02 9.01
N LEU C 245 -3.83 -2.90 9.94
CA LEU C 245 -3.66 -1.65 10.67
C LEU C 245 -2.97 -0.59 9.83
N ARG C 246 -2.82 -0.90 8.54
CA ARG C 246 -2.20 -0.10 7.50
C ARG C 246 -3.25 0.53 6.62
N PHE C 247 -4.37 -0.18 6.47
CA PHE C 247 -5.47 0.12 5.57
C PHE C 247 -6.69 0.64 6.30
N ASN C 248 -6.45 1.44 7.30
CA ASN C 248 -7.52 2.06 8.06
C ASN C 248 -8.06 3.27 7.34
N LYS C 249 -7.53 3.43 6.12
CA LYS C 249 -7.90 4.50 5.21
C LYS C 249 -8.54 4.06 3.90
N LEU C 250 -8.80 2.78 3.68
CA LEU C 250 -9.55 2.36 2.48
C LEU C 250 -11.01 2.06 2.79
N PHE C 251 -11.85 2.13 1.75
CA PHE C 251 -13.27 1.84 1.89
C PHE C 251 -13.64 0.45 1.44
N LEU C 252 -12.89 -0.10 0.49
CA LEU C 252 -13.22 -1.38 -0.10
C LEU C 252 -12.06 -2.34 0.07
N ASN C 253 -12.41 -3.60 0.05
CA ASN C 253 -11.42 -4.67 0.00
C ASN C 253 -11.18 -5.02 -1.47
N GLU C 254 -10.66 -6.22 -1.70
CA GLU C 254 -10.18 -6.85 -2.90
C GLU C 254 -11.31 -7.41 -3.77
N ASP C 255 -12.50 -7.59 -3.19
CA ASP C 255 -13.79 -7.88 -3.81
C ASP C 255 -14.76 -6.73 -3.78
N ASP C 256 -14.28 -5.49 -3.60
CA ASP C 256 -15.13 -4.32 -3.78
C ASP C 256 -16.33 -4.34 -2.83
N LYS C 257 -16.17 -4.96 -1.66
CA LYS C 257 -17.07 -4.87 -0.53
C LYS C 257 -16.38 -4.11 0.60
N PRO C 258 -17.12 -3.36 1.42
CA PRO C 258 -16.49 -2.79 2.61
C PRO C 258 -15.93 -3.90 3.46
N HIS C 259 -14.90 -3.58 4.24
CA HIS C 259 -14.08 -4.63 4.86
C HIS C 259 -14.90 -5.53 5.77
N ASN C 260 -15.74 -4.94 6.62
CA ASN C 260 -16.48 -5.68 7.64
C ASN C 260 -17.51 -4.78 8.29
N PRO C 261 -18.46 -5.37 9.04
CA PRO C 261 -19.57 -4.56 9.59
C PRO C 261 -19.18 -3.49 10.62
N MET C 262 -17.97 -3.43 11.13
CA MET C 262 -17.72 -2.51 12.24
C MET C 262 -16.91 -1.30 11.84
N VAL C 263 -16.87 -0.98 10.54
CA VAL C 263 -16.29 0.25 10.03
C VAL C 263 -17.38 0.99 9.27
N ASN C 264 -17.34 2.33 9.34
CA ASN C 264 -18.47 3.13 8.84
C ASN C 264 -18.89 2.68 7.45
N ALA C 265 -17.91 2.47 6.56
CA ALA C 265 -18.23 2.00 5.22
C ALA C 265 -19.05 0.71 5.24
N GLY C 266 -18.69 -0.24 6.11
CA GLY C 266 -19.45 -1.48 6.18
C GLY C 266 -20.82 -1.29 6.83
N ALA C 267 -20.88 -0.53 7.92
CA ALA C 267 -22.13 -0.31 8.61
C ALA C 267 -23.12 0.48 7.75
N ILE C 268 -22.61 1.45 6.98
CA ILE C 268 -23.45 2.15 6.03
C ILE C 268 -24.09 1.15 5.07
N VAL C 269 -23.31 0.19 4.56
CA VAL C 269 -23.89 -0.77 3.62
C VAL C 269 -24.89 -1.69 4.33
N VAL C 270 -24.61 -2.10 5.58
CA VAL C 270 -25.60 -2.97 6.23
C VAL C 270 -26.85 -2.16 6.57
N THR C 271 -26.69 -0.85 6.84
CA THR C 271 -27.87 0.00 7.02
C THR C 271 -28.78 -0.10 5.81
N SER C 272 -28.19 -0.19 4.61
CA SER C 272 -28.93 -0.26 3.36
C SER C 272 -29.69 -1.56 3.19
N LEU C 273 -29.42 -2.57 4.03
CA LEU C 273 -29.98 -3.90 3.85
C LEU C 273 -31.20 -4.19 4.71
N ILE C 274 -31.39 -3.42 5.78
CA ILE C 274 -32.52 -3.57 6.67
C ILE C 274 -33.77 -3.08 5.96
N LYS C 275 -34.75 -3.95 5.82
CA LYS C 275 -36.12 -3.53 5.50
C LYS C 275 -36.23 -2.83 4.14
N GLN C 276 -35.59 -3.37 3.11
CA GLN C 276 -35.62 -2.69 1.84
C GLN C 276 -37.06 -2.60 1.30
N GLY C 277 -37.30 -1.59 0.45
CA GLY C 277 -38.61 -1.37 -0.15
C GLY C 277 -39.57 -0.51 0.66
N VAL C 278 -39.32 -0.32 1.96
CA VAL C 278 -40.16 0.50 2.83
C VAL C 278 -39.44 1.83 3.10
N ASN C 279 -40.18 2.82 3.59
CA ASN C 279 -39.58 4.14 3.78
C ASN C 279 -38.74 4.16 5.05
N ASN C 280 -37.89 5.19 5.15
CA ASN C 280 -36.85 5.23 6.20
C ASN C 280 -37.42 5.48 7.58
N ALA C 281 -38.59 6.11 7.68
CA ALA C 281 -39.22 6.22 8.98
C ALA C 281 -39.63 4.86 9.50
N GLU C 282 -40.12 3.99 8.60
CA GLU C 282 -40.61 2.69 9.02
C GLU C 282 -39.49 1.73 9.29
N LYS C 283 -38.33 1.89 8.64
CA LYS C 283 -37.24 1.00 9.02
C LYS C 283 -36.63 1.46 10.34
N PHE C 284 -36.58 2.78 10.57
CA PHE C 284 -36.09 3.28 11.86
C PHE C 284 -36.93 2.78 13.02
N ASP C 285 -38.26 2.73 12.84
CA ASP C 285 -39.08 2.22 13.92
C ASP C 285 -38.84 0.73 14.09
N TYR C 286 -38.57 0.01 13.00
CA TYR C 286 -38.30 -1.43 13.08
C TYR C 286 -37.07 -1.71 13.93
N VAL C 287 -35.98 -0.97 13.71
CA VAL C 287 -34.75 -1.18 14.50
C VAL C 287 -35.00 -0.96 15.99
N MET C 288 -35.74 0.10 16.34
CA MET C 288 -35.90 0.42 17.76
C MET C 288 -36.82 -0.54 18.45
N GLN C 289 -37.81 -0.97 17.71
CA GLN C 289 -38.67 -2.08 18.06
C GLN C 289 -37.84 -3.33 18.32
N PHE C 290 -36.79 -3.54 17.52
CA PHE C 290 -35.84 -4.62 17.73
C PHE C 290 -34.92 -4.35 18.94
N LEU C 291 -34.39 -3.12 19.04
CA LEU C 291 -33.50 -2.80 20.15
C LEU C 291 -34.25 -2.88 21.48
N ASN C 292 -35.53 -2.56 21.49
CA ASN C 292 -36.25 -2.65 22.75
C ASN C 292 -36.36 -4.10 23.22
N LYS C 293 -36.52 -5.05 22.31
CA LYS C 293 -36.57 -6.43 22.81
C LYS C 293 -35.20 -7.02 23.05
N MET C 294 -34.15 -6.41 22.48
CA MET C 294 -32.83 -6.85 22.87
C MET C 294 -32.50 -6.40 24.29
N ALA C 295 -33.02 -5.24 24.70
CA ALA C 295 -32.75 -4.70 26.03
C ALA C 295 -33.83 -5.06 27.03
N GLY C 296 -34.69 -6.03 26.71
CA GLY C 296 -35.76 -6.37 27.62
C GLY C 296 -36.66 -5.20 27.95
N ASN C 297 -36.76 -4.24 27.02
CA ASN C 297 -37.61 -3.06 27.12
C ASN C 297 -37.21 -2.10 28.25
N GLU C 298 -35.91 -2.04 28.56
CA GLU C 298 -35.37 -0.93 29.32
C GLU C 298 -35.03 0.20 28.33
N TYR C 299 -34.33 1.23 28.78
CA TYR C 299 -34.31 2.48 28.02
C TYR C 299 -33.68 2.29 26.66
N VAL C 300 -34.45 2.53 25.61
CA VAL C 300 -33.91 2.71 24.27
C VAL C 300 -34.54 4.01 23.77
N GLY C 301 -33.74 5.07 23.69
CA GLY C 301 -34.23 6.38 23.28
C GLY C 301 -33.60 6.95 22.01
N PHE C 302 -33.62 8.28 21.88
CA PHE C 302 -33.09 8.94 20.70
C PHE C 302 -32.80 10.40 21.05
N SER C 303 -31.67 10.89 20.57
CA SER C 303 -31.20 12.25 20.82
C SER C 303 -31.15 12.96 19.47
N ASN C 304 -32.12 13.85 19.25
CA ASN C 304 -32.18 14.57 17.99
C ASN C 304 -31.08 15.62 17.91
N ALA C 305 -30.50 15.97 19.07
CA ALA C 305 -29.43 16.97 19.10
C ALA C 305 -28.23 16.53 18.28
N THR C 306 -27.74 15.31 18.50
CA THR C 306 -26.57 14.83 17.78
C THR C 306 -26.93 14.24 16.41
N PHE C 307 -28.18 13.85 16.16
CA PHE C 307 -28.56 13.48 14.80
C PHE C 307 -28.40 14.65 13.83
N GLN C 308 -28.84 15.84 14.19
CA GLN C 308 -28.56 16.95 13.28
C GLN C 308 -27.10 17.35 13.39
N SER C 309 -26.49 17.13 14.57
CA SER C 309 -25.08 17.45 14.70
C SER C 309 -24.23 16.44 13.96
N GLU C 310 -24.78 15.28 13.64
CA GLU C 310 -23.93 14.40 12.91
C GLU C 310 -24.30 14.36 11.44
N ARG C 311 -25.50 14.85 11.11
CA ARG C 311 -25.84 15.19 9.73
C ARG C 311 -25.02 16.40 9.25
N GLU C 312 -24.74 17.33 10.17
CA GLU C 312 -23.75 18.38 9.96
C GLU C 312 -22.47 17.89 9.29
N SER C 313 -21.78 16.97 9.94
CA SER C 313 -20.39 16.73 9.64
C SER C 313 -20.20 15.35 9.04
N GLY C 314 -21.02 14.99 8.07
CA GLY C 314 -20.85 13.70 7.45
C GLY C 314 -20.33 13.72 6.03
N ASP C 315 -19.47 14.71 5.72
CA ASP C 315 -18.90 14.73 4.38
C ASP C 315 -18.08 13.47 4.12
N ARG C 316 -17.32 13.00 5.11
CA ARG C 316 -16.57 11.75 4.93
C ARG C 316 -17.51 10.60 4.59
N ASN C 317 -18.66 10.52 5.29
CA ASN C 317 -19.58 9.40 5.07
C ASN C 317 -20.24 9.50 3.71
N PHE C 318 -20.55 10.74 3.28
CA PHE C 318 -21.04 10.99 1.92
C PHE C 318 -19.99 10.58 0.91
N ALA C 319 -18.73 10.93 1.19
CA ALA C 319 -17.62 10.42 0.38
C ALA C 319 -17.67 8.91 0.35
N ILE C 320 -17.81 8.28 1.52
CA ILE C 320 -18.01 6.84 1.55
C ILE C 320 -19.25 6.45 0.74
N GLY C 321 -20.34 7.21 0.90
CA GLY C 321 -21.57 6.87 0.19
C GLY C 321 -21.42 6.91 -1.32
N TYR C 322 -20.85 8.01 -1.86
CA TYR C 322 -20.73 8.14 -3.30
C TYR C 322 -19.76 7.11 -3.88
N TYR C 323 -18.65 6.86 -3.18
CA TYR C 323 -17.74 5.82 -3.64
C TYR C 323 -18.47 4.48 -3.73
N LEU C 324 -19.33 4.18 -2.76
CA LEU C 324 -19.98 2.86 -2.76
C LEU C 324 -21.06 2.78 -3.82
N LYS C 325 -21.75 3.90 -4.09
CA LYS C 325 -22.69 3.91 -5.20
C LYS C 325 -21.97 3.68 -6.52
N GLU C 326 -20.77 4.29 -6.70
CA GLU C 326 -20.12 4.18 -8.00
C GLU C 326 -19.61 2.78 -8.19
N LYS C 327 -19.33 2.11 -7.08
CA LYS C 327 -18.83 0.76 -7.15
C LYS C 327 -19.94 -0.27 -6.89
N LYS C 328 -21.18 0.13 -7.14
CA LYS C 328 -22.37 -0.74 -7.22
C LYS C 328 -22.53 -1.58 -5.93
N CYS C 329 -22.28 -0.96 -4.78
CA CYS C 329 -22.13 -1.71 -3.55
C CYS C 329 -23.37 -1.76 -2.68
N PHE C 330 -24.48 -1.27 -3.17
CA PHE C 330 -25.73 -1.33 -2.47
C PHE C 330 -26.65 -2.29 -3.20
N PRO C 331 -27.69 -2.80 -2.53
CA PRO C 331 -28.67 -3.64 -3.22
C PRO C 331 -29.39 -2.83 -4.29
N GLU C 332 -30.01 -3.54 -5.23
CA GLU C 332 -30.54 -2.84 -6.39
C GLU C 332 -31.78 -2.05 -5.97
N GLY C 333 -31.92 -0.85 -6.54
CA GLY C 333 -32.96 0.06 -6.13
C GLY C 333 -32.78 0.74 -4.78
N THR C 334 -31.53 1.01 -4.37
CA THR C 334 -31.26 1.71 -3.12
C THR C 334 -31.16 3.21 -3.37
N ASP C 335 -31.73 4.00 -2.46
CA ASP C 335 -31.62 5.45 -2.49
C ASP C 335 -30.44 5.80 -1.58
N MET C 336 -29.26 5.99 -2.18
CA MET C 336 -28.04 6.13 -1.39
C MET C 336 -28.07 7.33 -0.45
N VAL C 337 -28.44 8.50 -0.95
CA VAL C 337 -28.36 9.66 -0.07
C VAL C 337 -29.35 9.56 1.08
N GLY C 338 -30.43 8.80 0.91
CA GLY C 338 -31.36 8.59 2.01
C GLY C 338 -30.81 7.63 3.04
N ILE C 339 -30.07 6.62 2.58
CA ILE C 339 -29.47 5.62 3.45
C ILE C 339 -28.49 6.28 4.42
N LEU C 340 -27.81 7.34 4.00
CA LEU C 340 -26.86 7.96 4.92
C LEU C 340 -27.57 8.68 6.06
N ASP C 341 -28.72 9.31 5.77
CA ASP C 341 -29.49 9.96 6.82
C ASP C 341 -29.96 8.94 7.84
N PHE C 342 -30.51 7.82 7.37
CA PHE C 342 -30.86 6.72 8.24
C PHE C 342 -29.65 6.28 9.08
N TYR C 343 -28.45 6.25 8.46
CA TYR C 343 -27.25 5.89 9.20
C TYR C 343 -26.97 6.87 10.33
N PHE C 344 -27.09 8.19 10.07
CA PHE C 344 -26.84 9.14 11.16
C PHE C 344 -27.88 9.01 12.26
N GLN C 345 -29.12 8.64 11.91
CA GLN C 345 -30.14 8.44 12.92
C GLN C 345 -29.72 7.31 13.85
N LEU C 346 -29.34 6.18 13.26
CA LEU C 346 -29.00 5.00 14.03
C LEU C 346 -27.86 5.30 15.01
N CYS C 347 -26.88 6.11 14.59
CA CYS C 347 -25.72 6.46 15.40
C CYS C 347 -26.06 7.37 16.57
N SER C 348 -27.28 7.86 16.70
CA SER C 348 -27.59 8.65 17.88
C SER C 348 -28.88 8.15 18.48
N ILE C 349 -29.03 6.82 18.53
CA ILE C 349 -29.95 6.18 19.44
C ILE C 349 -29.34 6.25 20.84
N GLU C 350 -30.14 6.68 21.83
CA GLU C 350 -29.62 6.80 23.18
C GLU C 350 -29.86 5.50 23.95
N VAL C 351 -28.95 5.19 24.88
CA VAL C 351 -29.12 4.12 25.85
C VAL C 351 -28.48 4.58 27.16
N THR C 352 -28.53 3.72 28.17
CA THR C 352 -27.77 3.91 29.40
C THR C 352 -26.98 2.63 29.64
N CYS C 353 -26.18 2.61 30.70
CA CYS C 353 -25.36 1.43 30.86
C CYS C 353 -26.19 0.25 31.31
N GLU C 354 -27.28 0.51 32.05
CA GLU C 354 -28.21 -0.55 32.45
C GLU C 354 -28.96 -1.11 31.24
N SER C 355 -29.64 -0.25 30.48
CA SER C 355 -30.26 -0.72 29.23
C SER C 355 -29.30 -1.55 28.37
N ALA C 356 -28.21 -0.94 27.90
CA ALA C 356 -27.37 -1.60 26.91
C ALA C 356 -26.80 -2.90 27.45
N SER C 357 -26.55 -2.90 28.74
CA SER C 357 -26.09 -4.01 29.57
C SER C 357 -26.92 -5.24 29.18
N VAL C 358 -28.24 -5.09 29.03
CA VAL C 358 -29.14 -6.21 28.71
C VAL C 358 -28.98 -6.66 27.25
N MET C 359 -28.85 -5.71 26.30
CA MET C 359 -28.58 -6.17 24.93
C MET C 359 -27.22 -6.86 24.80
N ALA C 360 -26.18 -6.36 25.47
CA ALA C 360 -24.94 -7.13 25.46
C ALA C 360 -25.21 -8.54 25.95
N ALA C 361 -25.99 -8.66 27.03
CA ALA C 361 -26.28 -9.97 27.61
C ALA C 361 -27.14 -10.83 26.70
N THR C 362 -28.00 -10.24 25.87
CA THR C 362 -28.72 -11.04 24.87
C THR C 362 -27.72 -11.68 23.90
N LEU C 363 -26.68 -10.94 23.53
CA LEU C 363 -25.63 -11.47 22.68
C LEU C 363 -24.82 -12.53 23.41
N ALA C 364 -24.65 -12.35 24.71
CA ALA C 364 -23.99 -13.30 25.58
C ALA C 364 -24.77 -14.60 25.75
N ASN C 365 -26.02 -14.64 25.29
CA ASN C 365 -26.91 -15.73 25.64
C ASN C 365 -27.58 -16.34 24.41
N GLY C 366 -26.85 -16.50 23.32
CA GLY C 366 -27.44 -17.14 22.16
C GLY C 366 -28.66 -16.44 21.54
N GLY C 367 -28.84 -15.14 21.82
CA GLY C 367 -29.96 -14.42 21.25
C GLY C 367 -31.24 -14.42 22.05
N PHE C 368 -31.20 -14.90 23.29
CA PHE C 368 -32.36 -14.86 24.19
C PHE C 368 -32.19 -13.70 25.17
N CYS C 369 -33.22 -12.85 25.28
CA CYS C 369 -33.08 -11.73 26.20
C CYS C 369 -33.08 -12.23 27.63
N PRO C 370 -32.02 -12.00 28.41
CA PRO C 370 -31.88 -12.69 29.70
C PRO C 370 -32.87 -12.27 30.78
N ILE C 371 -33.46 -11.07 30.71
CA ILE C 371 -34.41 -10.67 31.76
C ILE C 371 -35.85 -10.80 31.30
N THR C 372 -36.09 -11.34 30.11
CA THR C 372 -37.46 -11.59 29.65
C THR C 372 -37.71 -13.01 29.19
N GLY C 373 -36.69 -13.73 28.75
CA GLY C 373 -36.81 -15.07 28.21
C GLY C 373 -37.27 -15.17 26.77
N GLU C 374 -37.49 -14.04 26.09
CA GLU C 374 -37.93 -14.00 24.69
C GLU C 374 -36.74 -14.22 23.74
N ARG C 375 -37.04 -14.86 22.61
CA ARG C 375 -36.02 -15.06 21.57
C ARG C 375 -35.97 -13.83 20.66
N VAL C 376 -34.80 -13.22 20.56
CA VAL C 376 -34.64 -11.96 19.87
C VAL C 376 -33.87 -12.15 18.56
N LEU C 377 -32.74 -12.85 18.60
CA LEU C 377 -31.87 -13.00 17.44
C LEU C 377 -31.55 -14.46 17.18
N SER C 378 -31.42 -14.81 15.89
CA SER C 378 -31.05 -16.17 15.50
C SER C 378 -29.66 -16.50 16.05
N PRO C 379 -29.41 -17.76 16.41
CA PRO C 379 -28.05 -18.13 16.84
C PRO C 379 -27.01 -17.86 15.76
N GLU C 380 -27.41 -18.05 14.50
CA GLU C 380 -26.54 -17.68 13.39
C GLU C 380 -26.12 -16.22 13.48
N ALA C 381 -27.08 -15.33 13.77
CA ALA C 381 -26.78 -13.88 13.80
C ALA C 381 -25.92 -13.51 14.99
N VAL C 382 -26.15 -14.10 16.16
CA VAL C 382 -25.44 -13.63 17.34
C VAL C 382 -24.03 -14.22 17.37
N ARG C 383 -23.81 -15.28 16.60
CA ARG C 383 -22.43 -15.75 16.44
C ARG C 383 -21.64 -14.82 15.55
N ASN C 384 -22.17 -14.55 14.35
CA ASN C 384 -21.49 -13.68 13.41
C ASN C 384 -21.14 -12.35 14.06
N THR C 385 -22.11 -11.75 14.78
CA THR C 385 -21.87 -10.48 15.46
C THR C 385 -20.76 -10.61 16.48
N LEU C 386 -20.86 -11.60 17.38
CA LEU C 386 -19.86 -11.71 18.43
C LEU C 386 -18.50 -11.99 17.83
N SER C 387 -18.48 -12.67 16.69
CA SER C 387 -17.23 -13.05 16.09
C SER C 387 -16.57 -11.85 15.43
N LEU C 388 -17.35 -10.92 14.86
CA LEU C 388 -16.70 -9.77 14.26
C LEU C 388 -16.51 -8.64 15.26
N MET C 389 -17.22 -8.66 16.41
CA MET C 389 -16.86 -7.69 17.44
C MET C 389 -15.50 -8.03 18.03
N HIS C 390 -15.14 -9.31 17.98
CA HIS C 390 -13.81 -9.77 18.37
C HIS C 390 -12.74 -9.21 17.45
N SER C 391 -12.85 -9.48 16.14
CA SER C 391 -11.80 -9.11 15.19
C SER C 391 -11.68 -7.62 15.04
N CYS C 392 -12.79 -6.92 14.91
CA CYS C 392 -12.81 -5.59 14.33
C CYS C 392 -13.40 -4.52 15.24
N GLY C 393 -13.68 -4.84 16.49
CA GLY C 393 -14.58 -4.00 17.24
C GLY C 393 -14.01 -2.77 17.91
N MET C 394 -12.70 -2.60 17.93
CA MET C 394 -12.14 -1.47 18.69
C MET C 394 -11.38 -0.52 17.78
N TYR C 395 -11.88 -0.35 16.57
CA TYR C 395 -11.28 0.60 15.61
C TYR C 395 -9.86 0.09 15.34
N ASP C 396 -8.82 0.90 15.53
CA ASP C 396 -7.46 0.45 15.22
C ASP C 396 -6.84 -0.45 16.29
N PHE C 397 -7.36 -0.46 17.51
CA PHE C 397 -6.87 -1.23 18.66
C PHE C 397 -7.41 -2.65 18.71
N SER C 398 -8.01 -3.17 17.63
CA SER C 398 -8.76 -4.42 17.71
C SER C 398 -7.85 -5.64 17.81
N GLY C 399 -6.73 -5.66 17.09
CA GLY C 399 -5.78 -6.75 17.25
C GLY C 399 -5.15 -6.78 18.63
N GLN C 400 -4.77 -5.59 19.13
CA GLN C 400 -4.20 -5.52 20.47
C GLN C 400 -5.26 -5.91 21.50
N PHE C 401 -6.51 -5.50 21.27
CA PHE C 401 -7.59 -5.88 22.15
C PHE C 401 -7.85 -7.38 22.09
N ALA C 402 -8.03 -7.91 20.88
CA ALA C 402 -8.33 -9.34 20.71
C ALA C 402 -7.27 -10.22 21.36
N PHE C 403 -6.02 -9.74 21.41
CA PHE C 403 -4.94 -10.52 22.00
C PHE C 403 -4.97 -10.45 23.53
N HIS C 404 -5.06 -9.25 24.09
CA HIS C 404 -4.90 -9.13 25.53
C HIS C 404 -6.17 -9.33 26.35
N VAL C 405 -7.36 -9.24 25.73
CA VAL C 405 -8.61 -9.52 26.42
C VAL C 405 -9.50 -10.51 25.67
N GLY C 406 -9.38 -10.59 24.34
CA GLY C 406 -10.09 -11.63 23.62
C GLY C 406 -11.58 -11.66 23.87
N LEU C 407 -12.20 -10.52 24.16
CA LEU C 407 -13.64 -10.52 24.36
C LEU C 407 -14.31 -9.75 23.23
N PRO C 408 -15.43 -10.23 22.71
CA PRO C 408 -16.17 -9.44 21.72
C PRO C 408 -16.56 -8.10 22.32
N ALA C 409 -16.23 -7.02 21.61
CA ALA C 409 -16.54 -5.69 22.08
C ALA C 409 -16.75 -4.75 20.89
N LYS C 410 -17.40 -3.63 21.16
CA LYS C 410 -17.55 -2.54 20.20
C LYS C 410 -17.54 -1.26 21.01
N SER C 411 -16.68 -0.33 20.64
CA SER C 411 -16.70 0.97 21.26
C SER C 411 -17.30 1.95 20.27
N GLY C 412 -17.75 3.10 20.80
CA GLY C 412 -18.23 4.18 19.95
C GLY C 412 -17.79 5.51 20.54
N VAL C 413 -17.88 6.55 19.70
CA VAL C 413 -17.25 7.82 20.05
C VAL C 413 -17.92 8.56 21.21
N ALA C 414 -19.12 8.14 21.60
CA ALA C 414 -19.78 8.72 22.76
C ALA C 414 -19.14 8.35 24.09
N GLY C 415 -18.31 7.30 24.11
CA GLY C 415 -17.68 6.84 25.33
C GLY C 415 -18.17 5.50 25.84
N GLY C 416 -18.90 4.75 25.03
CA GLY C 416 -19.43 3.46 25.45
C GLY C 416 -18.59 2.33 24.90
N ILE C 417 -18.55 1.23 25.65
CA ILE C 417 -17.96 -0.03 25.19
C ILE C 417 -18.97 -1.12 25.50
N LEU C 418 -19.43 -1.80 24.46
CA LEU C 418 -20.37 -2.88 24.64
C LEU C 418 -19.56 -4.18 24.75
N LEU C 419 -19.60 -4.83 25.92
CA LEU C 419 -18.74 -5.96 26.23
C LEU C 419 -19.56 -7.22 26.40
N VAL C 420 -19.12 -8.30 25.77
CA VAL C 420 -19.79 -9.60 25.87
C VAL C 420 -18.78 -10.64 26.36
N VAL C 421 -19.04 -11.22 27.49
CA VAL C 421 -18.41 -12.51 27.91
C VAL C 421 -19.35 -13.61 27.50
N PRO C 422 -19.08 -14.38 26.44
CA PRO C 422 -20.02 -15.41 26.01
C PRO C 422 -20.33 -16.37 27.16
N ASN C 423 -21.60 -16.74 27.25
CA ASN C 423 -22.15 -17.71 28.20
C ASN C 423 -22.11 -17.25 29.64
N VAL C 424 -21.81 -15.97 29.89
CA VAL C 424 -21.74 -15.45 31.24
C VAL C 424 -22.60 -14.18 31.35
N MET C 425 -22.21 -13.14 30.62
CA MET C 425 -22.75 -11.83 30.93
C MET C 425 -22.52 -10.88 29.77
N GLY C 426 -23.28 -9.79 29.78
CA GLY C 426 -22.99 -8.64 28.98
C GLY C 426 -22.68 -7.46 29.88
N MET C 427 -22.04 -6.43 29.33
CA MET C 427 -21.72 -5.23 30.08
C MET C 427 -21.78 -4.03 29.15
N MET C 428 -21.88 -2.87 29.77
CA MET C 428 -21.70 -1.60 29.07
C MET C 428 -20.93 -0.69 30.00
N CYS C 429 -19.75 -0.26 29.57
CA CYS C 429 -18.98 0.70 30.32
C CYS C 429 -19.03 1.99 29.54
N TRP C 430 -19.16 3.11 30.26
CA TRP C 430 -19.34 4.38 29.58
C TRP C 430 -18.51 5.45 30.29
N SER C 431 -17.51 5.98 29.56
CA SER C 431 -16.86 7.21 29.99
C SER C 431 -16.45 7.99 28.75
N PRO C 432 -16.93 9.22 28.59
CA PRO C 432 -16.83 9.92 27.29
C PRO C 432 -15.40 10.25 26.87
N PRO C 433 -14.46 10.48 27.80
CA PRO C 433 -13.06 10.74 27.35
C PRO C 433 -12.48 9.57 26.57
N LEU C 434 -12.11 9.84 25.32
CA LEU C 434 -11.47 8.83 24.47
C LEU C 434 -9.96 9.04 24.45
N ASP C 435 -9.26 7.96 24.08
CA ASP C 435 -7.82 7.98 23.84
C ASP C 435 -7.59 8.43 22.40
N LYS C 436 -6.42 8.11 21.84
CA LYS C 436 -6.11 8.55 20.49
C LYS C 436 -6.40 7.49 19.43
N MET C 437 -7.23 6.48 19.75
CA MET C 437 -7.80 5.63 18.73
C MET C 437 -9.33 5.68 18.69
N GLY C 438 -9.97 6.34 19.65
CA GLY C 438 -11.41 6.46 19.68
C GLY C 438 -12.04 5.61 20.75
N ASN C 439 -11.23 4.93 21.54
CA ASN C 439 -11.77 4.06 22.58
C ASN C 439 -11.74 4.76 23.92
N SER C 440 -12.86 4.65 24.60
CA SER C 440 -13.10 5.07 25.96
C SER C 440 -11.89 4.74 26.83
N VAL C 441 -11.26 5.77 27.43
CA VAL C 441 -10.02 5.57 28.20
C VAL C 441 -10.27 4.69 29.42
N LYS C 442 -11.26 5.07 30.26
CA LYS C 442 -11.56 4.30 31.46
C LYS C 442 -12.19 2.96 31.14
N GLY C 443 -12.80 2.82 29.97
CA GLY C 443 -13.32 1.53 29.57
C GLY C 443 -12.23 0.53 29.26
N ILE C 444 -11.22 0.96 28.49
CA ILE C 444 -10.14 0.07 28.07
C ILE C 444 -9.35 -0.40 29.28
N HIS C 445 -9.01 0.53 30.18
CA HIS C 445 -8.36 0.14 31.41
C HIS C 445 -9.20 -0.92 32.13
N PHE C 446 -10.53 -0.75 32.11
CA PHE C 446 -11.42 -1.68 32.80
C PHE C 446 -11.41 -3.06 32.16
N CYS C 447 -11.47 -3.16 30.83
CA CYS C 447 -11.55 -4.49 30.24
C CYS C 447 -10.21 -5.21 30.22
N HIS C 448 -9.08 -4.49 30.36
CA HIS C 448 -7.82 -5.21 30.59
C HIS C 448 -7.84 -5.87 31.96
N ASP C 449 -8.08 -5.09 33.03
CA ASP C 449 -8.16 -5.66 34.37
C ASP C 449 -9.28 -6.69 34.51
N LEU C 450 -10.34 -6.61 33.70
CA LEU C 450 -11.42 -7.57 33.85
C LEU C 450 -10.93 -8.98 33.58
N VAL C 451 -10.18 -9.18 32.49
CA VAL C 451 -9.66 -10.50 32.19
C VAL C 451 -8.26 -10.71 32.77
N SER C 452 -7.55 -9.64 33.14
CA SER C 452 -6.40 -9.75 34.05
C SER C 452 -6.78 -10.45 35.34
N LEU C 453 -8.05 -10.36 35.73
CA LEU C 453 -8.45 -10.75 37.05
C LEU C 453 -9.35 -11.97 37.03
N CYS C 454 -10.22 -12.10 36.04
CA CYS C 454 -11.04 -13.29 35.86
C CYS C 454 -10.65 -14.02 34.58
N ASN C 455 -10.84 -15.33 34.61
CA ASN C 455 -10.49 -16.19 33.47
C ASN C 455 -11.59 -16.11 32.40
N PHE C 456 -11.91 -14.90 31.98
CA PHE C 456 -12.93 -14.70 30.97
C PHE C 456 -12.36 -14.53 29.56
N HIS C 457 -11.02 -14.47 29.41
CA HIS C 457 -10.43 -14.47 28.07
C HIS C 457 -10.97 -15.67 27.31
N ASN C 458 -11.05 -15.50 26.01
CA ASN C 458 -11.75 -16.42 25.17
C ASN C 458 -10.91 -17.66 24.88
N TYR C 459 -9.67 -17.65 25.36
CA TYR C 459 -8.73 -18.75 25.23
C TYR C 459 -7.97 -18.95 26.53
N ASP C 460 -8.62 -18.66 27.66
CA ASP C 460 -8.23 -19.24 28.93
C ASP C 460 -8.79 -20.64 29.00
N ASN C 461 -8.39 -21.37 30.03
CA ASN C 461 -8.97 -22.68 30.26
C ASN C 461 -9.83 -22.65 31.51
N LEU C 462 -10.91 -23.43 31.49
CA LEU C 462 -11.78 -23.53 32.65
C LEU C 462 -11.24 -24.52 33.69
N ARG C 463 -10.09 -25.15 33.40
CA ARG C 463 -9.43 -26.13 34.27
C ARG C 463 -8.15 -25.62 34.90
N HIS C 464 -7.19 -25.14 34.11
CA HIS C 464 -5.91 -24.63 34.59
C HIS C 464 -5.73 -23.19 34.10
N PHE C 465 -5.72 -22.22 35.04
CA PHE C 465 -5.69 -20.81 34.66
C PHE C 465 -4.89 -19.93 35.65
N ALA C 466 -3.87 -20.50 36.30
CA ALA C 466 -2.86 -19.78 37.13
C ALA C 466 -3.50 -19.11 38.35
N LYS C 467 -3.28 -17.82 38.58
CA LYS C 467 -3.72 -17.14 39.82
C LYS C 467 -5.01 -16.35 39.59
N LYS C 468 -5.76 -16.71 38.58
CA LYS C 468 -6.98 -15.95 38.33
C LYS C 468 -8.15 -16.60 39.03
N LEU C 469 -9.17 -15.78 39.27
CA LEU C 469 -10.44 -16.23 39.80
C LEU C 469 -11.41 -16.64 38.71
N ASP C 470 -12.34 -17.51 39.09
CA ASP C 470 -13.44 -18.00 38.26
C ASP C 470 -14.73 -17.77 39.02
N PRO C 471 -15.46 -16.67 38.77
CA PRO C 471 -16.72 -16.46 39.49
C PRO C 471 -17.82 -17.39 39.06
N ARG C 472 -17.57 -18.26 38.07
CA ARG C 472 -18.55 -19.25 37.64
C ARG C 472 -18.62 -20.47 38.54
N ARG C 473 -17.75 -20.62 39.54
CA ARG C 473 -17.73 -21.83 40.35
C ARG C 473 -17.76 -21.51 41.85
N GLU C 474 -17.67 -22.55 42.68
CA GLU C 474 -17.98 -22.47 44.10
C GLU C 474 -16.81 -21.97 44.95
N GLY C 475 -16.03 -22.90 45.52
CA GLY C 475 -14.90 -22.52 46.36
C GLY C 475 -13.55 -22.87 45.78
N PRO D 66 17.45 50.02 -51.50
CA PRO D 66 17.46 48.62 -51.06
C PRO D 66 16.53 48.40 -49.86
N SER D 67 15.28 48.02 -50.13
CA SER D 67 14.36 47.69 -49.04
C SER D 67 13.66 46.37 -49.32
N LEU D 68 13.17 45.75 -48.24
CA LEU D 68 12.95 44.30 -48.18
C LEU D 68 11.72 43.83 -48.98
N GLU D 69 10.80 44.75 -49.34
CA GLU D 69 9.70 44.38 -50.26
C GLU D 69 10.21 44.22 -51.68
N ASP D 70 11.16 45.11 -52.05
CA ASP D 70 11.92 45.03 -53.31
C ASP D 70 12.76 43.76 -53.21
N LEU D 71 13.51 43.64 -52.09
CA LEU D 71 14.34 42.48 -51.85
C LEU D 71 13.57 41.16 -51.99
N LEU D 72 12.36 41.07 -51.43
CA LEU D 72 11.51 39.90 -51.57
C LEU D 72 10.94 39.78 -52.97
N PHE D 73 10.75 40.90 -53.68
CA PHE D 73 10.11 40.91 -54.99
C PHE D 73 10.86 40.10 -56.06
N TYR D 74 12.18 40.26 -56.16
CA TYR D 74 12.82 39.60 -57.29
C TYR D 74 13.09 38.12 -56.97
N THR D 75 12.98 37.77 -55.69
CA THR D 75 13.14 36.38 -55.27
C THR D 75 11.94 35.55 -55.68
N ILE D 76 10.79 36.20 -55.82
CA ILE D 76 9.58 35.55 -56.31
C ILE D 76 9.45 35.66 -57.82
N ALA D 77 9.89 36.80 -58.37
CA ALA D 77 9.48 37.26 -59.69
C ALA D 77 10.07 36.47 -60.86
N GLU D 78 11.15 35.71 -60.63
CA GLU D 78 11.74 34.87 -61.68
C GLU D 78 12.34 35.75 -62.78
N GLY D 79 12.92 36.88 -62.34
CA GLY D 79 13.56 37.82 -63.24
C GLY D 79 12.64 38.74 -64.00
N GLN D 80 11.41 38.29 -64.24
CA GLN D 80 10.48 39.17 -64.92
C GLN D 80 10.24 40.41 -64.05
N GLU D 81 9.72 41.46 -64.69
CA GLU D 81 9.42 42.70 -64.00
C GLU D 81 7.94 42.79 -63.65
N LYS D 82 7.17 41.74 -64.00
CA LYS D 82 5.79 41.59 -63.57
C LYS D 82 5.66 40.23 -62.89
N ILE D 83 4.80 40.15 -61.87
CA ILE D 83 4.50 38.92 -61.17
C ILE D 83 3.00 38.63 -61.05
N PRO D 84 2.50 37.47 -61.49
CA PRO D 84 1.09 37.12 -61.26
C PRO D 84 0.81 36.93 -59.79
N VAL D 85 -0.40 37.31 -59.36
CA VAL D 85 -0.79 37.23 -57.94
C VAL D 85 -0.96 35.78 -57.43
N HIS D 86 -1.30 34.89 -58.33
CA HIS D 86 -1.60 33.47 -58.18
C HIS D 86 -0.36 32.61 -57.97
N LYS D 87 0.80 33.08 -58.44
CA LYS D 87 2.05 32.36 -58.18
C LYS D 87 2.71 32.90 -56.93
N PHE D 88 2.23 34.03 -56.43
CA PHE D 88 2.61 34.49 -55.10
C PHE D 88 1.94 33.68 -54.00
N ILE D 89 0.64 33.40 -54.13
CA ILE D 89 -0.01 32.65 -53.05
C ILE D 89 0.41 31.20 -53.09
N THR D 90 0.69 30.68 -54.30
CA THR D 90 1.21 29.32 -54.40
C THR D 90 2.60 29.25 -53.79
N ALA D 91 3.40 30.29 -53.98
CA ALA D 91 4.69 30.40 -53.30
C ALA D 91 4.50 30.49 -51.79
N LEU D 92 3.52 31.28 -51.34
CA LEU D 92 3.34 31.48 -49.91
C LEU D 92 2.75 30.25 -49.23
N LYS D 93 1.94 29.47 -49.96
CA LYS D 93 1.34 28.26 -49.38
C LYS D 93 2.36 27.14 -49.23
N SER D 94 3.49 27.23 -49.91
CA SER D 94 4.53 26.21 -49.84
C SER D 94 5.52 26.44 -48.71
N THR D 95 5.50 27.62 -48.10
CA THR D 95 6.21 27.85 -46.85
C THR D 95 5.51 27.20 -45.66
N GLY D 96 4.21 26.91 -45.78
CA GLY D 96 3.43 26.29 -44.73
C GLY D 96 2.28 27.13 -44.21
N LEU D 97 2.37 28.45 -44.34
CA LEU D 97 1.30 29.33 -43.87
C LEU D 97 0.02 29.18 -44.68
N ARG D 98 -1.12 29.41 -44.01
CA ARG D 98 -2.36 29.51 -44.76
C ARG D 98 -2.46 30.90 -45.36
N THR D 99 -3.32 31.02 -46.36
CA THR D 99 -3.66 32.37 -46.76
C THR D 99 -4.50 33.10 -45.69
N SER D 100 -5.16 32.37 -44.79
CA SER D 100 -5.94 32.98 -43.71
C SER D 100 -5.13 33.45 -42.51
N ASP D 101 -3.80 33.35 -42.52
CA ASP D 101 -3.01 33.62 -41.33
C ASP D 101 -3.36 35.01 -40.75
N PRO D 102 -3.70 35.08 -39.47
CA PRO D 102 -4.15 36.35 -38.86
C PRO D 102 -3.22 37.56 -39.00
N ARG D 103 -1.89 37.41 -38.85
CA ARG D 103 -0.97 38.53 -39.03
C ARG D 103 -0.55 38.70 -40.49
N LEU D 104 -1.28 38.07 -41.40
CA LEU D 104 -1.12 38.23 -42.83
C LEU D 104 -2.30 38.92 -43.48
N LYS D 105 -3.28 39.38 -42.71
CA LYS D 105 -4.52 39.78 -43.35
C LYS D 105 -4.39 41.14 -44.05
N GLU D 106 -3.71 42.14 -43.41
CA GLU D 106 -3.52 43.41 -44.11
C GLU D 106 -2.88 43.19 -45.48
N CYS D 107 -2.02 42.18 -45.59
CA CYS D 107 -1.46 41.80 -46.88
C CYS D 107 -2.55 41.25 -47.80
N MET D 108 -3.40 40.35 -47.27
CA MET D 108 -4.36 39.72 -48.16
C MET D 108 -5.66 40.50 -48.30
N ASP D 109 -5.89 41.49 -47.42
CA ASP D 109 -6.90 42.51 -47.68
C ASP D 109 -6.45 43.44 -48.81
N MET D 110 -5.18 43.88 -48.78
CA MET D 110 -4.84 44.89 -49.77
C MET D 110 -4.50 44.29 -51.17
N LEU D 111 -4.79 43.01 -51.38
CA LEU D 111 -4.70 42.44 -52.71
C LEU D 111 -5.99 41.75 -53.11
N ARG D 112 -6.96 41.63 -52.20
CA ARG D 112 -8.25 41.03 -52.51
C ARG D 112 -9.24 42.01 -53.13
N LEU D 113 -9.02 43.31 -52.98
CA LEU D 113 -9.82 44.32 -53.66
C LEU D 113 -9.38 44.60 -55.08
N THR D 114 -8.21 44.11 -55.48
CA THR D 114 -7.70 44.41 -56.80
C THR D 114 -8.43 43.64 -57.90
N VAL D 122 -3.75 39.67 -64.12
CA VAL D 122 -3.68 40.07 -62.72
C VAL D 122 -2.22 40.08 -62.23
N MET D 123 -1.31 40.66 -63.01
CA MET D 123 0.11 40.65 -62.65
C MET D 123 0.42 41.95 -61.91
N LEU D 124 1.40 41.91 -60.99
CA LEU D 124 1.79 43.09 -60.21
C LEU D 124 3.28 43.42 -60.40
N ASP D 125 3.66 44.71 -60.34
CA ASP D 125 5.03 45.21 -60.47
C ASP D 125 5.55 45.69 -59.09
N LYS D 126 6.79 46.22 -59.02
CA LYS D 126 7.38 46.45 -57.69
C LYS D 126 6.66 47.50 -56.84
N ASP D 127 6.03 48.49 -57.45
CA ASP D 127 5.22 49.42 -56.65
C ASP D 127 3.86 48.80 -56.29
N LEU D 128 3.28 48.03 -57.23
CA LEU D 128 2.13 47.18 -56.94
C LEU D 128 2.39 46.30 -55.72
N PHE D 129 3.44 45.49 -55.81
CA PHE D 129 3.83 44.60 -54.71
C PHE D 129 4.13 45.36 -53.41
N LYS D 130 5.03 46.35 -53.46
CA LYS D 130 5.56 46.94 -52.22
C LYS D 130 4.45 47.33 -51.26
N LYS D 131 3.34 47.84 -51.77
CA LYS D 131 2.34 48.43 -50.93
C LYS D 131 1.14 47.48 -50.75
N CYS D 132 1.41 46.18 -50.88
CA CYS D 132 0.61 45.11 -50.29
C CYS D 132 1.36 44.34 -49.21
N VAL D 133 2.70 44.27 -49.25
CA VAL D 133 3.43 43.44 -48.29
C VAL D 133 4.25 44.23 -47.29
N GLN D 134 4.44 45.54 -47.48
CA GLN D 134 5.08 46.32 -46.41
C GLN D 134 4.30 46.14 -45.12
N SER D 135 2.95 46.06 -45.26
CA SER D 135 2.06 45.61 -44.20
C SER D 135 2.73 44.60 -43.29
N ASN D 136 2.98 43.40 -43.80
CA ASN D 136 3.37 42.26 -42.99
C ASN D 136 4.76 41.71 -43.32
N ILE D 137 5.60 42.45 -44.07
CA ILE D 137 6.73 41.81 -44.75
C ILE D 137 7.85 41.33 -43.84
N VAL D 138 7.87 41.74 -42.58
CA VAL D 138 8.87 41.18 -41.69
C VAL D 138 8.63 39.69 -41.54
N LEU D 139 7.35 39.28 -41.49
CA LEU D 139 7.03 37.86 -41.42
C LEU D 139 7.06 37.19 -42.79
N LEU D 140 6.73 37.92 -43.85
CA LEU D 140 6.83 37.35 -45.18
C LEU D 140 8.28 37.00 -45.55
N THR D 141 9.27 37.76 -45.06
CA THR D 141 10.66 37.46 -45.41
C THR D 141 11.03 36.05 -44.99
N GLN D 142 10.66 35.65 -43.78
CA GLN D 142 11.16 34.39 -43.25
C GLN D 142 10.51 33.20 -43.94
N ALA D 143 9.26 33.35 -44.41
CA ALA D 143 8.67 32.25 -45.16
C ALA D 143 9.43 32.01 -46.47
N PHE D 144 9.87 33.08 -47.13
CA PHE D 144 10.54 32.92 -48.41
C PHE D 144 12.06 32.75 -48.28
N ARG D 145 12.68 33.26 -47.21
CA ARG D 145 14.09 32.99 -46.88
C ARG D 145 14.28 31.65 -46.19
N ARG D 146 13.25 30.81 -46.12
CA ARG D 146 13.25 29.53 -45.41
C ARG D 146 14.01 29.61 -44.10
N LYS D 147 13.61 30.57 -43.28
CA LYS D 147 14.12 30.70 -41.93
C LYS D 147 13.04 30.39 -40.91
N PHE D 148 12.08 29.55 -41.30
CA PHE D 148 11.14 28.97 -40.34
C PHE D 148 11.78 27.77 -39.64
N VAL D 149 11.20 27.39 -38.50
CA VAL D 149 11.87 26.38 -37.69
C VAL D 149 11.80 24.99 -38.33
N ILE D 150 10.88 24.78 -39.26
CA ILE D 150 10.91 23.65 -40.19
C ILE D 150 10.96 24.21 -41.60
N PRO D 151 12.14 24.33 -42.20
CA PRO D 151 12.26 25.06 -43.48
C PRO D 151 11.70 24.33 -44.70
N ASP D 152 12.03 23.04 -44.86
CA ASP D 152 11.49 22.23 -45.95
C ASP D 152 10.20 21.58 -45.44
N PHE D 153 9.12 22.34 -45.52
CA PHE D 153 7.90 21.93 -44.84
C PHE D 153 7.19 20.78 -45.53
N MET D 154 7.48 20.43 -46.78
CA MET D 154 6.72 19.34 -47.37
C MET D 154 7.47 18.03 -47.46
N SER D 155 8.79 18.01 -47.20
CA SER D 155 9.36 16.76 -46.71
C SER D 155 8.71 16.41 -45.39
N PHE D 156 8.46 17.44 -44.57
CA PHE D 156 7.93 17.19 -43.23
C PHE D 156 6.48 16.68 -43.25
N THR D 157 5.57 17.34 -43.99
CA THR D 157 4.17 16.92 -43.97
C THR D 157 4.02 15.55 -44.60
N SER D 158 4.85 15.29 -45.61
CA SER D 158 4.89 14.03 -46.34
C SER D 158 5.21 12.86 -45.45
N HIS D 159 5.98 13.08 -44.37
CA HIS D 159 6.19 12.05 -43.37
C HIS D 159 5.04 12.01 -42.37
N ILE D 160 4.45 13.17 -42.08
CA ILE D 160 3.24 13.19 -41.26
C ILE D 160 2.13 12.40 -41.95
N ASP D 161 2.03 12.53 -43.28
CA ASP D 161 1.08 11.71 -44.02
C ASP D 161 1.45 10.23 -43.90
N GLU D 162 2.76 9.92 -43.91
CA GLU D 162 3.18 8.54 -43.73
C GLU D 162 2.89 8.08 -42.31
N LEU D 163 3.06 8.97 -41.33
CA LEU D 163 2.73 8.63 -39.96
C LEU D 163 1.23 8.49 -39.76
N TYR D 164 0.45 9.42 -40.35
CA TYR D 164 -1.01 9.35 -40.27
C TYR D 164 -1.52 8.01 -40.79
N GLU D 165 -1.06 7.60 -41.97
CA GLU D 165 -1.55 6.38 -42.59
C GLU D 165 -1.04 5.09 -41.93
N SER D 166 0.08 5.11 -41.22
CA SER D 166 0.51 3.89 -40.55
C SER D 166 -0.41 3.57 -39.37
N ALA D 167 -0.91 4.61 -38.71
CA ALA D 167 -1.86 4.40 -37.61
C ALA D 167 -3.26 4.04 -38.09
N LYS D 168 -3.61 4.40 -39.33
CA LYS D 168 -4.92 4.11 -39.91
C LYS D 168 -5.42 2.74 -39.54
N LYS D 169 -4.60 1.74 -39.82
CA LYS D 169 -5.04 0.37 -40.05
C LYS D 169 -4.69 -0.57 -38.89
N GLN D 170 -4.63 0.01 -37.69
CA GLN D 170 -4.58 -0.74 -36.44
C GLN D 170 -5.94 -0.43 -35.82
N SER D 171 -6.89 -1.28 -36.22
CA SER D 171 -8.30 -1.39 -35.87
C SER D 171 -8.61 -1.49 -34.38
N GLY D 172 -7.72 -2.06 -33.58
CA GLY D 172 -8.04 -2.40 -32.20
C GLY D 172 -8.55 -1.18 -31.43
N GLY D 173 -9.11 -1.46 -30.26
CA GLY D 173 -9.62 -0.46 -29.34
C GLY D 173 -11.14 -0.45 -29.31
N LYS D 174 -11.69 0.15 -28.25
CA LYS D 174 -13.13 0.40 -28.16
C LYS D 174 -13.42 1.79 -27.60
N VAL D 175 -14.51 2.39 -28.09
CA VAL D 175 -14.90 3.75 -27.72
C VAL D 175 -15.58 3.73 -26.35
N ALA D 176 -15.55 4.86 -25.66
CA ALA D 176 -16.24 4.97 -24.37
C ALA D 176 -17.76 4.97 -24.56
N ASP D 177 -18.51 5.35 -23.53
CA ASP D 177 -19.98 5.32 -23.58
C ASP D 177 -20.54 6.66 -24.09
N TYR D 178 -20.20 6.98 -25.34
CA TYR D 178 -20.62 8.24 -25.98
C TYR D 178 -21.23 7.93 -27.33
N ILE D 179 -22.51 8.28 -27.52
CA ILE D 179 -23.25 8.16 -28.79
C ILE D 179 -22.99 6.84 -29.52
N SER D 186 -21.09 5.40 -40.39
CA SER D 186 -20.18 4.90 -39.36
C SER D 186 -18.76 4.71 -39.87
N PRO D 187 -18.20 5.73 -40.57
CA PRO D 187 -16.92 5.52 -41.27
C PRO D 187 -15.68 5.61 -40.38
N ASP D 188 -15.81 5.46 -39.05
CA ASP D 188 -14.67 5.53 -38.15
C ASP D 188 -13.55 6.56 -38.45
N LEU D 189 -13.36 7.45 -37.47
CA LEU D 189 -12.64 8.71 -37.59
C LEU D 189 -11.20 8.69 -37.07
N TRP D 190 -10.39 9.62 -37.59
CA TRP D 190 -8.96 9.72 -37.33
C TRP D 190 -8.43 10.99 -37.95
N GLY D 191 -7.77 11.83 -37.16
CA GLY D 191 -7.26 13.08 -37.66
C GLY D 191 -6.13 13.58 -36.80
N VAL D 192 -5.18 14.26 -37.45
CA VAL D 192 -4.01 14.83 -36.81
C VAL D 192 -3.67 16.14 -37.49
N SER D 193 -3.42 17.17 -36.70
CA SER D 193 -3.02 18.47 -37.24
C SER D 193 -1.81 18.97 -36.45
N VAL D 194 -1.00 19.78 -37.14
CA VAL D 194 0.22 20.35 -36.62
C VAL D 194 0.21 21.84 -36.90
N CYS D 195 0.79 22.59 -35.97
CA CYS D 195 1.00 24.01 -36.17
C CYS D 195 2.34 24.35 -35.54
N THR D 196 3.29 24.87 -36.33
CA THR D 196 4.64 24.98 -35.79
C THR D 196 4.75 26.21 -34.90
N ALA D 197 5.87 26.31 -34.17
CA ALA D 197 6.07 27.51 -33.36
C ALA D 197 6.13 28.76 -34.25
N ASP D 198 6.12 28.57 -35.58
CA ASP D 198 6.18 29.68 -36.51
C ASP D 198 4.88 29.88 -37.28
N GLY D 199 3.88 29.07 -36.99
CA GLY D 199 2.61 29.23 -37.66
C GLY D 199 2.44 28.35 -38.88
N GLN D 200 3.45 27.55 -39.25
CA GLN D 200 3.26 26.66 -40.38
C GLN D 200 2.26 25.58 -39.98
N ARG D 201 1.30 25.30 -40.88
CA ARG D 201 0.18 24.44 -40.54
C ARG D 201 -0.06 23.34 -41.58
N HIS D 202 -0.55 22.20 -41.12
CA HIS D 202 -0.80 21.02 -41.93
C HIS D 202 -1.78 20.12 -41.20
N SER D 203 -2.74 19.59 -41.94
CA SER D 203 -3.76 18.68 -41.42
C SER D 203 -3.89 17.47 -42.34
N THR D 204 -4.29 16.33 -41.75
CA THR D 204 -4.75 15.22 -42.57
C THR D 204 -5.81 14.43 -41.82
N GLY D 205 -6.79 13.92 -42.57
CA GLY D 205 -7.92 13.22 -41.99
C GLY D 205 -9.00 14.14 -41.45
N ASP D 206 -9.66 13.67 -40.38
CA ASP D 206 -10.87 14.31 -39.86
C ASP D 206 -10.49 15.35 -38.81
N THR D 207 -9.88 16.42 -39.33
CA THR D 207 -9.29 17.48 -38.54
C THR D 207 -10.29 18.59 -38.20
N LYS D 208 -11.34 18.77 -39.00
CA LYS D 208 -12.32 19.84 -38.81
C LYS D 208 -13.66 19.31 -38.29
N VAL D 209 -13.65 18.18 -37.59
CA VAL D 209 -14.84 17.67 -36.91
C VAL D 209 -14.68 17.96 -35.43
N PRO D 210 -15.63 18.63 -34.77
CA PRO D 210 -15.49 18.91 -33.35
C PRO D 210 -15.72 17.70 -32.46
N PHE D 211 -15.02 17.71 -31.32
CA PHE D 211 -15.10 16.70 -30.27
C PHE D 211 -14.68 17.37 -28.97
N CYS D 212 -14.99 16.76 -27.84
CA CYS D 212 -14.71 17.52 -26.63
C CYS D 212 -13.29 17.25 -26.16
N LEU D 213 -12.78 18.16 -25.34
CA LEU D 213 -11.40 18.00 -24.89
C LEU D 213 -11.32 16.88 -23.86
N GLN D 214 -12.36 16.77 -23.05
CA GLN D 214 -12.38 15.96 -21.83
C GLN D 214 -11.20 16.42 -20.98
N SER D 215 -10.33 15.52 -20.54
CA SER D 215 -9.30 15.92 -19.61
C SER D 215 -8.02 16.32 -20.35
N CYS D 216 -8.07 16.38 -21.69
CA CYS D 216 -7.16 17.22 -22.49
C CYS D 216 -7.15 18.65 -21.98
N VAL D 217 -8.25 19.10 -21.37
CA VAL D 217 -8.35 20.47 -20.91
C VAL D 217 -7.66 20.66 -19.57
N LYS D 218 -7.28 19.56 -18.91
CA LYS D 218 -6.67 19.68 -17.58
C LYS D 218 -5.38 20.50 -17.56
N PRO D 219 -4.48 20.42 -18.57
CA PRO D 219 -3.31 21.31 -18.57
C PRO D 219 -3.67 22.75 -18.87
N LEU D 220 -4.59 22.98 -19.81
CA LEU D 220 -5.02 24.32 -20.14
C LEU D 220 -5.59 25.04 -18.92
N LYS D 221 -6.47 24.39 -18.14
CA LYS D 221 -6.98 25.11 -16.98
C LYS D 221 -5.92 25.23 -15.90
N TYR D 222 -5.02 24.25 -15.81
CA TYR D 222 -3.83 24.37 -14.95
C TYR D 222 -2.96 25.55 -15.36
N ALA D 223 -2.65 25.65 -16.67
CA ALA D 223 -1.86 26.77 -17.17
C ALA D 223 -2.52 28.10 -16.82
N ILE D 224 -3.84 28.20 -17.03
CA ILE D 224 -4.58 29.41 -16.67
C ILE D 224 -4.39 29.74 -15.20
N ALA D 225 -4.56 28.72 -14.33
CA ALA D 225 -4.48 28.92 -12.88
C ALA D 225 -3.13 29.52 -12.48
N VAL D 226 -2.06 28.86 -12.90
CA VAL D 226 -0.72 29.29 -12.60
C VAL D 226 -0.33 30.55 -13.34
N ASN D 227 -0.94 30.80 -14.50
CA ASN D 227 -0.73 32.07 -15.17
C ASN D 227 -1.25 33.22 -14.30
N ASP D 228 -2.44 33.04 -13.73
CA ASP D 228 -3.09 34.07 -12.93
C ASP D 228 -2.68 34.06 -11.45
N LEU D 229 -2.19 32.94 -10.94
CA LEU D 229 -1.91 32.83 -9.51
C LEU D 229 -0.46 32.52 -9.17
N GLY D 230 0.35 32.04 -10.12
CA GLY D 230 1.72 31.81 -9.73
C GLY D 230 1.96 30.39 -9.24
N THR D 231 3.22 29.95 -9.38
CA THR D 231 3.53 28.56 -9.09
C THR D 231 3.23 28.20 -7.64
N GLU D 232 3.53 29.11 -6.71
CA GLU D 232 3.55 28.73 -5.31
C GLU D 232 2.14 28.64 -4.74
N TYR D 233 1.23 29.54 -5.15
CA TYR D 233 -0.16 29.45 -4.71
C TYR D 233 -0.82 28.18 -5.25
N VAL D 234 -0.61 27.89 -6.53
CA VAL D 234 -1.33 26.77 -7.14
C VAL D 234 -0.92 25.46 -6.50
N HIS D 235 0.30 25.38 -5.96
CA HIS D 235 0.76 24.15 -5.34
C HIS D 235 0.69 24.18 -3.83
N ARG D 236 0.09 25.21 -3.26
CA ARG D 236 -0.48 25.07 -1.92
C ARG D 236 -1.65 24.09 -1.93
N TYR D 237 -2.24 23.83 -3.11
CA TYR D 237 -3.46 23.05 -3.24
C TYR D 237 -3.34 21.75 -4.04
N VAL D 238 -2.29 21.55 -4.84
CA VAL D 238 -2.13 20.33 -5.63
C VAL D 238 -0.64 20.02 -5.74
N GLY D 239 -0.31 18.73 -5.76
CA GLY D 239 1.07 18.28 -5.85
C GLY D 239 1.62 18.35 -7.27
N LYS D 240 2.88 17.89 -7.41
CA LYS D 240 3.59 18.04 -8.67
C LYS D 240 4.29 16.78 -9.15
N GLU D 241 3.84 15.59 -8.77
CA GLU D 241 4.46 14.34 -9.22
C GLU D 241 3.38 13.35 -9.62
N PRO D 242 3.70 12.29 -10.35
CA PRO D 242 2.73 11.21 -10.55
C PRO D 242 2.61 10.32 -9.32
N SER D 243 1.46 9.64 -9.27
CA SER D 243 1.04 8.82 -8.12
C SER D 243 2.04 7.71 -7.78
N GLY D 244 2.34 6.88 -8.76
CA GLY D 244 2.82 5.54 -8.51
C GLY D 244 1.92 4.69 -9.36
N LEU D 245 2.48 3.63 -9.90
CA LEU D 245 2.07 2.82 -11.05
C LEU D 245 0.97 1.82 -10.65
N ARG D 246 0.89 2.08 -9.37
CA ARG D 246 0.08 1.46 -8.35
C ARG D 246 -1.14 2.29 -7.92
N PHE D 247 -1.01 3.60 -7.80
CA PHE D 247 -1.92 4.36 -6.95
C PHE D 247 -2.90 5.25 -7.68
N ASN D 248 -3.44 4.74 -8.75
CA ASN D 248 -4.44 5.52 -9.38
C ASN D 248 -5.77 5.39 -8.67
N LYS D 249 -5.80 4.66 -7.54
CA LYS D 249 -7.04 4.52 -6.80
C LYS D 249 -6.97 5.22 -5.44
N LEU D 250 -5.94 6.02 -5.22
CA LEU D 250 -5.90 6.96 -4.10
C LEU D 250 -6.26 8.35 -4.60
N PHE D 251 -6.71 9.21 -3.68
CA PHE D 251 -7.06 10.59 -4.06
C PHE D 251 -5.99 11.61 -3.69
N LEU D 252 -5.30 11.41 -2.58
CA LEU D 252 -4.38 12.39 -2.06
C LEU D 252 -2.98 11.80 -1.96
N ASN D 253 -1.99 12.70 -1.97
CA ASN D 253 -0.63 12.32 -1.72
C ASN D 253 -0.41 12.44 -0.22
N GLU D 254 0.82 12.48 0.21
CA GLU D 254 1.08 12.30 1.61
C GLU D 254 1.00 13.63 2.36
N ASP D 255 0.87 14.73 1.62
CA ASP D 255 0.64 16.07 2.15
C ASP D 255 -0.79 16.52 1.92
N ASP D 256 -1.68 15.57 1.67
CA ASP D 256 -3.12 15.80 1.64
C ASP D 256 -3.55 16.74 0.51
N LYS D 257 -2.82 16.73 -0.61
CA LYS D 257 -3.16 17.33 -1.89
C LYS D 257 -3.36 16.23 -2.93
N PRO D 258 -4.25 16.41 -3.90
CA PRO D 258 -4.28 15.44 -5.01
C PRO D 258 -2.93 15.45 -5.67
N HIS D 259 -2.57 14.31 -6.29
CA HIS D 259 -1.17 14.09 -6.65
C HIS D 259 -0.65 15.18 -7.57
N ASN D 260 -1.43 15.57 -8.55
CA ASN D 260 -0.95 16.49 -9.56
C ASN D 260 -2.10 16.95 -10.43
N PRO D 261 -1.93 18.02 -11.21
CA PRO D 261 -3.05 18.60 -11.95
C PRO D 261 -3.61 17.76 -13.08
N MET D 262 -3.03 16.63 -13.45
CA MET D 262 -3.55 15.93 -14.62
C MET D 262 -4.25 14.60 -14.31
N VAL D 263 -4.71 14.44 -13.08
CA VAL D 263 -5.63 13.36 -12.69
C VAL D 263 -6.87 14.04 -12.07
N ASN D 264 -8.05 13.41 -12.25
CA ASN D 264 -9.30 14.10 -11.95
C ASN D 264 -9.30 14.80 -10.59
N ALA D 265 -8.82 14.14 -9.54
CA ALA D 265 -8.79 14.78 -8.22
C ALA D 265 -8.02 16.10 -8.25
N GLY D 266 -6.87 16.11 -8.94
CA GLY D 266 -6.09 17.34 -9.03
C GLY D 266 -6.77 18.36 -9.91
N ALA D 267 -7.37 17.92 -11.01
CA ALA D 267 -8.02 18.88 -11.90
C ALA D 267 -9.21 19.57 -11.22
N ILE D 268 -9.99 18.83 -10.42
CA ILE D 268 -11.12 19.41 -9.72
C ILE D 268 -10.68 20.57 -8.83
N VAL D 269 -9.59 20.37 -8.09
CA VAL D 269 -9.17 21.42 -7.17
C VAL D 269 -8.59 22.63 -7.94
N VAL D 270 -7.84 22.41 -9.04
CA VAL D 270 -7.36 23.61 -9.76
C VAL D 270 -8.53 24.29 -10.46
N THR D 271 -9.56 23.54 -10.84
CA THR D 271 -10.81 24.14 -11.31
C THR D 271 -11.38 25.08 -10.24
N SER D 272 -11.20 24.72 -8.98
CA SER D 272 -11.66 25.52 -7.85
C SER D 272 -10.93 26.86 -7.74
N LEU D 273 -9.76 27.01 -8.36
CA LEU D 273 -8.90 28.18 -8.16
C LEU D 273 -9.03 29.24 -9.23
N ILE D 274 -9.60 28.91 -10.38
CA ILE D 274 -9.77 29.87 -11.46
C ILE D 274 -10.68 30.98 -10.96
N LYS D 275 -10.16 32.22 -10.91
CA LYS D 275 -11.02 33.41 -10.82
C LYS D 275 -11.94 33.43 -9.60
N GLN D 276 -11.50 32.98 -8.44
CA GLN D 276 -12.46 32.77 -7.36
C GLN D 276 -13.13 34.08 -6.91
N GLY D 277 -14.31 33.92 -6.31
CA GLY D 277 -15.16 35.02 -5.91
C GLY D 277 -16.23 35.43 -6.92
N VAL D 278 -16.14 34.96 -8.15
CA VAL D 278 -17.10 35.26 -9.21
C VAL D 278 -18.02 34.05 -9.40
N ASN D 279 -19.14 34.25 -10.09
CA ASN D 279 -20.04 33.12 -10.29
C ASN D 279 -19.55 32.24 -11.45
N ASN D 280 -20.11 31.00 -11.53
CA ASN D 280 -19.61 29.96 -12.43
C ASN D 280 -20.00 30.18 -13.89
N ALA D 281 -21.06 30.91 -14.17
CA ALA D 281 -21.30 31.29 -15.56
C ALA D 281 -20.18 32.20 -16.05
N GLU D 282 -19.65 33.05 -15.16
CA GLU D 282 -18.64 34.02 -15.56
C GLU D 282 -17.24 33.44 -15.58
N LYS D 283 -16.96 32.39 -14.79
CA LYS D 283 -15.61 31.78 -14.79
C LYS D 283 -15.45 30.92 -16.03
N PHE D 284 -16.55 30.24 -16.38
CA PHE D 284 -16.63 29.51 -17.62
C PHE D 284 -16.41 30.45 -18.82
N ASP D 285 -16.97 31.68 -18.77
CA ASP D 285 -16.69 32.60 -19.86
C ASP D 285 -15.22 32.98 -19.84
N TYR D 286 -14.64 33.13 -18.64
CA TYR D 286 -13.24 33.52 -18.52
C TYR D 286 -12.32 32.48 -19.15
N VAL D 287 -12.54 31.19 -18.85
CA VAL D 287 -11.76 30.15 -19.51
C VAL D 287 -11.96 30.22 -21.03
N MET D 288 -13.20 30.45 -21.46
CA MET D 288 -13.46 30.45 -22.89
C MET D 288 -12.83 31.67 -23.55
N GLN D 289 -12.79 32.83 -22.84
CA GLN D 289 -12.00 33.95 -23.36
C GLN D 289 -10.57 33.48 -23.59
N PHE D 290 -10.04 32.73 -22.61
CA PHE D 290 -8.65 32.28 -22.60
C PHE D 290 -8.38 31.21 -23.65
N LEU D 291 -9.26 30.22 -23.77
CA LEU D 291 -9.07 29.22 -24.82
C LEU D 291 -9.20 29.86 -26.19
N ASN D 292 -9.98 30.94 -26.31
CA ASN D 292 -10.02 31.62 -27.59
C ASN D 292 -8.68 32.25 -27.91
N LYS D 293 -7.95 32.72 -26.89
CA LYS D 293 -6.63 33.25 -27.13
C LYS D 293 -5.57 32.16 -27.32
N MET D 294 -5.77 30.97 -26.75
CA MET D 294 -4.79 29.90 -26.95
C MET D 294 -4.87 29.34 -28.37
N ALA D 295 -6.05 29.36 -28.98
CA ALA D 295 -6.22 28.83 -30.32
C ALA D 295 -6.18 29.91 -31.40
N GLY D 296 -5.69 31.10 -31.07
CA GLY D 296 -5.67 32.17 -32.06
C GLY D 296 -7.03 32.51 -32.60
N ASN D 297 -8.07 32.31 -31.78
CA ASN D 297 -9.47 32.53 -32.12
C ASN D 297 -9.97 31.56 -33.20
N GLU D 298 -9.39 30.35 -33.24
CA GLU D 298 -9.95 29.25 -34.03
C GLU D 298 -11.00 28.50 -33.20
N TYR D 299 -11.48 27.36 -33.71
CA TYR D 299 -12.72 26.81 -33.20
C TYR D 299 -12.58 26.31 -31.77
N VAL D 300 -13.32 26.91 -30.86
CA VAL D 300 -13.56 26.32 -29.57
C VAL D 300 -15.04 26.44 -29.30
N GLY D 301 -15.76 25.31 -29.33
CA GLY D 301 -17.19 25.27 -29.08
C GLY D 301 -17.55 24.46 -27.84
N PHE D 302 -18.79 23.95 -27.77
CA PHE D 302 -19.25 23.24 -26.58
C PHE D 302 -20.37 22.28 -26.94
N SER D 303 -20.32 21.09 -26.35
CA SER D 303 -21.32 20.06 -26.57
C SER D 303 -22.04 19.80 -25.26
N ASN D 304 -23.30 20.24 -25.19
CA ASN D 304 -24.04 20.10 -23.94
C ASN D 304 -24.45 18.65 -23.74
N ALA D 305 -24.45 17.85 -24.82
CA ALA D 305 -24.76 16.42 -24.69
C ALA D 305 -23.78 15.72 -23.77
N THR D 306 -22.48 15.96 -23.94
CA THR D 306 -21.52 15.32 -23.05
C THR D 306 -21.40 16.03 -21.70
N PHE D 307 -21.80 17.30 -21.62
CA PHE D 307 -21.92 17.95 -20.31
C PHE D 307 -22.93 17.25 -19.44
N GLN D 308 -24.07 16.85 -20.03
CA GLN D 308 -25.07 16.19 -19.22
C GLN D 308 -24.65 14.78 -18.83
N SER D 309 -23.91 14.09 -19.70
CA SER D 309 -23.53 12.73 -19.39
C SER D 309 -22.48 12.62 -18.30
N GLU D 310 -21.72 13.67 -18.06
CA GLU D 310 -20.81 13.60 -16.93
C GLU D 310 -21.45 14.17 -15.67
N ARG D 311 -22.46 15.03 -15.81
CA ARG D 311 -23.24 15.35 -14.64
C ARG D 311 -23.98 14.10 -14.17
N GLU D 312 -24.46 13.29 -15.13
CA GLU D 312 -25.21 12.07 -14.83
C GLU D 312 -24.33 11.00 -14.20
N SER D 313 -23.15 10.82 -14.75
CA SER D 313 -22.32 9.65 -14.50
C SER D 313 -21.03 10.07 -13.79
N GLY D 314 -21.17 11.01 -12.86
CA GLY D 314 -20.05 11.46 -12.07
C GLY D 314 -20.17 11.15 -10.60
N ASP D 315 -20.76 9.98 -10.29
CA ASP D 315 -20.80 9.55 -8.90
C ASP D 315 -19.36 9.48 -8.37
N ARG D 316 -18.45 9.09 -9.24
CA ARG D 316 -17.02 9.07 -9.00
C ARG D 316 -16.48 10.40 -8.49
N ASN D 317 -16.79 11.44 -9.25
CA ASN D 317 -16.25 12.75 -9.00
C ASN D 317 -16.87 13.36 -7.75
N PHE D 318 -18.14 13.05 -7.47
CA PHE D 318 -18.73 13.52 -6.22
C PHE D 318 -18.01 12.91 -5.02
N ALA D 319 -17.68 11.63 -5.10
CA ALA D 319 -16.88 11.03 -4.04
C ALA D 319 -15.60 11.81 -3.82
N ILE D 320 -14.90 12.14 -4.91
CA ILE D 320 -13.67 12.94 -4.79
C ILE D 320 -13.97 14.29 -4.13
N GLY D 321 -15.06 14.94 -4.52
CA GLY D 321 -15.35 16.26 -3.97
C GLY D 321 -15.59 16.23 -2.47
N TYR D 322 -16.41 15.28 -2.03
CA TYR D 322 -16.68 15.17 -0.60
C TYR D 322 -15.41 14.76 0.15
N TYR D 323 -14.63 13.83 -0.43
CA TYR D 323 -13.35 13.49 0.17
C TYR D 323 -12.45 14.71 0.31
N LEU D 324 -12.36 15.54 -0.74
CA LEU D 324 -11.44 16.66 -0.69
C LEU D 324 -11.99 17.77 0.18
N LYS D 325 -13.33 17.97 0.16
CA LYS D 325 -13.96 18.91 1.07
C LYS D 325 -13.73 18.48 2.50
N GLU D 326 -13.77 17.17 2.74
CA GLU D 326 -13.66 16.68 4.10
C GLU D 326 -12.25 16.79 4.60
N LYS D 327 -11.26 16.69 3.71
CA LYS D 327 -9.89 16.85 4.15
C LYS D 327 -9.33 18.23 3.77
N LYS D 328 -10.17 19.28 3.76
CA LYS D 328 -9.74 20.67 3.86
C LYS D 328 -8.88 21.13 2.66
N CYS D 329 -9.17 20.60 1.45
CA CYS D 329 -8.29 20.76 0.29
C CYS D 329 -8.74 21.82 -0.69
N PHE D 330 -9.74 22.60 -0.35
CA PHE D 330 -10.18 23.65 -1.24
C PHE D 330 -9.86 25.01 -0.64
N PRO D 331 -9.82 26.05 -1.46
CA PRO D 331 -9.69 27.42 -0.95
C PRO D 331 -10.94 27.80 -0.18
N GLU D 332 -10.82 28.78 0.70
CA GLU D 332 -11.90 28.99 1.64
C GLU D 332 -13.07 29.70 0.93
N GLY D 333 -14.28 29.31 1.34
CA GLY D 333 -15.47 29.72 0.66
C GLY D 333 -15.66 29.01 -0.66
N THR D 334 -15.18 27.78 -0.81
CA THR D 334 -15.42 27.09 -2.07
C THR D 334 -16.75 26.35 -1.99
N ASP D 335 -17.55 26.51 -3.03
CA ASP D 335 -18.82 25.79 -3.12
C ASP D 335 -18.50 24.51 -3.86
N MET D 336 -18.33 23.46 -3.07
CA MET D 336 -17.84 22.18 -3.55
C MET D 336 -18.70 21.63 -4.69
N VAL D 337 -20.00 21.49 -4.45
CA VAL D 337 -20.86 20.87 -5.46
C VAL D 337 -21.00 21.77 -6.67
N GLY D 338 -20.73 23.07 -6.51
CA GLY D 338 -20.70 23.97 -7.65
C GLY D 338 -19.46 23.81 -8.49
N ILE D 339 -18.30 23.63 -7.85
CA ILE D 339 -17.05 23.45 -8.59
C ILE D 339 -17.13 22.20 -9.45
N LEU D 340 -17.85 21.17 -9.00
CA LEU D 340 -17.89 19.94 -9.80
C LEU D 340 -18.74 20.12 -11.04
N ASP D 341 -19.80 20.90 -10.96
CA ASP D 341 -20.58 21.20 -12.15
C ASP D 341 -19.71 21.98 -13.13
N PHE D 342 -19.03 23.02 -12.62
CA PHE D 342 -18.07 23.77 -13.42
C PHE D 342 -17.02 22.85 -14.03
N TYR D 343 -16.56 21.87 -13.25
CA TYR D 343 -15.60 20.91 -13.78
C TYR D 343 -16.22 20.15 -14.95
N PHE D 344 -17.47 19.68 -14.81
CA PHE D 344 -18.08 18.94 -15.90
C PHE D 344 -18.25 19.79 -17.14
N GLN D 345 -18.48 21.11 -16.96
CA GLN D 345 -18.56 22.03 -18.09
C GLN D 345 -17.24 22.08 -18.85
N LEU D 346 -16.13 22.26 -18.12
CA LEU D 346 -14.82 22.36 -18.76
C LEU D 346 -14.48 21.13 -19.56
N CYS D 347 -14.82 19.95 -19.05
CA CYS D 347 -14.52 18.73 -19.76
C CYS D 347 -15.39 18.54 -21.01
N SER D 348 -16.38 19.38 -21.23
CA SER D 348 -17.17 19.20 -22.44
C SER D 348 -17.14 20.47 -23.28
N ILE D 349 -16.01 21.15 -23.26
CA ILE D 349 -15.64 22.15 -24.26
C ILE D 349 -15.22 21.44 -25.55
N GLU D 350 -15.78 21.86 -26.67
CA GLU D 350 -15.46 21.23 -27.95
C GLU D 350 -14.26 21.94 -28.60
N VAL D 351 -13.52 21.18 -29.40
CA VAL D 351 -12.43 21.68 -30.23
C VAL D 351 -12.43 20.90 -31.53
N THR D 352 -11.49 21.24 -32.39
CA THR D 352 -11.12 20.39 -33.54
C THR D 352 -9.64 20.13 -33.42
N CYS D 353 -9.08 19.36 -34.34
CA CYS D 353 -7.65 19.13 -34.20
C CYS D 353 -6.89 20.36 -34.66
N GLU D 354 -7.43 21.06 -35.68
CA GLU D 354 -6.77 22.26 -36.16
C GLU D 354 -6.72 23.31 -35.05
N SER D 355 -7.90 23.69 -34.51
CA SER D 355 -7.96 24.58 -33.36
C SER D 355 -6.93 24.19 -32.30
N ALA D 356 -7.03 22.96 -31.79
CA ALA D 356 -6.20 22.60 -30.65
C ALA D 356 -4.71 22.56 -31.01
N SER D 357 -4.37 22.23 -32.26
CA SER D 357 -2.98 22.33 -32.72
C SER D 357 -2.39 23.65 -32.25
N VAL D 358 -3.17 24.72 -32.38
CA VAL D 358 -2.68 26.04 -32.05
C VAL D 358 -2.44 26.15 -30.55
N MET D 359 -3.37 25.65 -29.73
CA MET D 359 -3.18 25.70 -28.28
C MET D 359 -1.94 24.91 -27.89
N ALA D 360 -1.74 23.74 -28.51
CA ALA D 360 -0.50 23.00 -28.33
C ALA D 360 0.71 23.86 -28.72
N ALA D 361 0.61 24.55 -29.86
CA ALA D 361 1.72 25.38 -30.35
C ALA D 361 1.95 26.59 -29.46
N THR D 362 0.89 27.13 -28.84
CA THR D 362 1.08 28.18 -27.84
C THR D 362 1.94 27.67 -26.69
N LEU D 363 1.69 26.41 -26.27
CA LEU D 363 2.48 25.79 -25.23
C LEU D 363 3.89 25.46 -25.72
N ALA D 364 4.00 25.07 -26.99
CA ALA D 364 5.31 24.85 -27.57
C ALA D 364 6.11 26.13 -27.69
N ASN D 365 5.48 27.28 -27.52
CA ASN D 365 6.09 28.53 -27.93
C ASN D 365 6.11 29.53 -26.78
N GLY D 366 6.45 29.08 -25.57
CA GLY D 366 6.66 30.00 -24.47
C GLY D 366 5.46 30.83 -24.10
N GLY D 367 4.27 30.37 -24.46
CA GLY D 367 3.06 31.08 -24.13
C GLY D 367 2.64 32.10 -25.15
N PHE D 368 3.28 32.12 -26.32
CA PHE D 368 2.90 32.97 -27.43
C PHE D 368 2.15 32.17 -28.48
N CYS D 369 0.96 32.64 -28.85
CA CYS D 369 0.20 31.94 -29.88
C CYS D 369 0.93 32.14 -31.20
N PRO D 370 1.32 31.07 -31.90
CA PRO D 370 2.20 31.25 -33.06
C PRO D 370 1.56 31.92 -34.26
N ILE D 371 0.22 31.90 -34.38
CA ILE D 371 -0.42 32.48 -35.56
C ILE D 371 -1.00 33.86 -35.31
N THR D 372 -0.82 34.43 -34.12
CA THR D 372 -1.24 35.81 -33.87
C THR D 372 -0.15 36.71 -33.31
N GLY D 373 0.88 36.15 -32.69
CA GLY D 373 1.92 36.89 -32.03
C GLY D 373 1.53 37.37 -30.64
N GLU D 374 0.33 37.03 -30.19
CA GLU D 374 -0.11 37.43 -28.88
C GLU D 374 0.40 36.53 -27.76
N ARG D 375 0.73 37.18 -26.64
CA ARG D 375 1.20 36.53 -25.42
C ARG D 375 0.01 36.10 -24.56
N VAL D 376 -0.12 34.80 -24.35
CA VAL D 376 -1.29 34.21 -23.73
C VAL D 376 -0.99 33.68 -22.33
N LEU D 377 0.12 32.95 -22.18
CA LEU D 377 0.44 32.34 -20.90
C LEU D 377 1.85 32.73 -20.47
N SER D 378 2.02 32.92 -19.17
CA SER D 378 3.31 33.31 -18.62
C SER D 378 4.34 32.23 -18.92
N PRO D 379 5.60 32.61 -19.09
CA PRO D 379 6.62 31.59 -19.30
C PRO D 379 6.65 30.60 -18.14
N GLU D 380 6.44 31.09 -16.91
CA GLU D 380 6.32 30.20 -15.76
C GLU D 380 5.21 29.18 -15.96
N ALA D 381 4.07 29.65 -16.48
CA ALA D 381 2.91 28.77 -16.61
C ALA D 381 3.15 27.70 -17.66
N VAL D 382 3.82 28.05 -18.76
CA VAL D 382 3.91 27.08 -19.83
C VAL D 382 5.05 26.13 -19.55
N ARG D 383 5.98 26.52 -18.65
CA ARG D 383 6.97 25.56 -18.16
C ARG D 383 6.33 24.56 -17.23
N ASN D 384 5.65 25.05 -16.20
CA ASN D 384 5.07 24.17 -15.20
C ASN D 384 4.16 23.16 -15.87
N THR D 385 3.32 23.63 -16.78
CA THR D 385 2.39 22.76 -17.51
C THR D 385 3.14 21.74 -18.34
N LEU D 386 4.16 22.17 -19.07
CA LEU D 386 4.88 21.22 -19.91
C LEU D 386 5.59 20.17 -19.06
N SER D 387 5.91 20.49 -17.81
CA SER D 387 6.61 19.54 -16.97
C SER D 387 5.70 18.39 -16.56
N LEU D 388 4.42 18.66 -16.32
CA LEU D 388 3.53 17.61 -15.83
C LEU D 388 2.77 16.87 -16.93
N MET D 389 2.67 17.41 -18.13
CA MET D 389 2.15 16.58 -19.20
C MET D 389 3.14 15.50 -19.56
N HIS D 390 4.42 15.76 -19.30
CA HIS D 390 5.47 14.76 -19.45
C HIS D 390 5.29 13.61 -18.45
N SER D 391 5.37 13.94 -17.16
CA SER D 391 5.32 12.96 -16.08
C SER D 391 3.94 12.31 -15.94
N CYS D 392 2.85 13.07 -16.16
CA CYS D 392 1.54 12.62 -15.72
C CYS D 392 0.50 12.55 -16.83
N GLY D 393 0.90 12.76 -18.08
CA GLY D 393 -0.08 13.12 -19.07
C GLY D 393 -0.87 12.01 -19.74
N MET D 394 -0.51 10.75 -19.55
CA MET D 394 -1.25 9.68 -20.23
C MET D 394 -1.88 8.74 -19.23
N TYR D 395 -2.24 9.27 -18.06
CA TYR D 395 -2.87 8.48 -17.00
C TYR D 395 -1.84 7.40 -16.63
N ASP D 396 -2.17 6.12 -16.70
CA ASP D 396 -1.22 5.11 -16.22
C ASP D 396 -0.09 4.85 -17.19
N PHE D 397 -0.24 5.26 -18.43
CA PHE D 397 0.80 5.03 -19.42
C PHE D 397 1.84 6.16 -19.45
N SER D 398 1.81 7.08 -18.48
CA SER D 398 2.67 8.24 -18.58
C SER D 398 4.15 7.93 -18.29
N GLY D 399 4.44 6.94 -17.43
CA GLY D 399 5.83 6.54 -17.25
C GLY D 399 6.45 5.90 -18.49
N GLN D 400 5.69 5.01 -19.14
CA GLN D 400 6.21 4.42 -20.38
C GLN D 400 6.29 5.48 -21.47
N PHE D 401 5.32 6.40 -21.47
CA PHE D 401 5.30 7.48 -22.43
C PHE D 401 6.53 8.36 -22.27
N ALA D 402 6.79 8.82 -21.04
CA ALA D 402 7.95 9.69 -20.82
C ALA D 402 9.25 9.02 -21.29
N PHE D 403 9.29 7.68 -21.28
CA PHE D 403 10.47 6.96 -21.68
C PHE D 403 10.60 6.83 -23.20
N HIS D 404 9.54 6.37 -23.87
CA HIS D 404 9.62 6.02 -25.29
C HIS D 404 9.30 7.14 -26.27
N VAL D 405 8.67 8.25 -25.84
CA VAL D 405 8.43 9.36 -26.75
C VAL D 405 8.94 10.67 -26.16
N GLY D 406 8.94 10.77 -24.84
CA GLY D 406 9.52 11.92 -24.15
C GLY D 406 8.95 13.27 -24.54
N LEU D 407 7.69 13.31 -24.99
CA LEU D 407 7.09 14.60 -25.32
C LEU D 407 5.97 14.93 -24.35
N PRO D 408 5.86 16.18 -23.93
CA PRO D 408 4.66 16.56 -23.16
C PRO D 408 3.43 16.27 -23.98
N ALA D 409 2.52 15.53 -23.39
CA ALA D 409 1.30 15.14 -24.06
C ALA D 409 0.21 15.01 -23.01
N LYS D 410 -1.03 15.05 -23.48
CA LYS D 410 -2.19 14.89 -22.61
C LYS D 410 -3.27 14.21 -23.44
N SER D 411 -3.80 13.11 -22.95
CA SER D 411 -4.95 12.50 -23.62
C SER D 411 -6.22 12.70 -22.80
N GLY D 412 -7.34 12.54 -23.47
CA GLY D 412 -8.63 12.55 -22.84
C GLY D 412 -9.52 11.50 -23.49
N VAL D 413 -10.62 11.19 -22.81
CA VAL D 413 -11.44 10.04 -23.20
C VAL D 413 -12.16 10.23 -24.53
N ALA D 414 -12.20 11.45 -25.06
CA ALA D 414 -12.88 11.66 -26.34
C ALA D 414 -12.13 11.06 -27.53
N GLY D 415 -10.85 10.72 -27.36
CA GLY D 415 -10.03 10.19 -28.42
C GLY D 415 -8.92 11.11 -28.86
N GLY D 416 -8.70 12.21 -28.14
CA GLY D 416 -7.70 13.20 -28.51
C GLY D 416 -6.43 13.07 -27.73
N ILE D 417 -5.31 13.45 -28.34
CA ILE D 417 -4.05 13.62 -27.63
C ILE D 417 -3.45 14.96 -28.05
N LEU D 418 -3.29 15.85 -27.08
CA LEU D 418 -2.71 17.17 -27.28
C LEU D 418 -1.20 17.01 -27.07
N LEU D 419 -0.43 17.19 -28.13
CA LEU D 419 1.00 16.88 -28.16
C LEU D 419 1.84 18.14 -28.33
N VAL D 420 2.96 18.21 -27.62
CA VAL D 420 3.86 19.36 -27.68
C VAL D 420 5.28 18.92 -28.01
N VAL D 421 5.81 19.36 -29.15
CA VAL D 421 7.27 19.30 -29.30
C VAL D 421 7.83 20.68 -28.98
N PRO D 422 8.41 20.89 -27.81
CA PRO D 422 8.84 22.26 -27.45
C PRO D 422 9.75 22.85 -28.51
N ASN D 423 9.54 24.14 -28.79
CA ASN D 423 10.32 24.94 -29.73
C ASN D 423 10.17 24.50 -31.17
N VAL D 424 9.21 23.65 -31.47
CA VAL D 424 9.00 23.17 -32.83
C VAL D 424 7.56 23.38 -33.25
N MET D 425 6.65 22.70 -32.55
CA MET D 425 5.30 22.54 -33.09
C MET D 425 4.36 22.12 -31.97
N GLY D 426 3.07 22.32 -32.23
CA GLY D 426 2.03 21.67 -31.46
C GLY D 426 1.19 20.77 -32.35
N MET D 427 0.49 19.82 -31.74
CA MET D 427 -0.31 18.88 -32.51
C MET D 427 -1.52 18.49 -31.70
N MET D 428 -2.54 18.03 -32.41
CA MET D 428 -3.69 17.36 -31.79
C MET D 428 -4.04 16.18 -32.67
N CYS D 429 -3.99 14.97 -32.10
CA CYS D 429 -4.41 13.76 -32.79
C CYS D 429 -5.71 13.28 -32.17
N TRP D 430 -6.64 12.85 -33.02
CA TRP D 430 -7.96 12.45 -32.54
C TRP D 430 -8.41 11.21 -33.30
N SER D 431 -8.60 10.09 -32.57
CA SER D 431 -9.34 8.94 -33.08
C SER D 431 -10.03 8.29 -31.88
N PRO D 432 -11.36 8.18 -31.91
CA PRO D 432 -12.13 7.87 -30.68
C PRO D 432 -11.89 6.47 -30.10
N PRO D 433 -11.56 5.44 -30.90
CA PRO D 433 -11.27 4.14 -30.27
C PRO D 433 -10.07 4.23 -29.32
N LEU D 434 -10.33 3.90 -28.06
CA LEU D 434 -9.27 3.93 -27.07
C LEU D 434 -8.72 2.53 -26.80
N ASP D 435 -7.52 2.51 -26.22
CA ASP D 435 -7.02 1.27 -25.67
C ASP D 435 -7.70 1.16 -24.31
N LYS D 436 -7.25 0.22 -23.48
CA LYS D 436 -7.87 0.02 -22.17
C LYS D 436 -7.01 0.55 -21.03
N MET D 437 -6.21 1.58 -21.29
CA MET D 437 -5.68 2.47 -20.25
C MET D 437 -6.25 3.87 -20.38
N GLY D 438 -7.01 4.15 -21.44
CA GLY D 438 -7.65 5.44 -21.64
C GLY D 438 -7.08 6.31 -22.75
N ASN D 439 -6.09 5.82 -23.51
CA ASN D 439 -5.42 6.57 -24.56
C ASN D 439 -5.93 6.18 -25.95
N SER D 440 -6.22 7.18 -26.79
CA SER D 440 -6.45 6.91 -28.21
C SER D 440 -5.42 5.91 -28.73
N VAL D 441 -5.90 4.77 -29.24
CA VAL D 441 -4.99 3.74 -29.75
C VAL D 441 -4.18 4.27 -30.93
N LYS D 442 -4.86 4.89 -31.91
CA LYS D 442 -4.12 5.40 -33.07
C LYS D 442 -3.29 6.62 -32.70
N GLY D 443 -3.71 7.35 -31.66
CA GLY D 443 -2.91 8.48 -31.22
C GLY D 443 -1.57 8.04 -30.67
N ILE D 444 -1.59 7.05 -29.80
CA ILE D 444 -0.34 6.57 -29.20
C ILE D 444 0.57 5.98 -30.26
N HIS D 445 0.01 5.17 -31.17
CA HIS D 445 0.81 4.63 -32.27
C HIS D 445 1.51 5.75 -33.03
N PHE D 446 0.81 6.87 -33.26
CA PHE D 446 1.38 7.98 -34.01
C PHE D 446 2.55 8.63 -33.28
N CYS D 447 2.42 8.85 -31.99
CA CYS D 447 3.51 9.53 -31.30
C CYS D 447 4.67 8.61 -31.06
N HIS D 448 4.47 7.30 -31.09
CA HIS D 448 5.60 6.39 -31.12
C HIS D 448 6.35 6.57 -32.44
N ASP D 449 5.63 6.42 -33.56
CA ASP D 449 6.27 6.58 -34.87
C ASP D 449 6.85 7.98 -35.06
N LEU D 450 6.27 9.01 -34.43
CA LEU D 450 6.79 10.37 -34.61
C LEU D 450 8.20 10.48 -34.08
N VAL D 451 8.44 9.97 -32.88
CA VAL D 451 9.78 10.06 -32.31
C VAL D 451 10.64 8.87 -32.73
N SER D 452 10.03 7.77 -33.14
CA SER D 452 10.64 6.70 -33.93
C SER D 452 11.15 7.15 -35.30
N LEU D 453 11.27 8.45 -35.55
CA LEU D 453 11.56 8.91 -36.91
C LEU D 453 12.22 10.28 -36.88
N CYS D 454 11.80 11.17 -36.00
CA CYS D 454 12.48 12.44 -35.83
C CYS D 454 13.02 12.54 -34.42
N ASN D 455 14.14 13.27 -34.29
CA ASN D 455 14.81 13.42 -33.00
C ASN D 455 14.09 14.46 -32.14
N PHE D 456 12.80 14.21 -31.92
CA PHE D 456 11.97 15.11 -31.13
C PHE D 456 11.89 14.70 -29.66
N HIS D 457 12.35 13.51 -29.29
CA HIS D 457 12.41 13.11 -27.89
C HIS D 457 13.20 14.11 -27.06
N ASN D 458 12.84 14.22 -25.78
CA ASN D 458 13.39 15.26 -24.94
C ASN D 458 14.80 15.02 -24.49
N TYR D 459 15.33 13.85 -24.77
CA TYR D 459 16.70 13.56 -24.41
C TYR D 459 17.37 12.88 -25.58
N ASP D 460 16.95 13.26 -26.79
CA ASP D 460 17.76 13.12 -27.98
C ASP D 460 18.81 14.22 -27.98
N ASN D 461 19.81 14.09 -28.84
CA ASN D 461 20.80 15.12 -29.05
C ASN D 461 20.59 15.68 -30.45
N LEU D 462 20.83 16.99 -30.58
CA LEU D 462 20.68 17.71 -31.85
C LEU D 462 21.92 17.60 -32.74
N ARG D 463 22.99 16.94 -32.26
CA ARG D 463 24.25 16.68 -32.96
C ARG D 463 24.37 15.25 -33.46
N HIS D 464 24.31 14.24 -32.59
CA HIS D 464 24.34 12.86 -33.10
C HIS D 464 23.10 12.13 -32.63
N PHE D 465 22.33 11.67 -33.61
CA PHE D 465 21.01 11.08 -33.42
C PHE D 465 20.80 9.87 -34.33
N ALA D 466 21.86 9.12 -34.66
CA ALA D 466 21.76 7.78 -35.26
C ALA D 466 21.06 7.80 -36.61
N LYS D 467 20.01 7.01 -36.84
CA LYS D 467 19.42 6.85 -38.16
C LYS D 467 18.07 7.56 -38.35
N LYS D 468 17.75 8.53 -37.49
CA LYS D 468 16.49 9.27 -37.66
C LYS D 468 16.69 10.70 -38.18
N LEU D 469 15.56 11.27 -38.62
CA LEU D 469 15.40 12.64 -39.10
C LEU D 469 15.57 13.77 -38.09
N ASP D 470 15.93 14.93 -38.64
CA ASP D 470 15.83 16.25 -38.00
C ASP D 470 15.21 17.21 -39.01
N PRO D 471 13.90 17.49 -38.93
CA PRO D 471 13.31 18.44 -39.87
C PRO D 471 13.65 19.88 -39.56
N ARG D 472 14.43 20.17 -38.51
CA ARG D 472 14.79 21.54 -38.16
C ARG D 472 15.89 22.11 -39.06
N ARG D 473 16.44 21.30 -39.99
CA ARG D 473 17.51 21.75 -40.88
C ARG D 473 17.13 21.46 -42.34
N GLU D 474 18.13 21.66 -43.22
CA GLU D 474 17.90 21.73 -44.66
C GLU D 474 17.83 20.34 -45.27
N GLY D 475 18.93 19.59 -45.21
CA GLY D 475 18.97 18.23 -45.75
C GLY D 475 19.40 18.23 -47.19
N12 Q9S E . 6.66 -6.63 -5.50
C26 Q9S E . 8.34 -3.43 5.44
C01 Q9S E . 10.48 -7.35 0.86
C02 Q9S E . 9.93 -6.71 2.13
C04 Q9S E . 9.38 -4.67 0.63
C05 Q9S E . 10.40 -5.32 -0.28
C06 Q9S E . 10.05 -6.73 -0.39
C08 Q9S E . 8.23 -6.54 -1.79
C11 Q9S E . 7.30 -6.45 -4.21
C23 Q9S E . 9.11 -4.46 3.22
N03 Q9S E . 9.47 -5.24 2.06
N09 Q9S E . 8.61 -5.52 -2.55
N10 Q9S E . 8.11 -5.47 -3.83
N24 Q9S E . 9.24 -3.15 3.34
N25 Q9S E . 8.83 -2.59 4.53
N27 Q9S E . 7.84 -3.07 6.74
O07 Q9S E . 8.58 -6.80 -0.48
S22 Q9S E . 7.20 -7.46 -2.82
S37 Q9S E . 8.42 -4.98 4.70
N12 Q9S F . -10.28 -0.44 -2.30
C26 Q9S F . -5.31 9.15 0.99
C01 Q9S F . -10.98 6.78 -0.96
C02 Q9S F . -9.70 7.59 -1.11
C04 Q9S F . -8.44 5.54 -0.28
C05 Q9S F . -9.82 5.04 0.11
C06 Q9S F . -10.76 5.34 -0.96
C08 Q9S F . -10.10 3.58 -2.40
C11 Q9S F . -10.16 1.00 -2.45
C23 Q9S F . -7.29 7.90 -0.04
N03 Q9S F . -8.42 7.07 -0.43
N09 Q9S F . -9.63 2.98 -3.48
N10 Q9S F . -9.67 1.61 -3.52
N24 Q9S F . -6.70 8.81 -0.81
N25 Q9S F . -5.64 9.48 -0.25
N27 Q9S F . -4.24 9.70 1.80
O07 Q9S F . -10.13 4.98 -2.23
S22 Q9S F . -10.59 2.27 -1.39
S37 Q9S F . -6.42 7.92 1.43
#